data_8HX6
#
_entry.id   8HX6
#
_cell.length_a   98.670
_cell.length_b   171.405
_cell.length_c   160.838
_cell.angle_alpha   90.00
_cell.angle_beta   90.00
_cell.angle_gamma   90.00
#
_symmetry.space_group_name_H-M   'C 2 2 21'
#
loop_
_entity.id
_entity.type
_entity.pdbx_description
1 polymer '4-amino-4-deoxychorismate synthase'
2 non-polymer TRYPTOPHAN
3 non-polymer D-MALATE
4 non-polymer 'MAGNESIUM ION'
5 non-polymer 'SUCCINIC ACID'
6 water water
#
_entity_poly.entity_id   1
_entity_poly.type   'polypeptide(L)'
_entity_poly.pdbx_seq_one_letter_code
;MNHKVHHHHHHIEGRHMRTLLIDNYDSFTHNLFQYIGEATGQPPVVVPNDADWSRLPVEDFDAIVVSPGPGSPDRERDFG
ISRRAITDSGLPVLGV(OCS)LGHQGIAQLFGGTVGLAPEPMHGRVSEVRHTGEDVFRGLPSPFTAVRYHSLAATDLPDE
LEPLAWSDDGVVMGLRHREKPLWGVQFHPESIGSDFGREIMANFRDLALAHHRARRHGADSPYELHVRRVDVLPDAEEVR
RGCLPGEGTTFWLDSSSVLEGASRFSFLGDDRGPLAEYLTYRVADGVVSVRGSDGTTTRTRRPFFNYLEEQLERRRVPVA
PELPFEFNLGYVGYLGYELKAETTGDPAHRSPHPDAAFLFADRAIALDHQEGCCYLLALDRRGHDDGARAWLRETAETLT
GLAVRAPAEPTPAMVFGIPEAAAGFGPLARARHDKDAYLKRIDECLKEIRNGESYEICLTNMVTAPTEATALPLYSALRA
ISPVPYGALLEFPELSVLSASPERFLTIGADGGVESKPIKGTRPRGGTAEEDERLRADLAGREKDRAENLMIVDLVRNDL
NSVCAIGSVHVPRLFEVETYAPVHQLVSTIRGRLRPGTSTAACVRAAFPGGSMTGAPKKRTMEIIDRLEEGPRGVYSGAL
GWFALSGAADLSIVIRTIVLADGQAEFGVGGAIVSLSDQEEEFTETVVKARAMVTALDGSAVAGAR
;
_entity_poly.pdbx_strand_id   A,B
#
loop_
_chem_comp.id
_chem_comp.type
_chem_comp.name
_chem_comp.formula
MG non-polymer 'MAGNESIUM ION' 'Mg 2'
MLT non-polymer D-MALATE 'C4 H6 O5'
SIN non-polymer 'SUCCINIC ACID' 'C4 H6 O4'
#
# COMPACT_ATOMS: atom_id res chain seq x y z
N ARG A 15 4.85 -15.18 10.88
CA ARG A 15 5.15 -15.06 9.42
C ARG A 15 4.08 -14.17 8.75
N HIS A 16 4.36 -13.71 7.53
CA HIS A 16 3.39 -12.97 6.66
C HIS A 16 2.60 -13.99 5.84
N MET A 17 1.49 -13.56 5.23
CA MET A 17 0.56 -14.44 4.47
C MET A 17 1.12 -14.64 3.05
N ARG A 18 0.89 -15.83 2.48
CA ARG A 18 1.36 -16.23 1.13
C ARG A 18 0.17 -16.30 0.18
N THR A 19 0.23 -15.59 -0.96
CA THR A 19 -0.86 -15.53 -1.97
C THR A 19 -0.36 -16.07 -3.31
N LEU A 20 -1.10 -17.04 -3.87
CA LEU A 20 -0.86 -17.60 -5.23
C LEU A 20 -1.75 -16.85 -6.23
N LEU A 21 -1.16 -16.26 -7.27
CA LEU A 21 -1.88 -15.58 -8.37
C LEU A 21 -1.80 -16.44 -9.64
N ILE A 22 -2.85 -17.21 -9.93
CA ILE A 22 -2.95 -18.08 -11.13
C ILE A 22 -3.23 -17.19 -12.34
N ASP A 23 -2.33 -17.22 -13.33
CA ASP A 23 -2.41 -16.44 -14.60
C ASP A 23 -3.13 -17.30 -15.65
N ASN A 24 -4.30 -16.84 -16.13
CA ASN A 24 -5.12 -17.52 -17.16
C ASN A 24 -4.81 -16.94 -18.55
N TYR A 25 -3.67 -16.25 -18.69
CA TYR A 25 -3.10 -15.74 -19.98
C TYR A 25 -3.98 -14.61 -20.53
N ASP A 26 -4.51 -13.76 -19.63
CA ASP A 26 -5.19 -12.49 -19.98
C ASP A 26 -4.20 -11.35 -19.69
N SER A 27 -4.51 -10.14 -20.19
CA SER A 27 -3.62 -8.95 -20.11
C SER A 27 -4.01 -8.08 -18.91
N PHE A 28 -4.22 -8.68 -17.74
CA PHE A 28 -4.59 -7.97 -16.48
C PHE A 28 -3.93 -8.59 -15.24
N THR A 29 -3.27 -9.75 -15.38
CA THR A 29 -2.63 -10.50 -14.27
C THR A 29 -1.67 -9.57 -13.48
N HIS A 30 -0.86 -8.78 -14.17
CA HIS A 30 0.20 -7.94 -13.57
C HIS A 30 -0.40 -6.72 -12.85
N ASN A 31 -1.58 -6.26 -13.27
CA ASN A 31 -2.33 -5.19 -12.54
C ASN A 31 -2.80 -5.75 -11.19
N LEU A 32 -3.35 -6.97 -11.18
CA LEU A 32 -3.76 -7.68 -9.93
C LEU A 32 -2.53 -7.87 -9.03
N PHE A 33 -1.37 -8.19 -9.62
CA PHE A 33 -0.07 -8.36 -8.93
C PHE A 33 0.24 -7.10 -8.12
N GLN A 34 0.13 -5.93 -8.76
CA GLN A 34 0.40 -4.60 -8.13
C GLN A 34 -0.54 -4.40 -6.94
N TYR A 35 -1.85 -4.57 -7.17
CA TYR A 35 -2.92 -4.28 -6.18
C TYR A 35 -2.77 -5.20 -4.96
N ILE A 36 -2.52 -6.50 -5.17
CA ILE A 36 -2.24 -7.47 -4.08
C ILE A 36 -1.00 -7.01 -3.30
N GLY A 37 0.07 -6.66 -4.01
CA GLY A 37 1.33 -6.17 -3.42
C GLY A 37 1.11 -4.97 -2.52
N GLU A 38 0.37 -3.97 -3.00
CA GLU A 38 0.09 -2.70 -2.28
C GLU A 38 -0.84 -2.97 -1.09
N ALA A 39 -1.84 -3.84 -1.26
CA ALA A 39 -2.93 -4.11 -0.28
C ALA A 39 -2.43 -5.00 0.85
N THR A 40 -1.57 -5.99 0.56
CA THR A 40 -1.13 -7.04 1.53
C THR A 40 0.32 -6.83 1.95
N GLY A 41 1.07 -5.98 1.25
CA GLY A 41 2.48 -5.64 1.56
C GLY A 41 3.45 -6.75 1.18
N GLN A 42 3.01 -7.70 0.35
CA GLN A 42 3.85 -8.83 -0.14
C GLN A 42 3.36 -9.20 -1.54
N PRO A 43 4.28 -9.38 -2.52
CA PRO A 43 3.86 -9.74 -3.88
C PRO A 43 3.36 -11.17 -3.93
N PRO A 44 2.32 -11.48 -4.74
CA PRO A 44 1.89 -12.87 -4.93
C PRO A 44 2.89 -13.63 -5.82
N VAL A 45 3.03 -14.94 -5.58
CA VAL A 45 3.78 -15.87 -6.48
C VAL A 45 2.89 -16.16 -7.68
N VAL A 46 3.35 -15.82 -8.89
CA VAL A 46 2.59 -16.00 -10.16
C VAL A 46 2.96 -17.36 -10.76
N VAL A 47 1.95 -18.19 -11.06
CA VAL A 47 2.12 -19.52 -11.72
C VAL A 47 1.16 -19.57 -12.92
N PRO A 48 1.59 -20.12 -14.08
CA PRO A 48 0.70 -20.29 -15.22
C PRO A 48 -0.45 -21.27 -14.96
N ASN A 49 -1.53 -21.17 -15.75
CA ASN A 49 -2.75 -22.02 -15.65
C ASN A 49 -2.41 -23.46 -16.06
N ASP A 50 -1.54 -23.64 -17.06
CA ASP A 50 -1.23 -24.96 -17.67
C ASP A 50 -0.08 -25.65 -16.93
N ALA A 51 0.39 -25.07 -15.80
CA ALA A 51 1.44 -25.65 -14.93
C ALA A 51 0.93 -26.94 -14.28
N ASP A 52 1.83 -27.76 -13.75
CA ASP A 52 1.53 -29.08 -13.12
C ASP A 52 1.09 -28.85 -11.67
N TRP A 53 -0.11 -29.34 -11.31
CA TRP A 53 -0.74 -29.13 -9.98
C TRP A 53 0.01 -29.93 -8.90
N SER A 54 0.21 -31.23 -9.14
CA SER A 54 0.90 -32.18 -8.22
C SER A 54 2.29 -31.65 -7.86
N ARG A 55 2.94 -30.93 -8.79
CA ARG A 55 4.30 -30.35 -8.61
C ARG A 55 4.21 -29.13 -7.68
N LEU A 56 3.25 -28.23 -7.90
CA LEU A 56 3.09 -26.96 -7.14
C LEU A 56 3.05 -27.25 -5.65
N PRO A 57 3.85 -26.52 -4.82
CA PRO A 57 3.78 -26.64 -3.36
C PRO A 57 2.63 -25.80 -2.79
N VAL A 58 1.40 -26.31 -2.91
CA VAL A 58 0.14 -25.58 -2.56
C VAL A 58 0.03 -25.47 -1.03
N GLU A 59 0.63 -26.41 -0.30
CA GLU A 59 0.69 -26.44 1.20
C GLU A 59 1.31 -25.14 1.71
N ASP A 60 2.30 -24.59 0.98
CA ASP A 60 3.07 -23.37 1.37
C ASP A 60 2.18 -22.12 1.25
N PHE A 61 1.18 -22.14 0.37
CA PHE A 61 0.30 -20.99 0.04
C PHE A 61 -0.95 -21.00 0.95
N ASP A 62 -1.47 -19.81 1.25
CA ASP A 62 -2.56 -19.59 2.24
C ASP A 62 -3.78 -18.92 1.59
N ALA A 63 -3.72 -18.61 0.28
CA ALA A 63 -4.80 -17.91 -0.46
C ALA A 63 -4.50 -17.95 -1.96
N ILE A 64 -5.53 -18.19 -2.78
CA ILE A 64 -5.46 -18.23 -4.27
C ILE A 64 -6.25 -17.03 -4.82
N VAL A 65 -5.66 -16.28 -5.74
CA VAL A 65 -6.39 -15.30 -6.60
C VAL A 65 -6.41 -15.87 -8.02
N VAL A 66 -7.60 -16.21 -8.52
CA VAL A 66 -7.80 -16.75 -9.90
C VAL A 66 -8.04 -15.55 -10.83
N SER A 67 -7.05 -15.24 -11.67
CA SER A 67 -7.03 -14.05 -12.57
C SER A 67 -8.06 -14.22 -13.68
N PRO A 68 -8.51 -13.12 -14.31
CA PRO A 68 -9.36 -13.19 -15.50
C PRO A 68 -8.63 -13.90 -16.65
N GLY A 69 -9.38 -14.60 -17.49
CA GLY A 69 -8.88 -15.24 -18.73
C GLY A 69 -9.70 -14.79 -19.93
N PRO A 70 -9.26 -15.12 -21.17
CA PRO A 70 -10.09 -14.95 -22.35
C PRO A 70 -11.14 -16.08 -22.40
N GLY A 71 -12.04 -16.03 -23.39
CA GLY A 71 -13.01 -17.10 -23.70
C GLY A 71 -13.87 -17.49 -22.51
N SER A 72 -14.15 -18.78 -22.35
CA SER A 72 -15.11 -19.36 -21.36
C SER A 72 -14.35 -20.17 -20.30
N PRO A 73 -14.92 -20.36 -19.09
CA PRO A 73 -14.36 -21.29 -18.12
C PRO A 73 -14.43 -22.75 -18.61
N GLY A 80 -7.64 -24.96 -16.34
CA GLY A 80 -6.68 -26.02 -15.96
C GLY A 80 -6.50 -26.12 -14.46
N ILE A 81 -5.52 -25.39 -13.91
CA ILE A 81 -5.10 -25.47 -12.48
C ILE A 81 -6.00 -24.59 -11.60
N SER A 82 -6.73 -23.63 -12.18
CA SER A 82 -7.70 -22.76 -11.49
C SER A 82 -8.96 -23.57 -11.11
N ARG A 83 -9.23 -24.66 -11.83
CA ARG A 83 -10.31 -25.64 -11.50
C ARG A 83 -9.95 -26.40 -10.23
N ARG A 84 -8.72 -26.91 -10.15
CA ARG A 84 -8.20 -27.74 -9.02
C ARG A 84 -8.13 -26.87 -7.75
N ALA A 85 -7.73 -25.60 -7.88
CA ALA A 85 -7.62 -24.61 -6.79
C ALA A 85 -8.98 -24.42 -6.11
N ILE A 86 -10.07 -24.47 -6.88
CA ILE A 86 -11.47 -24.24 -6.40
C ILE A 86 -12.00 -25.52 -5.73
N THR A 87 -11.91 -26.67 -6.41
CA THR A 87 -12.56 -27.95 -6.01
C THR A 87 -11.78 -28.63 -4.87
N ASP A 88 -10.47 -28.84 -5.04
CA ASP A 88 -9.64 -29.74 -4.20
C ASP A 88 -8.91 -28.95 -3.10
N SER A 89 -8.13 -27.94 -3.48
CA SER A 89 -7.19 -27.17 -2.61
C SER A 89 -7.74 -27.04 -1.18
N GLY A 90 -8.98 -26.55 -1.05
CA GLY A 90 -9.59 -26.22 0.25
C GLY A 90 -9.07 -24.91 0.81
N LEU A 91 -8.31 -24.15 0.00
CA LEU A 91 -7.72 -22.84 0.38
C LEU A 91 -8.69 -21.73 -0.01
N PRO A 92 -8.67 -20.56 0.69
CA PRO A 92 -9.39 -19.38 0.24
C PRO A 92 -9.06 -19.03 -1.21
N VAL A 93 -10.09 -18.80 -2.05
CA VAL A 93 -9.95 -18.47 -3.49
C VAL A 93 -10.77 -17.21 -3.79
N LEU A 94 -10.19 -16.27 -4.55
CA LEU A 94 -10.89 -15.10 -5.13
C LEU A 94 -10.89 -15.23 -6.65
N GLY A 95 -12.07 -15.48 -7.24
CA GLY A 95 -12.29 -15.50 -8.70
C GLY A 95 -12.58 -14.10 -9.21
N VAL A 96 -11.78 -13.63 -10.18
CA VAL A 96 -11.96 -12.30 -10.83
C VAL A 96 -12.45 -12.53 -12.26
N OCS A 97 -13.75 -12.30 -12.46
CA OCS A 97 -14.40 -12.35 -13.76
CB OCS A 97 -13.70 -11.47 -14.80
SG OCS A 97 -14.86 -10.83 -15.97
C OCS A 97 -14.56 -13.81 -14.21
O OCS A 97 -15.60 -14.40 -13.97
OD1 OCS A 97 -15.60 -11.95 -16.48
OD2 OCS A 97 -15.56 -9.76 -15.32
OD3 OCS A 97 -13.91 -10.27 -17.06
N LEU A 98 -13.54 -14.38 -14.84
CA LEU A 98 -13.65 -15.73 -15.40
C LEU A 98 -13.50 -16.74 -14.27
N GLY A 99 -12.77 -16.38 -13.20
CA GLY A 99 -12.69 -17.15 -11.94
C GLY A 99 -14.03 -17.14 -11.22
N HIS A 100 -14.72 -16.00 -11.20
CA HIS A 100 -16.10 -15.83 -10.65
C HIS A 100 -17.05 -16.77 -11.39
N GLN A 101 -17.04 -16.71 -12.73
CA GLN A 101 -17.86 -17.57 -13.63
C GLN A 101 -17.47 -19.04 -13.40
N GLY A 102 -16.19 -19.31 -13.17
CA GLY A 102 -15.65 -20.65 -12.85
C GLY A 102 -16.29 -21.26 -11.61
N ILE A 103 -16.47 -20.45 -10.55
CA ILE A 103 -17.09 -20.88 -9.26
C ILE A 103 -18.57 -21.17 -9.51
N ALA A 104 -19.26 -20.30 -10.24
CA ALA A 104 -20.70 -20.38 -10.56
C ALA A 104 -21.01 -21.69 -11.31
N GLN A 105 -20.19 -22.05 -12.31
CA GLN A 105 -20.38 -23.23 -13.19
C GLN A 105 -20.08 -24.52 -12.40
N LEU A 106 -18.83 -24.66 -11.93
CA LEU A 106 -18.28 -25.90 -11.30
C LEU A 106 -19.25 -26.40 -10.22
N PHE A 107 -19.87 -25.49 -9.47
CA PHE A 107 -20.95 -25.79 -8.48
C PHE A 107 -22.31 -25.60 -9.16
N GLU A 116 -25.85 -5.03 -22.81
CA GLU A 116 -25.61 -6.33 -22.12
C GLU A 116 -24.11 -6.62 -22.12
N PRO A 117 -23.47 -6.88 -23.29
CA PRO A 117 -22.02 -7.01 -23.35
C PRO A 117 -21.33 -5.67 -23.03
N MET A 118 -20.39 -5.68 -22.08
CA MET A 118 -19.67 -4.47 -21.61
C MET A 118 -18.17 -4.79 -21.43
N HIS A 119 -17.34 -4.15 -22.26
CA HIS A 119 -15.85 -4.22 -22.21
C HIS A 119 -15.31 -2.80 -22.01
N GLY A 120 -14.59 -2.58 -20.89
CA GLY A 120 -13.95 -1.29 -20.55
C GLY A 120 -14.96 -0.19 -20.23
N ARG A 121 -16.18 -0.58 -19.84
CA ARG A 121 -17.30 0.35 -19.52
C ARG A 121 -17.65 0.19 -18.03
N VAL A 122 -18.10 1.28 -17.40
CA VAL A 122 -18.34 1.37 -15.93
C VAL A 122 -19.82 1.07 -15.64
N SER A 123 -20.07 0.35 -14.54
CA SER A 123 -21.41 0.16 -13.91
C SER A 123 -21.33 0.57 -12.44
N GLU A 124 -22.43 1.12 -11.90
CA GLU A 124 -22.63 1.29 -10.44
C GLU A 124 -22.95 -0.07 -9.85
N VAL A 125 -22.17 -0.52 -8.87
CA VAL A 125 -22.29 -1.86 -8.22
C VAL A 125 -22.87 -1.65 -6.82
N ARG A 126 -24.05 -2.22 -6.56
CA ARG A 126 -24.71 -2.21 -5.22
C ARG A 126 -24.54 -3.59 -4.59
N HIS A 127 -24.28 -3.62 -3.27
CA HIS A 127 -23.84 -4.83 -2.52
C HIS A 127 -24.30 -4.74 -1.06
N THR A 128 -24.10 -5.83 -0.30
CA THR A 128 -24.62 -6.05 1.08
C THR A 128 -23.57 -5.66 2.12
N GLY A 129 -22.32 -5.43 1.71
CA GLY A 129 -21.22 -4.96 2.57
C GLY A 129 -20.51 -6.09 3.28
N GLU A 130 -20.68 -7.32 2.79
CA GLU A 130 -20.15 -8.56 3.43
C GLU A 130 -18.90 -9.03 2.68
N ASP A 131 -17.92 -9.56 3.43
CA ASP A 131 -16.72 -10.26 2.93
C ASP A 131 -15.90 -9.31 2.06
N VAL A 132 -15.75 -9.58 0.75
CA VAL A 132 -14.85 -8.83 -0.17
C VAL A 132 -15.37 -7.39 -0.35
N PHE A 133 -16.63 -7.13 -0.01
CA PHE A 133 -17.31 -5.81 -0.21
C PHE A 133 -17.39 -5.00 1.09
N ARG A 134 -16.77 -5.45 2.19
CA ARG A 134 -16.92 -4.78 3.52
C ARG A 134 -16.12 -3.46 3.51
N GLY A 135 -16.72 -2.40 4.06
CA GLY A 135 -16.15 -1.04 4.10
C GLY A 135 -16.46 -0.24 2.84
N LEU A 136 -16.87 -0.89 1.75
CA LEU A 136 -17.11 -0.23 0.44
C LEU A 136 -18.46 0.44 0.47
N PRO A 137 -18.58 1.69 -0.05
CA PRO A 137 -19.89 2.33 -0.19
C PRO A 137 -20.73 1.63 -1.28
N SER A 138 -22.04 1.60 -1.09
CA SER A 138 -23.04 1.11 -2.08
C SER A 138 -23.88 2.30 -2.55
N PRO A 139 -23.82 2.70 -3.84
CA PRO A 139 -23.00 2.04 -4.86
C PRO A 139 -21.51 2.42 -4.85
N PHE A 140 -20.71 1.73 -5.66
CA PHE A 140 -19.31 2.09 -6.04
C PHE A 140 -19.11 1.75 -7.52
N THR A 141 -18.23 2.50 -8.19
CA THR A 141 -17.93 2.37 -9.65
C THR A 141 -16.95 1.21 -9.87
N ALA A 142 -17.22 0.37 -10.87
CA ALA A 142 -16.35 -0.75 -11.29
C ALA A 142 -16.50 -0.93 -12.80
N VAL A 143 -15.42 -1.34 -13.49
CA VAL A 143 -15.46 -1.63 -14.96
C VAL A 143 -15.60 -3.15 -15.13
N ARG A 144 -16.27 -3.56 -16.21
CA ARG A 144 -16.58 -4.98 -16.55
C ARG A 144 -15.92 -5.34 -17.89
N TYR A 145 -15.45 -6.58 -18.01
CA TYR A 145 -14.79 -7.16 -19.21
C TYR A 145 -15.41 -8.52 -19.53
N HIS A 146 -16.72 -8.57 -19.81
CA HIS A 146 -17.45 -9.83 -20.10
C HIS A 146 -18.70 -9.56 -20.92
N SER A 147 -19.18 -10.59 -21.63
CA SER A 147 -20.50 -10.65 -22.31
C SER A 147 -21.38 -11.73 -21.68
N LEU A 148 -20.85 -12.48 -20.69
CA LEU A 148 -21.53 -13.62 -20.03
C LEU A 148 -21.60 -13.36 -18.51
N ALA A 149 -22.74 -13.69 -17.88
CA ALA A 149 -23.00 -13.49 -16.44
C ALA A 149 -23.69 -14.73 -15.84
N ALA A 150 -23.69 -14.83 -14.52
CA ALA A 150 -24.29 -15.94 -13.74
C ALA A 150 -25.80 -15.71 -13.58
N THR A 151 -26.59 -16.25 -14.50
CA THR A 151 -28.07 -16.09 -14.56
C THR A 151 -28.71 -16.96 -13.47
N ASP A 152 -28.71 -18.28 -13.66
CA ASP A 152 -29.23 -19.29 -12.71
C ASP A 152 -28.09 -19.69 -11.76
N LEU A 153 -28.18 -19.27 -10.49
CA LEU A 153 -27.11 -19.47 -9.47
C LEU A 153 -27.43 -20.73 -8.65
N PRO A 154 -26.47 -21.69 -8.54
CA PRO A 154 -26.64 -22.86 -7.67
C PRO A 154 -27.07 -22.50 -6.24
N ASP A 155 -27.71 -23.46 -5.56
CA ASP A 155 -28.35 -23.29 -4.23
C ASP A 155 -27.27 -23.02 -3.17
N GLU A 156 -26.05 -23.53 -3.35
CA GLU A 156 -24.94 -23.44 -2.37
C GLU A 156 -24.09 -22.18 -2.63
N LEU A 157 -24.50 -21.35 -3.60
CA LEU A 157 -23.87 -20.03 -3.89
C LEU A 157 -24.91 -18.92 -3.69
N GLU A 158 -24.56 -17.83 -2.99
CA GLU A 158 -25.45 -16.65 -2.77
C GLU A 158 -24.81 -15.40 -3.36
N PRO A 159 -25.60 -14.54 -4.06
CA PRO A 159 -25.09 -13.28 -4.61
C PRO A 159 -24.89 -12.23 -3.52
N LEU A 160 -23.83 -11.44 -3.62
CA LEU A 160 -23.47 -10.38 -2.64
C LEU A 160 -23.56 -8.98 -3.26
N ALA A 161 -23.69 -8.87 -4.58
CA ALA A 161 -23.58 -7.59 -5.33
C ALA A 161 -24.24 -7.69 -6.71
N TRP A 162 -24.79 -6.59 -7.21
CA TRP A 162 -25.48 -6.47 -8.53
C TRP A 162 -25.09 -5.15 -9.19
N SER A 163 -25.01 -5.15 -10.53
CA SER A 163 -24.79 -3.93 -11.36
C SER A 163 -26.12 -3.19 -11.52
N ASP A 164 -26.08 -1.88 -11.74
CA ASP A 164 -27.27 -1.06 -12.12
C ASP A 164 -27.95 -1.68 -13.34
N ASP A 165 -27.19 -2.41 -14.16
CA ASP A 165 -27.65 -3.17 -15.35
C ASP A 165 -28.54 -4.35 -14.90
N GLY A 166 -28.28 -4.88 -13.70
CA GLY A 166 -29.09 -5.92 -13.05
C GLY A 166 -28.52 -7.31 -13.24
N VAL A 167 -27.20 -7.44 -13.43
CA VAL A 167 -26.48 -8.74 -13.49
C VAL A 167 -25.70 -8.90 -12.17
N VAL A 168 -25.43 -10.14 -11.77
CA VAL A 168 -24.69 -10.49 -10.52
C VAL A 168 -23.24 -10.01 -10.66
N MET A 169 -22.78 -9.16 -9.74
CA MET A 169 -21.41 -8.58 -9.71
C MET A 169 -20.54 -9.29 -8.66
N GLY A 170 -21.17 -9.84 -7.61
CA GLY A 170 -20.47 -10.57 -6.53
C GLY A 170 -21.23 -11.81 -6.10
N LEU A 171 -20.52 -12.90 -5.80
CA LEU A 171 -21.10 -14.14 -5.23
C LEU A 171 -20.13 -14.76 -4.23
N ARG A 172 -20.57 -15.82 -3.55
CA ARG A 172 -19.85 -16.52 -2.46
C ARG A 172 -20.37 -17.97 -2.36
N HIS A 173 -19.56 -18.87 -1.83
CA HIS A 173 -19.96 -20.25 -1.42
C HIS A 173 -20.31 -20.22 0.07
N ARG A 174 -21.44 -20.82 0.46
CA ARG A 174 -22.07 -20.65 1.80
C ARG A 174 -21.28 -21.40 2.88
N GLU A 175 -20.47 -22.38 2.49
CA GLU A 175 -19.60 -23.17 3.41
C GLU A 175 -18.12 -22.89 3.10
N LYS A 176 -17.65 -23.33 1.93
CA LYS A 176 -16.23 -23.21 1.48
C LYS A 176 -15.83 -21.73 1.37
N PRO A 177 -14.57 -21.37 1.67
CA PRO A 177 -14.10 -19.99 1.54
C PRO A 177 -13.76 -19.65 0.07
N LEU A 178 -14.80 -19.48 -0.74
CA LEU A 178 -14.69 -19.15 -2.20
C LEU A 178 -15.48 -17.85 -2.45
N TRP A 179 -14.87 -16.92 -3.18
CA TRP A 179 -15.48 -15.61 -3.53
C TRP A 179 -15.28 -15.32 -5.02
N GLY A 180 -16.28 -14.67 -5.63
CA GLY A 180 -16.25 -14.23 -7.04
C GLY A 180 -16.58 -12.75 -7.15
N VAL A 181 -15.98 -12.07 -8.13
CA VAL A 181 -16.35 -10.69 -8.56
C VAL A 181 -16.44 -10.67 -10.09
N GLN A 182 -17.59 -10.25 -10.64
CA GLN A 182 -17.85 -10.19 -12.10
C GLN A 182 -17.43 -8.82 -12.65
N PHE A 183 -16.35 -8.25 -12.09
CA PHE A 183 -15.76 -6.96 -12.51
C PHE A 183 -14.26 -7.02 -12.21
N HIS A 184 -13.48 -6.13 -12.81
CA HIS A 184 -12.02 -5.98 -12.58
C HIS A 184 -11.79 -4.96 -11.48
N PRO A 185 -11.45 -5.38 -10.24
CA PRO A 185 -11.17 -4.43 -9.16
C PRO A 185 -9.93 -3.58 -9.46
N GLU A 186 -9.00 -4.14 -10.23
CA GLU A 186 -7.66 -3.57 -10.53
C GLU A 186 -7.72 -2.63 -11.75
N SER A 187 -8.86 -2.57 -12.45
CA SER A 187 -9.07 -1.65 -13.61
C SER A 187 -8.93 -0.20 -13.13
N ILE A 188 -8.35 0.66 -13.96
CA ILE A 188 -8.14 2.11 -13.68
C ILE A 188 -9.50 2.80 -13.44
N GLY A 189 -10.56 2.33 -14.11
CA GLY A 189 -11.93 2.89 -14.00
C GLY A 189 -12.68 2.38 -12.78
N SER A 190 -12.10 1.45 -12.02
CA SER A 190 -12.69 0.86 -10.78
C SER A 190 -12.20 1.61 -9.54
N ASP A 191 -13.05 1.69 -8.51
CA ASP A 191 -12.70 2.26 -7.17
C ASP A 191 -12.62 1.12 -6.15
N PHE A 192 -11.79 1.30 -5.12
CA PHE A 192 -11.68 0.44 -3.91
C PHE A 192 -11.16 -0.96 -4.30
N GLY A 193 -10.36 -1.04 -5.37
CA GLY A 193 -9.68 -2.27 -5.82
C GLY A 193 -8.78 -2.83 -4.73
N ARG A 194 -7.90 -2.00 -4.18
CA ARG A 194 -6.94 -2.37 -3.10
C ARG A 194 -7.71 -2.86 -1.87
N GLU A 195 -8.82 -2.19 -1.52
CA GLU A 195 -9.68 -2.54 -0.36
C GLU A 195 -10.26 -3.96 -0.56
N ILE A 196 -10.79 -4.26 -1.74
CA ILE A 196 -11.35 -5.60 -2.09
C ILE A 196 -10.26 -6.66 -1.88
N MET A 197 -9.02 -6.39 -2.29
CA MET A 197 -7.88 -7.35 -2.16
C MET A 197 -7.49 -7.48 -0.69
N ALA A 198 -7.50 -6.38 0.08
CA ALA A 198 -7.24 -6.37 1.54
C ALA A 198 -8.34 -7.17 2.26
N ASN A 199 -9.58 -7.07 1.79
CA ASN A 199 -10.74 -7.80 2.37
C ASN A 199 -10.58 -9.30 2.17
N PHE A 200 -10.15 -9.74 0.98
CA PHE A 200 -9.90 -11.17 0.66
C PHE A 200 -8.77 -11.71 1.54
N ARG A 201 -7.69 -10.94 1.67
CA ARG A 201 -6.54 -11.27 2.56
C ARG A 201 -7.07 -11.49 3.99
N ASP A 202 -7.94 -10.59 4.47
CA ASP A 202 -8.55 -10.63 5.83
C ASP A 202 -9.39 -11.91 5.99
N LEU A 203 -10.19 -12.25 4.98
CA LEU A 203 -11.06 -13.45 4.96
C LEU A 203 -10.21 -14.73 5.05
N ALA A 204 -9.06 -14.75 4.37
CA ALA A 204 -8.14 -15.91 4.30
C ALA A 204 -7.45 -16.12 5.66
N LEU A 205 -7.01 -15.03 6.32
CA LEU A 205 -6.39 -15.09 7.68
C LEU A 205 -7.36 -15.75 8.67
N ALA A 206 -8.62 -15.30 8.68
CA ALA A 206 -9.70 -15.77 9.58
C ALA A 206 -10.05 -17.24 9.27
N HIS A 207 -9.96 -17.67 8.01
CA HIS A 207 -10.24 -19.07 7.59
C HIS A 207 -9.16 -20.01 8.14
N HIS A 208 -7.89 -19.61 8.07
CA HIS A 208 -6.72 -20.40 8.55
C HIS A 208 -6.64 -20.37 10.07
N ARG A 209 -7.17 -19.33 10.71
CA ARG A 209 -7.26 -19.21 12.19
C ARG A 209 -8.37 -20.11 12.72
N ALA A 210 -9.36 -20.42 11.88
CA ALA A 210 -10.52 -21.28 12.21
C ALA A 210 -10.26 -22.74 11.84
N ARG A 211 -9.18 -23.02 11.08
CA ARG A 211 -8.78 -24.37 10.62
C ARG A 211 -7.89 -25.04 11.69
N ARG A 212 -7.16 -24.23 12.47
CA ARG A 212 -6.30 -24.68 13.61
C ARG A 212 -7.10 -25.63 14.52
N HIS A 213 -8.37 -25.31 14.76
CA HIS A 213 -9.33 -26.14 15.56
C HIS A 213 -9.82 -27.30 14.69
N GLY A 214 -9.86 -28.51 15.26
CA GLY A 214 -10.38 -29.73 14.61
C GLY A 214 -11.25 -30.54 15.56
N ALA A 215 -10.98 -31.84 15.68
CA ALA A 215 -11.58 -32.75 16.69
C ALA A 215 -10.54 -33.02 17.79
N ASP A 216 -9.81 -31.98 18.21
CA ASP A 216 -8.63 -32.03 19.11
C ASP A 216 -9.01 -31.52 20.51
N SER A 217 -10.26 -31.08 20.69
CA SER A 217 -10.77 -30.43 21.93
C SER A 217 -10.85 -31.45 23.06
N PRO A 218 -10.18 -31.22 24.22
CA PRO A 218 -10.25 -32.15 25.35
C PRO A 218 -11.48 -31.93 26.25
N TYR A 219 -12.40 -31.05 25.85
CA TYR A 219 -13.64 -30.68 26.59
C TYR A 219 -14.85 -30.72 25.64
N GLU A 220 -16.04 -30.97 26.22
CA GLU A 220 -17.36 -30.78 25.56
C GLU A 220 -18.07 -29.61 26.24
N LEU A 221 -18.40 -28.56 25.47
CA LEU A 221 -19.06 -27.33 25.97
C LEU A 221 -20.58 -27.49 25.87
N HIS A 222 -21.26 -27.53 27.02
CA HIS A 222 -22.75 -27.55 27.13
C HIS A 222 -23.26 -26.13 27.38
N VAL A 223 -24.27 -25.72 26.60
CA VAL A 223 -24.89 -24.36 26.63
C VAL A 223 -26.37 -24.51 26.98
N ARG A 224 -26.91 -23.56 27.75
CA ARG A 224 -28.34 -23.50 28.13
C ARG A 224 -28.77 -22.03 28.27
N ARG A 225 -29.70 -21.58 27.42
CA ARG A 225 -30.30 -20.22 27.50
C ARG A 225 -31.46 -20.25 28.49
N VAL A 226 -31.49 -19.29 29.43
CA VAL A 226 -32.60 -19.08 30.40
C VAL A 226 -33.28 -17.75 30.06
N ASP A 227 -34.61 -17.76 29.88
CA ASP A 227 -35.40 -16.63 29.35
C ASP A 227 -35.75 -15.65 30.49
N VAL A 228 -34.79 -15.36 31.38
CA VAL A 228 -34.92 -14.36 32.49
C VAL A 228 -33.62 -13.57 32.58
N LEU A 229 -33.71 -12.28 32.90
CA LEU A 229 -32.54 -11.42 33.22
C LEU A 229 -32.71 -10.87 34.64
N PRO A 230 -32.23 -11.59 35.67
CA PRO A 230 -32.20 -11.04 37.02
C PRO A 230 -31.09 -9.99 37.13
N ASP A 231 -31.20 -9.09 38.12
CA ASP A 231 -30.17 -8.07 38.46
C ASP A 231 -28.84 -8.79 38.67
N ALA A 232 -27.77 -8.31 38.03
CA ALA A 232 -26.41 -8.91 38.06
C ALA A 232 -25.93 -9.08 39.50
N GLU A 233 -26.23 -8.13 40.38
CA GLU A 233 -25.80 -8.16 41.80
C GLU A 233 -26.55 -9.28 42.54
N GLU A 234 -27.81 -9.56 42.16
CA GLU A 234 -28.61 -10.68 42.73
C GLU A 234 -27.99 -12.01 42.31
N VAL A 235 -27.49 -12.10 41.07
CA VAL A 235 -26.81 -13.31 40.52
C VAL A 235 -25.54 -13.58 41.34
N ARG A 236 -24.72 -12.54 41.56
CA ARG A 236 -23.47 -12.62 42.37
C ARG A 236 -23.80 -13.12 43.77
N ARG A 237 -24.70 -12.44 44.48
CA ARG A 237 -25.09 -12.76 45.88
C ARG A 237 -25.85 -14.10 45.94
N GLY A 238 -26.72 -14.36 44.96
CA GLY A 238 -27.67 -15.49 44.95
C GLY A 238 -27.04 -16.80 44.48
N CYS A 239 -26.19 -16.78 43.46
CA CYS A 239 -25.66 -17.99 42.76
C CYS A 239 -24.23 -18.33 43.22
N LEU A 240 -23.36 -17.33 43.42
CA LEU A 240 -21.93 -17.55 43.76
C LEU A 240 -21.80 -17.70 45.27
N PRO A 241 -20.75 -18.41 45.77
CA PRO A 241 -20.69 -18.86 47.16
C PRO A 241 -20.86 -17.76 48.21
N GLY A 242 -20.14 -16.65 48.05
CA GLY A 242 -19.97 -15.60 49.09
C GLY A 242 -18.56 -15.66 49.68
N GLU A 243 -18.08 -16.86 49.98
CA GLU A 243 -16.68 -17.13 50.43
C GLU A 243 -16.05 -18.15 49.48
N GLY A 244 -14.83 -17.86 49.01
CA GLY A 244 -14.11 -18.64 47.98
C GLY A 244 -13.78 -17.79 46.78
N THR A 245 -13.05 -18.35 45.82
CA THR A 245 -12.58 -17.66 44.59
C THR A 245 -13.75 -17.47 43.62
N THR A 246 -14.10 -16.21 43.32
CA THR A 246 -15.21 -15.84 42.40
C THR A 246 -14.76 -14.71 41.46
N PHE A 247 -15.39 -14.63 40.28
CA PHE A 247 -15.23 -13.51 39.32
C PHE A 247 -16.62 -12.97 38.94
N TRP A 248 -16.68 -11.66 38.72
CA TRP A 248 -17.85 -10.91 38.22
C TRP A 248 -17.35 -9.85 37.24
N LEU A 249 -17.44 -10.12 35.94
CA LEU A 249 -17.18 -9.13 34.87
C LEU A 249 -18.49 -8.37 34.63
N ASP A 250 -18.49 -7.09 35.00
CA ASP A 250 -19.70 -6.31 35.35
C ASP A 250 -19.83 -5.14 34.37
N SER A 251 -20.75 -5.28 33.39
CA SER A 251 -21.19 -4.18 32.52
C SER A 251 -22.24 -3.36 33.29
N SER A 252 -21.78 -2.58 34.27
CA SER A 252 -22.62 -1.75 35.18
C SER A 252 -23.25 -0.61 34.38
N SER A 253 -22.57 -0.16 33.32
CA SER A 253 -23.10 0.70 32.24
C SER A 253 -23.34 -0.17 31.00
N VAL A 254 -24.58 -0.24 30.52
CA VAL A 254 -24.99 -0.97 29.29
C VAL A 254 -25.41 0.07 28.24
N LEU A 255 -24.69 0.13 27.11
CA LEU A 255 -24.98 1.03 25.98
C LEU A 255 -24.70 0.28 24.67
N GLU A 256 -25.69 0.25 23.76
CA GLU A 256 -25.62 -0.42 22.44
C GLU A 256 -24.31 -0.06 21.76
N GLY A 257 -23.47 -1.06 21.47
CA GLY A 257 -22.18 -0.91 20.76
C GLY A 257 -20.99 -0.88 21.69
N ALA A 258 -21.16 -0.44 22.94
CA ALA A 258 -20.08 -0.22 23.94
C ALA A 258 -19.95 -1.43 24.88
N SER A 259 -21.07 -1.87 25.44
CA SER A 259 -21.17 -3.01 26.39
C SER A 259 -22.53 -3.69 26.25
N ARG A 260 -22.62 -4.98 26.56
CA ARG A 260 -23.85 -5.79 26.36
C ARG A 260 -23.95 -6.94 27.38
N PHE A 261 -22.83 -7.50 27.82
CA PHE A 261 -22.77 -8.79 28.56
C PHE A 261 -22.12 -8.61 29.94
N SER A 262 -22.54 -9.44 30.90
CA SER A 262 -21.87 -9.66 32.21
C SER A 262 -21.56 -11.15 32.38
N PHE A 263 -20.46 -11.47 33.05
CA PHE A 263 -19.95 -12.86 33.25
C PHE A 263 -19.63 -13.07 34.74
N LEU A 264 -20.09 -14.19 35.28
CA LEU A 264 -19.93 -14.57 36.72
C LEU A 264 -19.65 -16.06 36.83
N GLY A 265 -18.86 -16.46 37.84
CA GLY A 265 -18.51 -17.87 38.11
C GLY A 265 -17.66 -18.01 39.36
N ASP A 266 -17.38 -19.26 39.76
CA ASP A 266 -16.65 -19.62 40.99
C ASP A 266 -15.71 -20.79 40.69
N ASP A 267 -14.95 -21.25 41.70
CA ASP A 267 -13.90 -22.29 41.58
C ASP A 267 -14.39 -23.64 42.12
N ARG A 268 -15.71 -23.82 42.26
CA ARG A 268 -16.33 -25.02 42.90
C ARG A 268 -16.50 -26.16 41.90
N GLY A 269 -16.43 -25.87 40.59
CA GLY A 269 -16.53 -26.85 39.50
C GLY A 269 -15.40 -27.88 39.57
N PRO A 270 -15.60 -29.11 39.03
CA PRO A 270 -14.60 -30.17 39.11
C PRO A 270 -13.35 -29.93 38.24
N LEU A 271 -13.47 -29.15 37.16
CA LEU A 271 -12.38 -28.91 36.17
C LEU A 271 -11.78 -27.51 36.33
N ALA A 272 -12.25 -26.72 37.30
CA ALA A 272 -11.80 -25.33 37.56
C ALA A 272 -10.44 -25.34 38.24
N GLU A 273 -9.61 -24.32 37.95
CA GLU A 273 -8.24 -24.15 38.51
C GLU A 273 -8.01 -22.67 38.83
N TYR A 274 -7.10 -22.38 39.77
CA TYR A 274 -6.64 -21.01 40.11
C TYR A 274 -5.12 -20.91 39.90
N LEU A 275 -4.68 -19.96 39.08
CA LEU A 275 -3.27 -19.78 38.63
C LEU A 275 -2.74 -18.44 39.17
N THR A 276 -1.55 -18.45 39.77
CA THR A 276 -0.81 -17.24 40.20
C THR A 276 0.59 -17.27 39.59
N TYR A 277 1.27 -16.11 39.57
CA TYR A 277 2.65 -15.95 39.03
C TYR A 277 3.41 -14.91 39.85
N ARG A 278 4.69 -15.18 40.15
CA ARG A 278 5.66 -14.22 40.74
C ARG A 278 6.80 -14.03 39.73
N VAL A 279 7.13 -12.78 39.39
CA VAL A 279 8.24 -12.44 38.44
C VAL A 279 9.58 -12.76 39.12
N ALA A 280 9.75 -12.33 40.37
CA ALA A 280 10.95 -12.54 41.22
C ALA A 280 11.43 -13.99 41.10
N ASP A 281 10.51 -14.94 41.31
CA ASP A 281 10.76 -16.41 41.20
C ASP A 281 10.75 -16.80 39.71
N GLY A 282 9.76 -16.30 38.97
CA GLY A 282 9.45 -16.71 37.60
C GLY A 282 8.79 -18.09 37.57
N VAL A 283 7.88 -18.35 38.52
CA VAL A 283 7.20 -19.67 38.70
C VAL A 283 5.68 -19.49 38.53
N VAL A 284 5.04 -20.41 37.80
CA VAL A 284 3.55 -20.50 37.64
C VAL A 284 3.03 -21.49 38.69
N SER A 285 2.36 -20.99 39.73
CA SER A 285 1.64 -21.79 40.77
C SER A 285 0.21 -22.06 40.30
N VAL A 286 -0.18 -23.34 40.19
CA VAL A 286 -1.50 -23.80 39.67
C VAL A 286 -2.17 -24.69 40.73
N ARG A 287 -3.37 -24.31 41.18
CA ARG A 287 -4.20 -25.07 42.15
C ARG A 287 -5.40 -25.67 41.42
N GLY A 288 -5.45 -27.00 41.29
CA GLY A 288 -6.54 -27.73 40.60
C GLY A 288 -7.70 -28.00 41.54
N SER A 289 -8.53 -29.00 41.21
CA SER A 289 -9.56 -29.59 42.11
C SER A 289 -8.96 -30.78 42.87
N ASP A 290 -7.62 -30.93 42.80
CA ASP A 290 -6.83 -31.84 43.66
C ASP A 290 -6.57 -31.14 45.00
N GLY A 291 -6.26 -29.84 44.94
CA GLY A 291 -5.81 -29.01 46.09
C GLY A 291 -4.33 -28.71 46.00
N THR A 292 -3.63 -29.35 45.05
CA THR A 292 -2.15 -29.31 44.86
C THR A 292 -1.75 -28.03 44.13
N THR A 293 -0.75 -27.31 44.66
CA THR A 293 -0.08 -26.16 44.01
C THR A 293 1.15 -26.67 43.25
N THR A 294 1.11 -26.60 41.92
CA THR A 294 2.20 -27.01 40.98
C THR A 294 3.07 -25.79 40.66
N ARG A 295 4.39 -25.89 40.88
CA ARG A 295 5.36 -24.80 40.61
C ARG A 295 6.13 -25.10 39.31
N THR A 296 5.93 -24.29 38.27
CA THR A 296 6.66 -24.34 36.97
C THR A 296 7.51 -23.07 36.82
N ARG A 297 8.83 -23.24 36.71
CA ARG A 297 9.84 -22.12 36.64
C ARG A 297 9.95 -21.66 35.18
N ARG A 298 9.03 -20.80 34.74
CA ARG A 298 8.87 -20.39 33.30
C ARG A 298 8.18 -19.03 33.22
N PRO A 299 7.98 -18.44 32.01
CA PRO A 299 7.24 -17.19 31.85
C PRO A 299 5.74 -17.40 31.60
N PHE A 300 4.91 -16.49 32.13
CA PHE A 300 3.43 -16.61 32.20
C PHE A 300 2.79 -16.60 30.81
N PHE A 301 3.18 -15.66 29.95
CA PHE A 301 2.56 -15.45 28.61
C PHE A 301 2.72 -16.72 27.76
N ASN A 302 3.89 -17.36 27.82
CA ASN A 302 4.17 -18.64 27.11
C ASN A 302 3.34 -19.77 27.74
N TYR A 303 3.29 -19.81 29.08
CA TYR A 303 2.44 -20.77 29.83
C TYR A 303 0.99 -20.66 29.33
N LEU A 304 0.49 -19.43 29.22
CA LEU A 304 -0.91 -19.12 28.84
C LEU A 304 -1.16 -19.51 27.38
N GLU A 305 -0.23 -19.13 26.48
CA GLU A 305 -0.27 -19.48 25.03
C GLU A 305 -0.39 -21.00 24.88
N GLU A 306 0.42 -21.75 25.64
CA GLU A 306 0.52 -23.24 25.60
C GLU A 306 -0.80 -23.85 26.06
N GLN A 307 -1.30 -23.41 27.22
CA GLN A 307 -2.57 -23.92 27.83
C GLN A 307 -3.73 -23.60 26.89
N LEU A 308 -3.78 -22.38 26.34
CA LEU A 308 -4.85 -21.92 25.43
C LEU A 308 -4.86 -22.74 24.13
N GLU A 309 -3.69 -23.14 23.63
CA GLU A 309 -3.55 -24.00 22.42
C GLU A 309 -4.01 -25.42 22.77
N ARG A 310 -3.57 -25.96 23.90
CA ARG A 310 -3.87 -27.35 24.34
C ARG A 310 -5.37 -27.46 24.67
N ARG A 311 -5.94 -26.45 25.32
CA ARG A 311 -7.34 -26.46 25.83
C ARG A 311 -8.30 -25.81 24.81
N ARG A 312 -7.88 -25.68 23.54
CA ARG A 312 -8.69 -25.04 22.47
C ARG A 312 -10.07 -25.73 22.38
N VAL A 313 -11.13 -24.92 22.35
CA VAL A 313 -12.54 -25.36 22.15
C VAL A 313 -13.20 -24.37 21.18
N PRO A 314 -13.90 -24.84 20.12
CA PRO A 314 -14.49 -23.94 19.13
C PRO A 314 -15.67 -23.15 19.69
N VAL A 315 -15.88 -21.93 19.19
CA VAL A 315 -17.01 -21.05 19.59
C VAL A 315 -18.34 -21.73 19.21
N ALA A 316 -19.39 -21.49 20.00
CA ALA A 316 -20.77 -21.99 19.77
C ALA A 316 -21.51 -21.00 18.88
N PRO A 317 -22.25 -21.48 17.84
CA PRO A 317 -23.01 -20.58 16.97
C PRO A 317 -24.26 -19.99 17.66
N GLU A 318 -24.76 -20.67 18.69
CA GLU A 318 -25.97 -20.29 19.47
C GLU A 318 -25.66 -19.08 20.37
N LEU A 319 -24.39 -18.85 20.71
CA LEU A 319 -23.94 -17.76 21.64
C LEU A 319 -23.71 -16.47 20.86
N PRO A 320 -24.27 -15.32 21.32
CA PRO A 320 -24.01 -14.02 20.69
C PRO A 320 -22.73 -13.34 21.19
N PHE A 321 -21.91 -14.06 21.97
CA PHE A 321 -20.57 -13.63 22.48
C PHE A 321 -19.58 -14.77 22.23
N GLU A 322 -18.28 -14.49 22.34
CA GLU A 322 -17.20 -15.44 21.96
C GLU A 322 -16.46 -15.96 23.20
N PHE A 323 -16.76 -15.46 24.41
CA PHE A 323 -16.32 -16.09 25.67
C PHE A 323 -17.07 -17.41 25.85
N ASN A 324 -16.45 -18.51 25.39
CA ASN A 324 -16.96 -19.90 25.55
C ASN A 324 -16.16 -20.56 26.68
N LEU A 325 -16.06 -19.87 27.82
CA LEU A 325 -15.28 -20.25 29.03
C LEU A 325 -13.78 -20.14 28.72
N GLY A 326 -12.94 -20.34 29.74
CA GLY A 326 -11.49 -20.11 29.68
C GLY A 326 -10.98 -19.41 30.93
N TYR A 327 -9.98 -18.53 30.77
CA TYR A 327 -9.26 -17.85 31.87
C TYR A 327 -9.88 -16.47 32.11
N VAL A 328 -10.22 -16.17 33.37
CA VAL A 328 -10.74 -14.86 33.85
C VAL A 328 -9.81 -14.37 34.97
N GLY A 329 -9.27 -13.16 34.85
CA GLY A 329 -8.38 -12.57 35.87
C GLY A 329 -7.61 -11.38 35.32
N TYR A 330 -6.42 -11.11 35.88
CA TYR A 330 -5.62 -9.90 35.58
C TYR A 330 -4.17 -10.25 35.28
N LEU A 331 -3.54 -9.41 34.45
CA LEU A 331 -2.08 -9.38 34.19
C LEU A 331 -1.53 -8.11 34.84
N GLY A 332 -0.67 -8.25 35.86
CA GLY A 332 -0.07 -7.12 36.59
C GLY A 332 0.96 -6.38 35.76
N TYR A 333 1.19 -5.11 36.07
CA TYR A 333 2.13 -4.20 35.35
C TYR A 333 3.54 -4.84 35.28
N GLU A 334 3.98 -5.45 36.39
CA GLU A 334 5.37 -5.95 36.58
C GLU A 334 5.68 -7.12 35.63
N LEU A 335 4.68 -7.69 34.96
CA LEU A 335 4.88 -8.69 33.88
C LEU A 335 5.66 -8.09 32.70
N LYS A 336 5.85 -6.77 32.70
CA LYS A 336 6.67 -6.02 31.70
C LYS A 336 8.05 -6.68 31.57
N ALA A 337 8.55 -7.28 32.66
CA ALA A 337 9.84 -8.03 32.73
C ALA A 337 9.91 -9.12 31.65
N GLU A 338 8.77 -9.64 31.19
CA GLU A 338 8.65 -10.69 30.15
C GLU A 338 8.36 -10.08 28.77
N THR A 339 8.08 -8.77 28.70
CA THR A 339 7.78 -8.04 27.43
C THR A 339 9.01 -7.22 27.04
N THR A 340 8.98 -5.90 27.23
CA THR A 340 10.03 -4.95 26.78
C THR A 340 10.63 -4.19 27.98
N GLY A 341 10.22 -4.54 29.22
CA GLY A 341 10.58 -3.82 30.45
C GLY A 341 11.56 -4.60 31.30
N ASP A 342 11.96 -4.03 32.45
CA ASP A 342 12.91 -4.63 33.42
C ASP A 342 12.16 -5.06 34.68
N PRO A 343 12.59 -6.15 35.36
CA PRO A 343 12.07 -6.48 36.68
C PRO A 343 12.73 -5.59 37.74
N ALA A 344 12.29 -4.33 37.82
CA ALA A 344 12.87 -3.27 38.69
C ALA A 344 12.24 -3.31 40.08
N HIS A 345 10.93 -3.58 40.17
CA HIS A 345 10.16 -3.57 41.44
C HIS A 345 9.36 -4.87 41.59
N ARG A 346 9.24 -5.34 42.85
CA ARG A 346 8.45 -6.53 43.26
C ARG A 346 7.06 -6.05 43.67
N SER A 347 6.00 -6.62 43.09
CA SER A 347 4.60 -6.44 43.55
C SER A 347 4.37 -7.26 44.81
N PRO A 348 3.59 -6.75 45.80
CA PRO A 348 3.19 -7.56 46.94
C PRO A 348 2.05 -8.54 46.59
N HIS A 349 1.38 -8.31 45.46
CA HIS A 349 0.28 -9.16 44.92
C HIS A 349 0.84 -10.04 43.80
N PRO A 350 0.14 -11.16 43.44
CA PRO A 350 0.52 -11.93 42.26
C PRO A 350 0.62 -11.06 41.01
N ASP A 351 1.67 -11.28 40.20
CA ASP A 351 1.93 -10.52 38.95
C ASP A 351 0.95 -11.00 37.87
N ALA A 352 0.40 -12.20 38.03
CA ALA A 352 -0.74 -12.74 37.25
C ALA A 352 -1.62 -13.58 38.19
N ALA A 353 -2.94 -13.47 38.04
CA ALA A 353 -3.96 -14.24 38.79
C ALA A 353 -5.16 -14.48 37.89
N PHE A 354 -5.51 -15.75 37.66
CA PHE A 354 -6.59 -16.19 36.75
C PHE A 354 -7.31 -17.41 37.36
N LEU A 355 -8.64 -17.37 37.34
CA LEU A 355 -9.51 -18.56 37.50
C LEU A 355 -9.69 -19.17 36.10
N PHE A 356 -9.38 -20.45 35.92
CA PHE A 356 -9.85 -21.25 34.77
C PHE A 356 -11.31 -21.62 35.04
N ALA A 357 -12.24 -20.92 34.40
CA ALA A 357 -13.70 -21.06 34.60
C ALA A 357 -14.20 -22.25 33.77
N ASP A 358 -14.50 -23.38 34.43
CA ASP A 358 -15.09 -24.59 33.79
C ASP A 358 -16.61 -24.41 33.70
N ARG A 359 -17.18 -23.50 34.52
CA ARG A 359 -18.63 -23.19 34.56
C ARG A 359 -18.80 -21.69 34.84
N ALA A 360 -19.72 -21.02 34.13
CA ALA A 360 -19.97 -19.57 34.22
C ALA A 360 -21.41 -19.22 33.85
N ILE A 361 -21.87 -18.05 34.30
CA ILE A 361 -23.22 -17.45 34.02
C ILE A 361 -23.00 -16.18 33.20
N ALA A 362 -23.62 -16.10 32.01
CA ALA A 362 -23.54 -14.95 31.09
C ALA A 362 -24.89 -14.26 31.02
N LEU A 363 -24.94 -12.97 31.37
CA LEU A 363 -26.16 -12.11 31.28
C LEU A 363 -26.10 -11.33 29.96
N ASP A 364 -27.16 -11.43 29.14
CA ASP A 364 -27.33 -10.64 27.90
C ASP A 364 -28.27 -9.46 28.21
N HIS A 365 -27.69 -8.29 28.51
CA HIS A 365 -28.43 -7.07 28.96
C HIS A 365 -29.28 -6.48 27.83
N GLN A 366 -28.92 -6.76 26.56
CA GLN A 366 -29.67 -6.24 25.38
C GLN A 366 -30.95 -7.05 25.18
N GLU A 367 -30.84 -8.39 25.10
CA GLU A 367 -31.96 -9.30 24.74
C GLU A 367 -32.74 -9.75 25.99
N GLY A 368 -32.18 -9.55 27.18
CA GLY A 368 -32.86 -9.85 28.46
C GLY A 368 -33.01 -11.34 28.69
N CYS A 369 -31.91 -12.08 28.57
CA CYS A 369 -31.82 -13.53 28.86
C CYS A 369 -30.44 -13.87 29.44
N CYS A 370 -30.24 -15.12 29.86
CA CYS A 370 -28.97 -15.64 30.42
C CYS A 370 -28.50 -16.82 29.59
N TYR A 371 -27.18 -17.09 29.62
CA TYR A 371 -26.55 -18.32 29.06
C TYR A 371 -25.73 -18.97 30.17
N LEU A 372 -25.90 -20.29 30.34
CA LEU A 372 -25.12 -21.12 31.29
C LEU A 372 -24.12 -21.97 30.49
N LEU A 373 -22.84 -21.81 30.77
CA LEU A 373 -21.72 -22.54 30.13
C LEU A 373 -21.08 -23.48 31.15
N ALA A 374 -20.92 -24.76 30.81
CA ALA A 374 -20.31 -25.80 31.66
C ALA A 374 -19.43 -26.72 30.81
N LEU A 375 -18.23 -27.02 31.29
CA LEU A 375 -17.25 -27.94 30.64
C LEU A 375 -17.40 -29.34 31.22
N ASP A 376 -17.60 -30.33 30.34
CA ASP A 376 -17.35 -31.77 30.60
C ASP A 376 -16.11 -32.18 29.81
N ARG A 377 -15.22 -32.98 30.40
CA ARG A 377 -14.13 -33.68 29.66
C ARG A 377 -14.79 -34.54 28.58
N ARG A 378 -14.28 -34.46 27.34
CA ARG A 378 -14.95 -34.96 26.11
C ARG A 378 -15.49 -36.39 26.32
N GLY A 379 -14.85 -37.19 27.18
CA GLY A 379 -15.24 -38.59 27.46
C GLY A 379 -16.19 -38.73 28.65
N HIS A 380 -16.01 -37.90 29.69
CA HIS A 380 -16.64 -38.07 31.02
C HIS A 380 -17.92 -37.23 31.14
N ASP A 381 -18.68 -37.45 32.22
CA ASP A 381 -19.84 -36.62 32.66
C ASP A 381 -19.56 -36.14 34.09
N ASP A 382 -18.97 -34.96 34.24
CA ASP A 382 -18.56 -34.36 35.54
C ASP A 382 -19.64 -33.39 36.03
N GLY A 383 -20.92 -33.79 35.93
CA GLY A 383 -22.08 -33.04 36.45
C GLY A 383 -22.23 -31.65 35.86
N ALA A 384 -21.81 -31.47 34.60
CA ALA A 384 -21.95 -30.19 33.84
C ALA A 384 -23.40 -30.02 33.41
N ARG A 385 -24.04 -31.09 32.93
CA ARG A 385 -25.46 -31.13 32.49
C ARG A 385 -26.36 -30.89 33.71
N ALA A 386 -25.93 -31.35 34.88
CA ALA A 386 -26.63 -31.21 36.18
C ALA A 386 -26.50 -29.77 36.71
N TRP A 387 -25.35 -29.13 36.50
CA TRP A 387 -25.08 -27.73 36.95
C TRP A 387 -25.95 -26.75 36.15
N LEU A 388 -26.11 -26.98 34.84
CA LEU A 388 -27.00 -26.19 33.94
C LEU A 388 -28.44 -26.23 34.48
N ARG A 389 -28.87 -27.41 34.95
CA ARG A 389 -30.26 -27.66 35.43
C ARG A 389 -30.48 -26.96 36.77
N GLU A 390 -29.54 -27.11 37.71
CA GLU A 390 -29.63 -26.57 39.10
C GLU A 390 -29.59 -25.04 39.06
N THR A 391 -28.59 -24.45 38.41
CA THR A 391 -28.34 -22.98 38.40
C THR A 391 -29.40 -22.27 37.56
N ALA A 392 -30.03 -22.96 36.60
CA ALA A 392 -31.17 -22.43 35.80
C ALA A 392 -32.39 -22.22 36.71
N GLU A 393 -32.65 -23.16 37.63
CA GLU A 393 -33.75 -23.07 38.62
C GLU A 393 -33.47 -21.90 39.59
N THR A 394 -32.25 -21.82 40.11
CA THR A 394 -31.78 -20.73 41.02
C THR A 394 -32.04 -19.37 40.36
N LEU A 395 -31.60 -19.20 39.11
CA LEU A 395 -31.63 -17.89 38.37
C LEU A 395 -33.05 -17.38 38.20
N THR A 396 -34.02 -18.25 37.89
CA THR A 396 -35.45 -17.87 37.69
C THR A 396 -36.04 -17.36 39.01
N GLY A 397 -35.51 -17.82 40.15
CA GLY A 397 -35.91 -17.40 41.50
C GLY A 397 -35.40 -16.00 41.85
N LEU A 398 -34.38 -15.50 41.14
CA LEU A 398 -33.75 -14.18 41.38
C LEU A 398 -34.34 -13.11 40.46
N ALA A 399 -35.16 -13.51 39.47
CA ALA A 399 -35.77 -12.63 38.46
C ALA A 399 -36.94 -11.86 39.07
N VAL A 400 -36.70 -10.61 39.48
CA VAL A 400 -37.72 -9.68 40.06
C VAL A 400 -37.52 -8.29 39.44
N ARG A 401 -38.52 -7.42 39.60
CA ARG A 401 -38.57 -6.05 38.99
C ARG A 401 -37.24 -5.34 39.21
N ALA A 402 -36.61 -4.85 38.12
CA ALA A 402 -35.37 -4.06 38.13
C ALA A 402 -35.60 -2.78 38.93
N PRO A 403 -34.76 -2.47 39.94
CA PRO A 403 -34.95 -1.27 40.77
C PRO A 403 -34.53 0.03 40.05
N ALA A 404 -34.85 1.18 40.66
CA ALA A 404 -34.53 2.54 40.15
C ALA A 404 -33.02 2.78 40.24
N GLU A 405 -32.50 3.70 39.41
CA GLU A 405 -31.05 3.97 39.22
C GLU A 405 -30.46 4.57 40.51
N PHE A 412 -17.99 13.85 40.21
CA PHE A 412 -18.26 15.19 40.79
C PHE A 412 -17.25 16.21 40.25
N GLY A 413 -17.57 17.51 40.39
CA GLY A 413 -16.82 18.62 39.77
C GLY A 413 -15.71 19.16 40.66
N ILE A 414 -14.89 20.05 40.10
CA ILE A 414 -13.74 20.72 40.79
C ILE A 414 -14.24 22.00 41.44
N PRO A 415 -13.61 22.50 42.53
CA PRO A 415 -12.39 21.92 43.10
C PRO A 415 -12.58 20.82 44.16
N GLU A 416 -13.83 20.50 44.52
CA GLU A 416 -14.14 19.51 45.59
C GLU A 416 -13.75 18.10 45.12
N ALA A 417 -13.76 17.85 43.80
CA ALA A 417 -13.27 16.59 43.18
C ALA A 417 -11.76 16.44 43.43
N ALA A 418 -11.05 17.56 43.55
CA ALA A 418 -9.58 17.63 43.75
C ALA A 418 -9.24 17.96 45.21
N ALA A 419 -10.04 17.45 46.16
CA ALA A 419 -9.89 17.73 47.61
C ALA A 419 -8.65 17.02 48.16
N GLY A 420 -8.69 15.68 48.20
CA GLY A 420 -7.60 14.83 48.71
C GLY A 420 -7.84 13.37 48.36
N PHE A 421 -7.03 12.48 48.92
CA PHE A 421 -7.08 11.01 48.68
C PHE A 421 -7.92 10.33 49.79
N GLY A 422 -8.54 11.12 50.66
CA GLY A 422 -9.31 10.63 51.82
C GLY A 422 -8.59 10.95 53.13
N PRO A 423 -9.27 10.81 54.29
CA PRO A 423 -8.70 11.23 55.57
C PRO A 423 -7.63 10.27 56.11
N LEU A 424 -7.79 8.96 55.88
CA LEU A 424 -6.89 7.89 56.38
C LEU A 424 -5.87 7.49 55.29
N ALA A 425 -6.01 8.04 54.08
CA ALA A 425 -5.22 7.65 52.89
C ALA A 425 -3.81 8.26 52.97
N ARG A 426 -2.84 7.59 52.37
CA ARG A 426 -1.44 8.07 52.26
C ARG A 426 -0.85 7.64 50.91
N ALA A 427 -0.61 8.61 50.03
CA ALA A 427 0.06 8.42 48.71
C ALA A 427 1.52 8.08 48.95
N ARG A 428 2.11 7.24 48.09
CA ARG A 428 3.57 6.92 48.09
C ARG A 428 4.36 8.23 48.00
N HIS A 429 3.97 9.09 47.07
CA HIS A 429 4.49 10.48 46.91
C HIS A 429 3.40 11.48 47.28
N ASP A 430 3.62 12.29 48.33
CA ASP A 430 2.77 13.46 48.67
C ASP A 430 2.91 14.48 47.53
N LYS A 431 2.11 15.55 47.55
CA LYS A 431 2.08 16.58 46.48
C LYS A 431 3.52 16.97 46.09
N ASP A 432 4.29 17.49 47.05
CA ASP A 432 5.67 18.01 46.82
C ASP A 432 6.51 16.97 46.09
N ALA A 433 6.56 15.74 46.62
CA ALA A 433 7.32 14.59 46.05
C ALA A 433 6.86 14.33 44.61
N TYR A 434 5.56 14.46 44.32
CA TYR A 434 4.96 14.20 42.98
C TYR A 434 5.29 15.35 42.03
N LEU A 435 5.30 16.60 42.52
CA LEU A 435 5.68 17.80 41.72
C LEU A 435 7.12 17.67 41.22
N LYS A 436 8.01 17.08 42.03
CA LYS A 436 9.45 16.88 41.71
C LYS A 436 9.61 15.75 40.69
N ARG A 437 8.76 14.71 40.76
CA ARG A 437 8.76 13.57 39.80
C ARG A 437 8.26 14.07 38.44
N ILE A 438 7.31 15.01 38.43
CA ILE A 438 6.79 15.69 37.20
C ILE A 438 7.92 16.54 36.59
N ASP A 439 8.62 17.33 37.42
CA ASP A 439 9.78 18.17 37.00
C ASP A 439 10.83 17.29 36.33
N GLU A 440 11.12 16.13 36.92
CA GLU A 440 12.10 15.12 36.38
C GLU A 440 11.59 14.61 35.02
N CYS A 441 10.28 14.37 34.90
CA CYS A 441 9.62 13.96 33.63
C CYS A 441 9.83 15.03 32.55
N LEU A 442 9.65 16.31 32.89
CA LEU A 442 9.76 17.46 31.95
C LEU A 442 11.22 17.59 31.48
N LYS A 443 12.19 17.29 32.36
CA LYS A 443 13.65 17.29 32.04
C LYS A 443 13.95 16.19 31.03
N GLU A 444 13.46 14.97 31.30
CA GLU A 444 13.69 13.76 30.45
C GLU A 444 13.11 14.01 29.04
N ILE A 445 11.99 14.73 28.94
CA ILE A 445 11.31 15.08 27.65
C ILE A 445 12.11 16.21 26.96
N ARG A 446 12.66 17.14 27.74
CA ARG A 446 13.50 18.26 27.23
C ARG A 446 14.83 17.71 26.68
N ASN A 447 15.36 16.65 27.29
CA ASN A 447 16.60 15.94 26.84
C ASN A 447 16.25 14.91 25.75
N GLY A 448 14.98 14.78 25.39
CA GLY A 448 14.51 13.97 24.25
C GLY A 448 14.59 12.46 24.52
N GLU A 449 14.46 12.05 25.79
CA GLU A 449 14.46 10.62 26.19
C GLU A 449 13.05 10.04 26.06
N SER A 450 12.02 10.87 26.28
CA SER A 450 10.59 10.50 26.15
C SER A 450 9.80 11.65 25.50
N TYR A 451 8.71 11.31 24.80
CA TYR A 451 7.76 12.27 24.17
C TYR A 451 6.52 12.42 25.06
N GLU A 452 6.19 11.38 25.82
CA GLU A 452 5.03 11.33 26.75
C GLU A 452 5.33 10.31 27.86
N ILE A 453 5.28 10.75 29.12
CA ILE A 453 5.44 9.89 30.33
C ILE A 453 4.09 9.83 31.06
N CYS A 454 3.52 8.63 31.21
CA CYS A 454 2.36 8.37 32.08
C CYS A 454 2.87 8.12 33.51
N LEU A 455 3.17 9.21 34.23
CA LEU A 455 3.60 9.18 35.66
C LEU A 455 2.37 8.86 36.53
N THR A 456 2.49 7.86 37.39
CA THR A 456 1.38 7.37 38.27
C THR A 456 1.83 7.38 39.73
N ASN A 457 0.85 7.45 40.64
CA ASN A 457 1.03 7.39 42.11
C ASN A 457 0.24 6.18 42.63
N MET A 458 0.60 5.65 43.80
CA MET A 458 -0.15 4.58 44.50
C MET A 458 -0.57 5.11 45.88
N VAL A 459 -1.86 4.99 46.20
CA VAL A 459 -2.48 5.45 47.46
C VAL A 459 -2.89 4.20 48.25
N THR A 460 -2.54 4.15 49.55
CA THR A 460 -2.90 3.08 50.50
C THR A 460 -3.72 3.69 51.64
N ALA A 461 -4.95 3.19 51.84
CA ALA A 461 -5.86 3.60 52.94
C ALA A 461 -6.32 2.35 53.68
N PRO A 462 -6.22 2.31 55.03
CA PRO A 462 -6.80 1.22 55.81
C PRO A 462 -8.33 1.26 55.73
N THR A 463 -8.95 0.09 55.61
CA THR A 463 -10.42 -0.11 55.61
C THR A 463 -10.73 -1.51 56.15
N GLU A 464 -11.79 -1.62 56.96
N GLU A 464 -11.80 -1.61 56.95
CA GLU A 464 -12.32 -2.92 57.46
CA GLU A 464 -12.34 -2.90 57.47
C GLU A 464 -13.38 -3.46 56.47
C GLU A 464 -13.41 -3.43 56.50
N ALA A 465 -13.69 -2.69 55.42
CA ALA A 465 -14.73 -3.01 54.42
C ALA A 465 -14.43 -4.35 53.73
N THR A 466 -15.48 -5.16 53.52
CA THR A 466 -15.46 -6.43 52.75
C THR A 466 -15.66 -6.10 51.26
N ALA A 467 -15.17 -6.96 50.38
CA ALA A 467 -15.06 -6.73 48.92
C ALA A 467 -16.42 -6.37 48.32
N LEU A 468 -17.44 -7.22 48.54
CA LEU A 468 -18.75 -7.14 47.83
C LEU A 468 -19.52 -5.88 48.23
N PRO A 469 -19.70 -5.58 49.54
CA PRO A 469 -20.33 -4.32 49.94
C PRO A 469 -19.64 -3.09 49.33
N LEU A 470 -18.31 -3.04 49.40
CA LEU A 470 -17.50 -1.90 48.88
C LEU A 470 -17.69 -1.79 47.37
N TYR A 471 -17.73 -2.93 46.65
CA TYR A 471 -17.90 -2.99 45.18
C TYR A 471 -19.32 -2.53 44.80
N SER A 472 -20.32 -2.90 45.61
CA SER A 472 -21.74 -2.53 45.39
C SER A 472 -21.88 -0.99 45.43
N ALA A 473 -21.11 -0.33 46.30
CA ALA A 473 -21.06 1.14 46.42
C ALA A 473 -20.35 1.73 45.19
N LEU A 474 -19.21 1.15 44.79
CA LEU A 474 -18.37 1.63 43.65
C LEU A 474 -19.16 1.55 42.34
N ARG A 475 -19.76 0.40 42.01
CA ARG A 475 -20.48 0.18 40.72
C ARG A 475 -21.67 1.15 40.62
N ALA A 476 -22.28 1.54 41.75
CA ALA A 476 -23.39 2.52 41.82
C ALA A 476 -22.86 3.94 41.58
N ILE A 477 -21.67 4.25 42.12
CA ILE A 477 -20.98 5.57 42.01
C ILE A 477 -20.52 5.80 40.55
N SER A 478 -19.93 4.78 39.92
CA SER A 478 -19.25 4.89 38.60
C SER A 478 -19.62 3.71 37.69
N PRO A 479 -20.87 3.65 37.18
CA PRO A 479 -21.28 2.60 36.25
C PRO A 479 -20.43 2.66 34.97
N VAL A 480 -19.94 1.52 34.51
CA VAL A 480 -18.80 1.49 33.54
C VAL A 480 -18.88 0.22 32.69
N PRO A 481 -18.47 0.27 31.40
CA PRO A 481 -18.52 -0.91 30.54
C PRO A 481 -17.60 -2.08 30.96
N TYR A 482 -16.47 -1.80 31.61
CA TYR A 482 -15.44 -2.82 31.96
C TYR A 482 -15.22 -2.89 33.49
N GLY A 483 -16.30 -2.80 34.26
CA GLY A 483 -16.27 -3.03 35.73
C GLY A 483 -15.96 -4.49 36.04
N ALA A 484 -15.39 -4.78 37.22
CA ALA A 484 -15.07 -6.16 37.63
C ALA A 484 -14.87 -6.27 39.14
N LEU A 485 -15.40 -7.34 39.73
CA LEU A 485 -15.09 -7.80 41.09
C LEU A 485 -14.42 -9.18 40.97
N LEU A 486 -13.11 -9.24 41.21
CA LEU A 486 -12.35 -10.49 41.39
C LEU A 486 -12.14 -10.70 42.89
N GLU A 487 -12.61 -11.82 43.43
CA GLU A 487 -12.38 -12.22 44.85
C GLU A 487 -11.49 -13.46 44.84
N PHE A 488 -10.18 -13.25 44.95
CA PHE A 488 -9.14 -14.31 44.94
C PHE A 488 -8.57 -14.44 46.35
N PRO A 489 -7.96 -15.60 46.69
CA PRO A 489 -7.41 -15.81 48.04
C PRO A 489 -6.46 -14.70 48.52
N GLU A 490 -5.55 -14.23 47.65
CA GLU A 490 -4.45 -13.29 48.01
C GLU A 490 -4.98 -11.85 48.05
N LEU A 491 -6.03 -11.52 47.29
CA LEU A 491 -6.53 -10.14 47.13
C LEU A 491 -7.92 -10.12 46.50
N SER A 492 -8.62 -8.99 46.65
CA SER A 492 -9.85 -8.63 45.90
C SER A 492 -9.53 -7.44 44.98
N VAL A 493 -10.02 -7.48 43.74
CA VAL A 493 -9.86 -6.39 42.73
C VAL A 493 -11.24 -5.80 42.45
N LEU A 494 -11.42 -4.52 42.79
CA LEU A 494 -12.67 -3.73 42.57
C LEU A 494 -12.40 -2.70 41.48
N SER A 495 -12.73 -3.04 40.23
CA SER A 495 -12.41 -2.22 39.02
C SER A 495 -13.66 -1.50 38.55
N ALA A 496 -13.56 -0.17 38.36
CA ALA A 496 -14.55 0.69 37.67
C ALA A 496 -13.89 1.29 36.42
N SER A 497 -13.10 0.48 35.70
CA SER A 497 -12.41 0.85 34.45
C SER A 497 -13.43 1.01 33.32
N PRO A 498 -13.36 2.11 32.55
CA PRO A 498 -14.08 2.24 31.28
C PRO A 498 -13.25 1.90 30.02
N GLU A 499 -12.01 1.43 30.18
CA GLU A 499 -10.98 1.41 29.10
C GLU A 499 -10.83 0.02 28.50
N ARG A 500 -11.00 -0.09 27.18
CA ARG A 500 -10.72 -1.32 26.39
C ARG A 500 -9.23 -1.33 26.03
N PHE A 501 -8.50 -2.36 26.50
CA PHE A 501 -7.07 -2.59 26.18
C PHE A 501 -6.98 -3.33 24.84
N LEU A 502 -7.49 -4.57 24.81
CA LEU A 502 -7.53 -5.44 23.61
C LEU A 502 -8.82 -6.25 23.62
N THR A 503 -9.62 -6.12 22.56
CA THR A 503 -10.74 -7.03 22.21
C THR A 503 -10.33 -7.80 20.95
N ILE A 504 -10.02 -9.09 21.11
CA ILE A 504 -9.55 -10.00 20.02
C ILE A 504 -10.64 -11.03 19.75
N GLY A 505 -11.16 -11.06 18.52
CA GLY A 505 -12.10 -12.10 18.06
C GLY A 505 -11.39 -13.43 17.86
N ALA A 506 -12.15 -14.52 17.78
CA ALA A 506 -11.67 -15.87 17.39
C ALA A 506 -11.14 -15.83 15.96
N ASP A 507 -11.66 -14.90 15.14
CA ASP A 507 -11.31 -14.72 13.70
C ASP A 507 -9.98 -13.97 13.55
N GLY A 508 -9.43 -13.41 14.64
CA GLY A 508 -8.12 -12.74 14.65
C GLY A 508 -8.21 -11.22 14.55
N GLY A 509 -9.42 -10.67 14.49
CA GLY A 509 -9.65 -9.21 14.54
C GLY A 509 -9.21 -8.65 15.88
N VAL A 510 -8.40 -7.59 15.88
CA VAL A 510 -7.90 -6.89 17.09
C VAL A 510 -8.51 -5.49 17.13
N GLU A 511 -8.96 -5.05 18.31
CA GLU A 511 -9.41 -3.66 18.58
C GLU A 511 -8.80 -3.20 19.91
N SER A 512 -8.25 -1.98 19.92
CA SER A 512 -7.73 -1.28 21.12
C SER A 512 -8.30 0.14 21.14
N LYS A 513 -8.84 0.57 22.29
CA LYS A 513 -9.44 1.91 22.45
C LYS A 513 -8.67 2.67 23.52
N PRO A 514 -7.40 3.09 23.26
CA PRO A 514 -6.62 3.85 24.24
C PRO A 514 -7.34 5.13 24.67
N ILE A 515 -7.45 5.31 25.99
CA ILE A 515 -7.91 6.57 26.64
C ILE A 515 -6.66 7.36 27.07
N LYS A 516 -6.59 8.64 26.68
CA LYS A 516 -5.55 9.60 27.11
C LYS A 516 -6.02 11.00 26.73
N GLY A 517 -5.96 11.94 27.69
CA GLY A 517 -6.68 13.22 27.63
C GLY A 517 -7.90 13.15 28.54
N THR A 518 -7.80 13.73 29.73
CA THR A 518 -8.85 13.70 30.78
C THR A 518 -9.26 15.12 31.13
N ARG A 519 -10.54 15.32 31.42
CA ARG A 519 -11.14 16.60 31.88
C ARG A 519 -12.10 16.27 33.02
N PRO A 520 -12.02 16.96 34.17
CA PRO A 520 -12.98 16.77 35.26
C PRO A 520 -14.42 17.08 34.82
N ARG A 521 -15.40 16.65 35.63
CA ARG A 521 -16.82 17.09 35.48
C ARG A 521 -16.94 18.51 36.04
N GLY A 522 -18.05 19.19 35.74
CA GLY A 522 -18.33 20.57 36.18
C GLY A 522 -19.27 20.61 37.37
N GLY A 523 -20.21 19.67 37.45
CA GLY A 523 -21.34 19.70 38.40
C GLY A 523 -22.47 20.53 37.84
N THR A 524 -22.25 21.85 37.73
CA THR A 524 -23.05 22.77 36.86
C THR A 524 -22.97 22.24 35.43
N ALA A 525 -24.11 21.85 34.84
CA ALA A 525 -24.22 21.21 33.51
C ALA A 525 -23.73 22.17 32.41
N GLU A 526 -23.66 23.48 32.71
CA GLU A 526 -23.08 24.52 31.80
C GLU A 526 -21.57 24.31 31.75
N GLU A 527 -20.90 24.35 32.91
CA GLU A 527 -19.42 24.17 33.05
C GLU A 527 -19.03 22.76 32.56
N ASP A 528 -19.95 21.79 32.63
CA ASP A 528 -19.70 20.37 32.27
C ASP A 528 -19.56 20.23 30.75
N GLU A 529 -20.56 20.67 29.99
CA GLU A 529 -20.60 20.55 28.51
C GLU A 529 -19.57 21.50 27.89
N ARG A 530 -19.21 22.57 28.62
CA ARG A 530 -18.09 23.50 28.29
C ARG A 530 -16.76 22.73 28.38
N LEU A 531 -16.55 21.99 29.47
CA LEU A 531 -15.32 21.17 29.72
C LEU A 531 -15.26 20.00 28.72
N ARG A 532 -16.41 19.42 28.35
CA ARG A 532 -16.51 18.33 27.35
C ARG A 532 -16.02 18.83 25.99
N ALA A 533 -16.42 20.05 25.59
CA ALA A 533 -16.05 20.70 24.32
C ALA A 533 -14.58 21.10 24.35
N ASP A 534 -14.07 21.52 25.51
CA ASP A 534 -12.65 21.89 25.74
C ASP A 534 -11.76 20.65 25.50
N LEU A 535 -12.19 19.47 25.95
CA LEU A 535 -11.40 18.21 25.88
C LEU A 535 -11.22 17.78 24.42
N ALA A 536 -12.25 17.94 23.58
CA ALA A 536 -12.28 17.53 22.15
C ALA A 536 -11.40 18.46 21.31
N GLY A 537 -11.21 19.70 21.76
CA GLY A 537 -10.65 20.80 20.94
C GLY A 537 -9.20 21.13 21.27
N ARG A 538 -8.80 21.05 22.54
CA ARG A 538 -7.44 21.44 23.01
C ARG A 538 -6.39 20.58 22.30
N GLU A 539 -5.34 21.21 21.74
CA GLU A 539 -4.27 20.52 20.97
C GLU A 539 -3.40 19.69 21.93
N LYS A 540 -3.23 20.16 23.17
CA LYS A 540 -2.45 19.49 24.23
C LYS A 540 -2.98 18.06 24.41
N ASP A 541 -4.28 17.92 24.68
CA ASP A 541 -4.96 16.63 24.96
C ASP A 541 -4.98 15.76 23.70
N ARG A 542 -5.25 16.36 22.53
CA ARG A 542 -5.18 15.68 21.21
C ARG A 542 -3.78 15.04 21.05
N ALA A 543 -2.73 15.80 21.34
CA ALA A 543 -1.31 15.38 21.20
C ALA A 543 -1.00 14.24 22.17
N GLU A 544 -1.45 14.33 23.43
CA GLU A 544 -1.35 13.25 24.44
C GLU A 544 -1.94 11.96 23.85
N ASN A 545 -3.12 12.05 23.24
CA ASN A 545 -3.86 10.90 22.68
C ASN A 545 -3.13 10.35 21.44
N LEU A 546 -2.79 11.24 20.50
CA LEU A 546 -2.20 10.88 19.18
C LEU A 546 -0.92 10.05 19.36
N MET A 547 -0.05 10.45 20.29
CA MET A 547 1.25 9.79 20.54
C MET A 547 1.00 8.35 21.03
N ILE A 548 -0.05 8.15 21.85
CA ILE A 548 -0.49 6.80 22.33
C ILE A 548 -1.09 6.01 21.15
N VAL A 549 -1.85 6.66 20.27
CA VAL A 549 -2.42 6.00 19.06
C VAL A 549 -1.26 5.43 18.22
N ASP A 550 -0.21 6.22 18.01
CA ASP A 550 1.00 5.84 17.23
C ASP A 550 1.73 4.67 17.92
N LEU A 551 1.85 4.74 19.25
CA LEU A 551 2.51 3.70 20.10
C LEU A 551 1.74 2.38 19.98
N VAL A 552 0.42 2.41 20.14
CA VAL A 552 -0.44 1.19 20.10
C VAL A 552 -0.45 0.65 18.65
N ARG A 553 -0.53 1.54 17.65
CA ARG A 553 -0.39 1.15 16.22
C ARG A 553 0.92 0.36 16.03
N ASN A 554 2.01 0.82 16.64
CA ASN A 554 3.36 0.21 16.53
C ASN A 554 3.33 -1.21 17.14
N ASP A 555 2.79 -1.33 18.36
CA ASP A 555 2.66 -2.63 19.09
C ASP A 555 1.86 -3.60 18.22
N LEU A 556 0.72 -3.16 17.68
CA LEU A 556 -0.20 -4.00 16.88
C LEU A 556 0.49 -4.41 15.56
N ASN A 557 1.21 -3.49 14.92
CA ASN A 557 1.88 -3.73 13.61
C ASN A 557 2.90 -4.86 13.75
N SER A 558 3.55 -4.98 14.91
CA SER A 558 4.59 -6.02 15.20
C SER A 558 3.99 -7.43 15.12
N VAL A 559 2.68 -7.59 15.31
CA VAL A 559 1.98 -8.92 15.35
C VAL A 559 0.84 -8.98 14.33
N CYS A 560 0.54 -7.89 13.62
CA CYS A 560 -0.61 -7.80 12.69
C CYS A 560 -0.15 -7.81 11.23
N ALA A 561 -1.04 -8.23 10.32
CA ALA A 561 -0.79 -8.30 8.87
C ALA A 561 -0.57 -6.89 8.32
N ILE A 562 0.34 -6.75 7.36
CA ILE A 562 0.70 -5.44 6.74
C ILE A 562 -0.54 -4.91 6.02
N GLY A 563 -0.96 -3.70 6.36
CA GLY A 563 -2.14 -3.01 5.77
C GLY A 563 -3.39 -3.13 6.61
N SER A 564 -3.39 -4.02 7.62
CA SER A 564 -4.59 -4.34 8.46
C SER A 564 -4.76 -3.29 9.57
N VAL A 565 -3.67 -2.74 10.09
CA VAL A 565 -3.68 -1.74 11.20
C VAL A 565 -4.19 -0.41 10.64
N HIS A 566 -5.34 0.05 11.15
CA HIS A 566 -5.96 1.35 10.79
C HIS A 566 -6.63 1.95 12.04
N VAL A 567 -7.09 3.20 11.93
CA VAL A 567 -7.70 3.99 13.03
C VAL A 567 -9.03 4.54 12.53
N PRO A 568 -10.15 3.79 12.71
CA PRO A 568 -11.45 4.25 12.19
C PRO A 568 -12.04 5.46 12.94
N ARG A 569 -11.58 5.72 14.17
CA ARG A 569 -12.11 6.84 15.00
C ARG A 569 -10.99 7.45 15.85
N LEU A 570 -10.87 8.78 15.78
CA LEU A 570 -9.80 9.58 16.42
C LEU A 570 -10.44 10.67 17.29
N PHE A 571 -10.09 10.71 18.59
CA PHE A 571 -10.42 11.80 19.55
C PHE A 571 -11.93 11.87 19.83
N GLU A 572 -12.59 10.71 19.99
CA GLU A 572 -13.98 10.61 20.49
C GLU A 572 -14.00 10.95 21.98
N VAL A 573 -15.00 11.71 22.43
CA VAL A 573 -15.20 12.05 23.88
C VAL A 573 -16.22 11.08 24.48
N GLU A 574 -15.82 10.38 25.54
CA GLU A 574 -16.69 9.52 26.38
C GLU A 574 -16.79 10.13 27.78
N THR A 575 -18.01 10.29 28.28
CA THR A 575 -18.33 10.84 29.62
C THR A 575 -18.76 9.70 30.54
N TYR A 576 -18.17 9.64 31.74
CA TYR A 576 -18.59 8.74 32.85
C TYR A 576 -18.75 9.57 34.11
N ALA A 577 -19.47 9.05 35.11
CA ALA A 577 -19.80 9.73 36.38
C ALA A 577 -18.60 10.55 36.88
N PRO A 578 -17.38 9.98 36.96
CA PRO A 578 -16.23 10.70 37.52
C PRO A 578 -15.58 11.77 36.64
N VAL A 579 -15.50 11.56 35.30
CA VAL A 579 -14.56 12.31 34.42
C VAL A 579 -14.99 12.23 32.95
N HIS A 580 -14.50 13.16 32.12
CA HIS A 580 -14.56 13.15 30.63
C HIS A 580 -13.25 12.62 30.06
N GLN A 581 -13.31 11.66 29.13
CA GLN A 581 -12.13 10.92 28.59
C GLN A 581 -12.06 11.06 27.06
N LEU A 582 -10.87 11.31 26.54
CA LEU A 582 -10.58 11.32 25.07
C LEU A 582 -10.15 9.91 24.65
N VAL A 583 -10.90 9.30 23.72
CA VAL A 583 -10.80 7.86 23.33
C VAL A 583 -10.58 7.78 21.82
N SER A 584 -9.55 7.04 21.39
CA SER A 584 -9.25 6.73 19.98
C SER A 584 -9.36 5.23 19.78
N THR A 585 -9.83 4.79 18.60
CA THR A 585 -10.07 3.36 18.27
C THR A 585 -9.05 2.91 17.22
N ILE A 586 -8.28 1.87 17.54
CA ILE A 586 -7.27 1.25 16.63
C ILE A 586 -7.68 -0.21 16.39
N ARG A 587 -7.68 -0.64 15.13
CA ARG A 587 -8.02 -2.03 14.73
C ARG A 587 -6.87 -2.62 13.93
N GLY A 588 -6.73 -3.95 13.99
CA GLY A 588 -5.79 -4.73 13.16
C GLY A 588 -6.26 -6.16 12.99
N ARG A 589 -5.50 -6.97 12.26
CA ARG A 589 -5.77 -8.41 12.07
C ARG A 589 -4.46 -9.17 12.28
N LEU A 590 -4.47 -10.16 13.19
CA LEU A 590 -3.26 -10.94 13.57
C LEU A 590 -2.68 -11.62 12.32
N ARG A 591 -1.35 -11.73 12.27
CA ARG A 591 -0.62 -12.55 11.27
C ARG A 591 -0.96 -14.01 11.51
N PRO A 592 -0.86 -14.90 10.48
CA PRO A 592 -1.04 -16.32 10.70
C PRO A 592 0.16 -16.83 11.52
N GLY A 593 -0.10 -17.64 12.55
CA GLY A 593 0.93 -18.18 13.46
C GLY A 593 1.09 -17.34 14.72
N THR A 594 0.44 -16.17 14.79
CA THR A 594 0.39 -15.30 15.99
C THR A 594 -0.80 -15.73 16.87
N SER A 595 -0.52 -16.17 18.09
CA SER A 595 -1.54 -16.55 19.11
C SER A 595 -2.10 -15.28 19.76
N THR A 596 -3.29 -15.38 20.35
CA THR A 596 -3.97 -14.29 21.10
C THR A 596 -3.06 -13.83 22.25
N ALA A 597 -2.37 -14.77 22.90
CA ALA A 597 -1.42 -14.53 24.01
C ALA A 597 -0.21 -13.73 23.50
N ALA A 598 0.30 -14.07 22.31
CA ALA A 598 1.43 -13.38 21.64
C ALA A 598 1.07 -11.92 21.39
N CYS A 599 -0.16 -11.65 20.93
CA CYS A 599 -0.69 -10.29 20.64
C CYS A 599 -0.69 -9.43 21.92
N VAL A 600 -1.15 -9.98 23.04
CA VAL A 600 -1.25 -9.26 24.34
C VAL A 600 0.18 -8.97 24.84
N ARG A 601 1.07 -9.96 24.82
CA ARG A 601 2.50 -9.79 25.17
C ARG A 601 3.09 -8.60 24.39
N ALA A 602 2.85 -8.55 23.08
CA ALA A 602 3.43 -7.54 22.15
C ALA A 602 2.97 -6.13 22.55
N ALA A 603 1.77 -6.03 23.13
CA ALA A 603 1.09 -4.75 23.47
C ALA A 603 1.13 -4.47 24.97
N PHE A 604 1.71 -5.37 25.78
CA PHE A 604 1.72 -5.27 27.27
C PHE A 604 3.07 -4.72 27.73
N PRO A 605 3.12 -3.77 28.71
CA PRO A 605 1.92 -3.11 29.25
C PRO A 605 1.31 -2.12 28.24
N GLY A 606 0.02 -1.81 28.40
CA GLY A 606 -0.72 -0.88 27.52
C GLY A 606 0.02 0.43 27.32
N GLY A 607 0.09 0.90 26.07
CA GLY A 607 0.73 2.18 25.70
C GLY A 607 0.09 3.36 26.41
N SER A 608 -1.22 3.29 26.68
CA SER A 608 -2.02 4.37 27.32
C SER A 608 -1.63 4.52 28.80
N MET A 609 -0.81 3.62 29.35
CA MET A 609 -0.40 3.63 30.79
C MET A 609 1.12 3.76 30.93
N THR A 610 1.86 3.81 29.82
CA THR A 610 3.34 3.92 29.78
C THR A 610 3.73 5.24 29.10
N GLY A 611 3.43 5.36 27.82
CA GLY A 611 3.88 6.48 26.97
C GLY A 611 4.94 6.02 25.98
N ALA A 612 5.47 6.94 25.17
CA ALA A 612 6.32 6.65 23.99
C ALA A 612 7.66 7.38 24.09
N PRO A 613 8.79 6.76 23.68
CA PRO A 613 8.83 5.33 23.37
C PRO A 613 8.75 4.47 24.63
N LYS A 614 8.10 3.31 24.54
CA LYS A 614 7.65 2.50 25.71
C LYS A 614 8.85 2.08 26.56
N LYS A 615 9.86 1.44 25.95
CA LYS A 615 10.98 0.79 26.68
C LYS A 615 11.70 1.82 27.56
N ARG A 616 12.12 2.96 26.98
CA ARG A 616 12.87 4.02 27.70
C ARG A 616 11.95 4.72 28.71
N THR A 617 10.65 4.84 28.40
CA THR A 617 9.65 5.52 29.27
C THR A 617 9.41 4.66 30.52
N MET A 618 9.32 3.33 30.37
CA MET A 618 9.10 2.37 31.48
C MET A 618 10.33 2.37 32.40
N GLU A 619 11.52 2.65 31.85
CA GLU A 619 12.79 2.79 32.62
C GLU A 619 12.74 4.08 33.46
N ILE A 620 12.22 5.17 32.89
CA ILE A 620 12.02 6.47 33.60
C ILE A 620 11.01 6.26 34.74
N ILE A 621 9.90 5.58 34.44
CA ILE A 621 8.82 5.24 35.43
C ILE A 621 9.41 4.43 36.59
N ASP A 622 10.26 3.44 36.29
CA ASP A 622 10.95 2.60 37.31
C ASP A 622 11.71 3.49 38.30
N ARG A 623 12.42 4.51 37.81
CA ARG A 623 13.30 5.38 38.64
C ARG A 623 12.46 6.30 39.53
N LEU A 624 11.41 6.92 38.97
CA LEU A 624 10.65 8.03 39.62
C LEU A 624 9.61 7.49 40.60
N GLU A 625 8.97 6.35 40.30
CA GLU A 625 7.83 5.81 41.10
C GLU A 625 8.36 5.06 42.33
N GLU A 626 9.59 4.52 42.26
CA GLU A 626 10.31 3.92 43.42
C GLU A 626 9.45 2.83 44.08
N GLY A 627 8.81 1.99 43.27
CA GLY A 627 7.91 0.92 43.75
C GLY A 627 7.06 0.35 42.63
N PRO A 628 6.28 -0.73 42.88
CA PRO A 628 5.48 -1.39 41.86
C PRO A 628 4.10 -0.75 41.69
N ARG A 629 3.49 -0.95 40.52
CA ARG A 629 2.08 -0.55 40.24
C ARG A 629 1.14 -1.67 40.68
N GLY A 630 1.58 -2.92 40.58
CA GLY A 630 0.79 -4.11 40.96
C GLY A 630 -0.26 -4.44 39.91
N VAL A 631 -1.53 -4.52 40.32
CA VAL A 631 -2.68 -4.82 39.43
C VAL A 631 -2.94 -3.58 38.57
N TYR A 632 -2.80 -2.39 39.17
CA TYR A 632 -3.05 -1.07 38.53
C TYR A 632 -2.17 -0.92 37.29
N SER A 633 -2.76 -0.41 36.20
CA SER A 633 -2.13 -0.17 34.87
C SER A 633 -1.78 -1.48 34.16
N GLY A 634 -2.24 -2.62 34.70
CA GLY A 634 -2.20 -3.93 34.02
C GLY A 634 -3.43 -4.13 33.16
N ALA A 635 -3.76 -5.38 32.82
CA ALA A 635 -4.97 -5.74 32.06
C ALA A 635 -5.83 -6.69 32.90
N LEU A 636 -7.15 -6.55 32.80
CA LEU A 636 -8.16 -7.41 33.48
C LEU A 636 -9.21 -7.84 32.44
N GLY A 637 -9.50 -9.14 32.36
CA GLY A 637 -10.53 -9.66 31.45
C GLY A 637 -10.40 -11.16 31.26
N TRP A 638 -10.79 -11.65 30.08
CA TRP A 638 -10.88 -13.11 29.79
C TRP A 638 -10.12 -13.47 28.52
N PHE A 639 -9.48 -14.65 28.54
CA PHE A 639 -8.96 -15.40 27.36
C PHE A 639 -9.87 -16.62 27.15
N ALA A 640 -10.64 -16.64 26.07
CA ALA A 640 -11.60 -17.71 25.73
C ALA A 640 -10.86 -18.92 25.15
N LEU A 641 -11.49 -20.10 25.18
CA LEU A 641 -10.98 -21.34 24.58
C LEU A 641 -11.12 -21.28 23.05
N SER A 642 -11.97 -20.37 22.54
CA SER A 642 -12.16 -20.12 21.10
C SER A 642 -10.98 -19.33 20.51
N GLY A 643 -10.11 -18.80 21.37
CA GLY A 643 -8.96 -17.95 20.96
C GLY A 643 -9.29 -16.47 21.08
N ALA A 644 -10.57 -16.13 21.24
CA ALA A 644 -11.05 -14.74 21.46
C ALA A 644 -10.55 -14.25 22.82
N ALA A 645 -10.49 -12.93 23.00
CA ALA A 645 -10.12 -12.27 24.27
C ALA A 645 -10.78 -10.89 24.36
N ASP A 646 -11.00 -10.43 25.59
CA ASP A 646 -11.52 -9.07 25.90
C ASP A 646 -10.85 -8.62 27.20
N LEU A 647 -9.98 -7.61 27.12
CA LEU A 647 -9.16 -7.12 28.25
C LEU A 647 -9.39 -5.61 28.42
N SER A 648 -9.61 -5.18 29.66
CA SER A 648 -9.66 -3.76 30.08
C SER A 648 -8.27 -3.33 30.55
N ILE A 649 -8.01 -2.03 30.60
CA ILE A 649 -6.85 -1.45 31.34
C ILE A 649 -7.31 -1.27 32.79
N VAL A 650 -6.51 -1.73 33.76
CA VAL A 650 -6.80 -1.53 35.22
C VAL A 650 -6.50 -0.06 35.55
N ILE A 651 -7.54 0.78 35.48
CA ILE A 651 -7.59 2.15 36.07
C ILE A 651 -8.87 2.23 36.90
N ARG A 652 -8.98 3.24 37.76
CA ARG A 652 -10.16 3.47 38.65
C ARG A 652 -10.47 2.17 39.41
N THR A 653 -9.43 1.52 39.94
CA THR A 653 -9.52 0.20 40.62
C THR A 653 -9.03 0.30 42.06
N ILE A 654 -9.74 -0.34 42.99
CA ILE A 654 -9.29 -0.59 44.39
C ILE A 654 -8.84 -2.05 44.48
N VAL A 655 -7.61 -2.27 44.97
CA VAL A 655 -7.11 -3.60 45.39
C VAL A 655 -7.31 -3.70 46.92
N LEU A 656 -8.09 -4.68 47.37
CA LEU A 656 -8.32 -4.99 48.81
C LEU A 656 -7.45 -6.18 49.21
N ALA A 657 -6.57 -5.99 50.19
CA ALA A 657 -5.74 -7.06 50.80
C ALA A 657 -5.34 -6.65 52.22
N ASP A 658 -5.63 -7.52 53.20
CA ASP A 658 -5.10 -7.45 54.58
C ASP A 658 -5.53 -6.11 55.24
N GLY A 659 -6.80 -5.77 55.10
CA GLY A 659 -7.42 -4.58 55.73
C GLY A 659 -6.93 -3.27 55.11
N GLN A 660 -6.40 -3.31 53.88
CA GLN A 660 -5.87 -2.13 53.16
C GLN A 660 -6.48 -2.05 51.76
N ALA A 661 -7.01 -0.87 51.41
CA ALA A 661 -7.41 -0.48 50.05
C ALA A 661 -6.26 0.29 49.40
N GLU A 662 -5.75 -0.17 48.26
CA GLU A 662 -4.74 0.58 47.46
C GLU A 662 -5.25 0.74 46.03
N PHE A 663 -5.15 1.96 45.52
CA PHE A 663 -5.64 2.38 44.18
C PHE A 663 -4.59 3.28 43.51
N GLY A 664 -4.34 3.03 42.22
CA GLY A 664 -3.43 3.83 41.39
C GLY A 664 -4.15 5.01 40.79
N VAL A 665 -3.43 6.12 40.60
CA VAL A 665 -3.88 7.31 39.82
C VAL A 665 -2.66 7.88 39.10
N GLY A 666 -2.89 8.48 37.92
CA GLY A 666 -1.82 9.06 37.10
C GLY A 666 -2.37 9.90 35.97
N GLY A 667 -1.49 10.32 35.07
CA GLY A 667 -1.80 11.15 33.90
C GLY A 667 -0.57 11.34 33.04
N ALA A 668 -0.77 11.84 31.80
CA ALA A 668 0.30 12.10 30.82
C ALA A 668 1.08 13.35 31.24
N ILE A 669 2.41 13.25 31.27
CA ILE A 669 3.35 14.40 31.31
C ILE A 669 3.91 14.58 29.89
N VAL A 670 3.72 15.77 29.31
CA VAL A 670 4.28 16.20 27.99
C VAL A 670 4.96 17.56 28.20
N SER A 671 5.72 18.03 27.20
CA SER A 671 6.52 19.27 27.25
C SER A 671 5.66 20.46 27.72
N LEU A 672 4.36 20.44 27.39
CA LEU A 672 3.40 21.56 27.61
C LEU A 672 2.71 21.45 28.97
N SER A 673 2.98 20.39 29.75
CA SER A 673 2.32 20.08 31.04
C SER A 673 2.64 21.15 32.09
N ASP A 674 1.63 21.51 32.90
CA ASP A 674 1.76 22.34 34.12
C ASP A 674 1.73 21.42 35.34
N GLN A 675 2.72 21.56 36.24
CA GLN A 675 2.96 20.65 37.40
C GLN A 675 1.71 20.56 38.28
N GLU A 676 1.19 21.70 38.73
CA GLU A 676 0.00 21.80 39.63
C GLU A 676 -1.20 21.11 38.99
N GLU A 677 -1.50 21.42 37.73
CA GLU A 677 -2.67 20.88 36.97
C GLU A 677 -2.55 19.35 36.88
N GLU A 678 -1.34 18.84 36.62
CA GLU A 678 -1.08 17.38 36.44
C GLU A 678 -1.28 16.65 37.77
N PHE A 679 -0.87 17.24 38.90
CA PHE A 679 -1.11 16.70 40.27
C PHE A 679 -2.62 16.65 40.54
N THR A 680 -3.30 17.77 40.36
CA THR A 680 -4.77 17.96 40.56
C THR A 680 -5.54 16.89 39.77
N GLU A 681 -5.07 16.54 38.57
CA GLU A 681 -5.70 15.54 37.67
C GLU A 681 -5.65 14.15 38.32
N THR A 682 -4.56 13.81 39.03
CA THR A 682 -4.40 12.49 39.72
C THR A 682 -5.38 12.39 40.90
N VAL A 683 -5.66 13.51 41.58
CA VAL A 683 -6.59 13.57 42.74
C VAL A 683 -8.03 13.36 42.22
N VAL A 684 -8.40 14.11 41.18
CA VAL A 684 -9.73 14.03 40.50
C VAL A 684 -10.03 12.57 40.12
N LYS A 685 -9.07 11.88 39.52
CA LYS A 685 -9.23 10.49 39.00
C LYS A 685 -9.42 9.49 40.16
N ALA A 686 -9.06 9.88 41.39
CA ALA A 686 -9.20 9.04 42.61
C ALA A 686 -10.62 9.11 43.19
N ARG A 687 -11.44 10.07 42.76
CA ARG A 687 -12.66 10.50 43.52
C ARG A 687 -13.64 9.33 43.68
N ALA A 688 -13.92 8.58 42.61
CA ALA A 688 -14.85 7.42 42.63
C ALA A 688 -14.41 6.42 43.71
N MET A 689 -13.11 6.12 43.79
CA MET A 689 -12.54 5.17 44.79
C MET A 689 -12.60 5.79 46.19
N VAL A 690 -12.24 7.06 46.33
CA VAL A 690 -12.27 7.80 47.63
C VAL A 690 -13.71 7.82 48.16
N THR A 691 -14.70 8.04 47.28
CA THR A 691 -16.14 8.13 47.63
C THR A 691 -16.65 6.77 48.10
N ALA A 692 -16.30 5.68 47.41
CA ALA A 692 -16.69 4.29 47.75
C ALA A 692 -16.21 3.94 49.15
N LEU A 693 -14.97 4.30 49.50
CA LEU A 693 -14.34 3.99 50.83
C LEU A 693 -15.00 4.83 51.92
N ASP A 694 -15.28 6.11 51.65
CA ASP A 694 -16.15 7.05 52.44
C ASP A 694 -15.54 8.45 52.44
N GLY B 14 12.84 -8.29 -13.39
CA GLY B 14 14.11 -8.91 -12.90
C GLY B 14 14.01 -9.36 -11.46
N ARG B 15 14.04 -8.42 -10.51
CA ARG B 15 13.91 -8.66 -9.05
C ARG B 15 13.32 -7.41 -8.39
N HIS B 16 12.87 -7.54 -7.14
CA HIS B 16 12.29 -6.43 -6.33
C HIS B 16 13.39 -5.81 -5.45
N MET B 17 13.24 -4.55 -5.10
CA MET B 17 14.26 -3.77 -4.33
C MET B 17 14.26 -4.22 -2.87
N ARG B 18 15.45 -4.45 -2.30
CA ARG B 18 15.65 -4.91 -0.90
C ARG B 18 15.90 -3.68 -0.02
N THR B 19 14.88 -3.26 0.75
CA THR B 19 14.97 -2.11 1.70
C THR B 19 15.39 -2.65 3.07
N LEU B 20 16.39 -2.02 3.68
CA LEU B 20 16.85 -2.26 5.08
C LEU B 20 16.27 -1.16 5.97
N LEU B 21 15.67 -1.54 7.11
CA LEU B 21 15.10 -0.61 8.12
C LEU B 21 15.88 -0.76 9.43
N ILE B 22 16.73 0.22 9.75
CA ILE B 22 17.55 0.22 11.00
C ILE B 22 16.66 0.69 12.16
N ASP B 23 16.42 -0.19 13.14
CA ASP B 23 15.60 0.06 14.35
C ASP B 23 16.48 0.72 15.42
N ASN B 24 16.20 1.97 15.79
CA ASN B 24 16.98 2.77 16.77
C ASN B 24 16.28 2.75 18.13
N TYR B 25 15.65 1.62 18.49
CA TYR B 25 14.94 1.37 19.77
C TYR B 25 13.93 2.49 20.04
N ASP B 26 12.96 2.65 19.12
CA ASP B 26 11.80 3.58 19.27
C ASP B 26 10.53 2.85 18.83
N SER B 27 9.39 3.32 19.33
CA SER B 27 8.04 2.74 19.09
C SER B 27 7.44 3.33 17.80
N PHE B 28 8.23 3.35 16.72
CA PHE B 28 7.82 3.89 15.39
C PHE B 28 8.21 2.92 14.26
N THR B 29 9.10 1.97 14.53
CA THR B 29 9.74 1.10 13.50
C THR B 29 8.68 0.29 12.77
N HIS B 30 7.75 -0.35 13.50
CA HIS B 30 6.72 -1.26 12.94
C HIS B 30 5.67 -0.46 12.16
N ASN B 31 5.46 0.82 12.50
CA ASN B 31 4.61 1.74 11.72
C ASN B 31 5.30 2.08 10.38
N LEU B 32 6.61 2.32 10.40
CA LEU B 32 7.44 2.56 9.18
C LEU B 32 7.42 1.29 8.32
N PHE B 33 7.54 0.12 8.96
CA PHE B 33 7.47 -1.23 8.34
C PHE B 33 6.18 -1.33 7.53
N GLN B 34 5.04 -0.99 8.14
CA GLN B 34 3.69 -1.07 7.51
C GLN B 34 3.68 -0.20 6.24
N TYR B 35 4.10 1.06 6.37
CA TYR B 35 4.00 2.09 5.29
C TYR B 35 4.95 1.72 4.14
N ILE B 36 6.16 1.25 4.43
CA ILE B 36 7.12 0.77 3.40
C ILE B 36 6.49 -0.43 2.68
N GLY B 37 5.92 -1.37 3.44
CA GLY B 37 5.25 -2.58 2.94
C GLY B 37 4.15 -2.25 1.94
N GLU B 38 3.22 -1.36 2.31
CA GLU B 38 2.04 -0.98 1.49
C GLU B 38 2.48 -0.16 0.26
N ALA B 39 3.44 0.75 0.44
CA ALA B 39 3.90 1.71 -0.59
C ALA B 39 4.73 1.01 -1.67
N THR B 40 5.64 0.10 -1.27
CA THR B 40 6.64 -0.56 -2.16
C THR B 40 6.19 -1.99 -2.52
N GLY B 41 5.30 -2.59 -1.73
CA GLY B 41 4.78 -3.95 -1.96
C GLY B 41 5.75 -5.02 -1.49
N GLN B 42 6.68 -4.66 -0.59
CA GLN B 42 7.75 -5.55 -0.08
C GLN B 42 8.13 -5.06 1.33
N PRO B 43 8.05 -5.92 2.36
CA PRO B 43 8.40 -5.50 3.72
C PRO B 43 9.91 -5.35 3.87
N PRO B 44 10.40 -4.32 4.60
CA PRO B 44 11.83 -4.15 4.81
C PRO B 44 12.36 -5.21 5.79
N VAL B 45 13.67 -5.48 5.73
CA VAL B 45 14.39 -6.28 6.76
C VAL B 45 14.71 -5.33 7.92
N VAL B 46 14.30 -5.70 9.13
CA VAL B 46 14.47 -4.86 10.36
C VAL B 46 15.73 -5.34 11.09
N VAL B 47 16.70 -4.44 11.31
CA VAL B 47 18.00 -4.74 11.98
C VAL B 47 18.15 -3.79 13.16
N PRO B 48 18.39 -4.32 14.38
CA PRO B 48 18.77 -3.50 15.53
C PRO B 48 19.96 -2.56 15.24
N ASN B 49 20.01 -1.40 15.90
CA ASN B 49 21.06 -0.36 15.67
C ASN B 49 22.39 -0.81 16.29
N ASP B 50 22.38 -1.79 17.20
CA ASP B 50 23.60 -2.31 17.90
C ASP B 50 24.13 -3.55 17.16
N ALA B 51 23.77 -3.73 15.89
CA ALA B 51 24.24 -4.83 15.01
C ALA B 51 25.72 -4.62 14.65
N ASP B 52 26.37 -5.67 14.14
CA ASP B 52 27.79 -5.65 13.66
C ASP B 52 27.78 -5.38 12.16
N TRP B 53 28.37 -4.27 11.71
CA TRP B 53 28.37 -3.81 10.29
C TRP B 53 29.23 -4.76 9.44
N SER B 54 30.22 -5.42 10.07
CA SER B 54 31.10 -6.44 9.45
C SER B 54 30.25 -7.61 8.93
N ARG B 55 29.44 -8.22 9.81
CA ARG B 55 28.63 -9.43 9.52
C ARG B 55 27.42 -9.06 8.64
N LEU B 56 26.95 -7.81 8.73
CA LEU B 56 25.74 -7.31 8.00
C LEU B 56 26.00 -7.35 6.49
N PRO B 57 25.21 -8.12 5.71
CA PRO B 57 25.38 -8.18 4.26
C PRO B 57 24.79 -6.93 3.59
N VAL B 58 25.42 -5.77 3.82
CA VAL B 58 24.97 -4.43 3.34
C VAL B 58 24.95 -4.42 1.81
N GLU B 59 25.79 -5.25 1.18
CA GLU B 59 25.92 -5.40 -0.30
C GLU B 59 24.58 -5.87 -0.91
N ASP B 60 23.80 -6.67 -0.19
CA ASP B 60 22.54 -7.28 -0.70
C ASP B 60 21.39 -6.26 -0.69
N PHE B 61 21.53 -5.18 0.09
CA PHE B 61 20.48 -4.15 0.28
C PHE B 61 20.70 -2.99 -0.70
N ASP B 62 19.60 -2.37 -1.14
CA ASP B 62 19.57 -1.29 -2.17
C ASP B 62 19.25 0.06 -1.52
N ALA B 63 18.65 0.07 -0.33
CA ALA B 63 18.19 1.30 0.36
C ALA B 63 18.12 1.06 1.87
N ILE B 64 18.38 2.11 2.65
CA ILE B 64 18.37 2.08 4.15
C ILE B 64 17.39 3.16 4.64
N VAL B 65 16.42 2.76 5.46
CA VAL B 65 15.53 3.69 6.22
C VAL B 65 16.02 3.69 7.67
N VAL B 66 16.45 4.86 8.17
CA VAL B 66 17.00 5.03 9.54
C VAL B 66 15.86 5.54 10.44
N SER B 67 15.33 4.65 11.28
CA SER B 67 14.19 4.92 12.22
C SER B 67 14.57 6.06 13.16
N PRO B 68 13.58 6.80 13.71
CA PRO B 68 13.84 7.73 14.80
C PRO B 68 14.33 7.02 16.06
N GLY B 69 14.84 7.78 17.04
CA GLY B 69 15.32 7.27 18.33
C GLY B 69 15.07 8.29 19.45
N PRO B 70 15.31 7.91 20.73
CA PRO B 70 15.17 8.84 21.85
C PRO B 70 16.46 9.64 22.10
N GLY B 80 25.24 4.25 16.56
CA GLY B 80 25.22 2.83 16.14
C GLY B 80 25.66 2.66 14.70
N ILE B 81 25.01 1.76 13.96
CA ILE B 81 25.31 1.46 12.53
C ILE B 81 24.57 2.46 11.63
N SER B 82 23.74 3.33 12.21
CA SER B 82 23.08 4.48 11.52
C SER B 82 24.14 5.42 10.95
N ARG B 83 25.24 5.64 11.69
CA ARG B 83 26.38 6.52 11.30
C ARG B 83 27.06 5.92 10.06
N ARG B 84 27.38 4.62 10.10
CA ARG B 84 28.03 3.87 8.99
C ARG B 84 27.10 3.79 7.78
N ALA B 85 25.79 3.73 8.01
CA ALA B 85 24.74 3.71 6.96
C ALA B 85 24.85 4.96 6.09
N ILE B 86 24.94 6.14 6.73
CA ILE B 86 24.94 7.48 6.06
C ILE B 86 26.32 7.75 5.45
N THR B 87 27.39 7.56 6.23
CA THR B 87 28.79 7.87 5.82
C THR B 87 29.31 6.79 4.86
N ASP B 88 29.60 5.59 5.39
CA ASP B 88 30.37 4.52 4.70
C ASP B 88 29.56 3.87 3.57
N SER B 89 28.38 3.32 3.88
CA SER B 89 27.60 2.40 3.01
C SER B 89 27.57 2.90 1.55
N GLY B 90 27.36 4.20 1.36
CA GLY B 90 27.21 4.81 0.03
C GLY B 90 25.93 4.37 -0.68
N LEU B 91 24.93 3.93 0.09
CA LEU B 91 23.58 3.53 -0.42
C LEU B 91 22.60 4.68 -0.21
N PRO B 92 21.49 4.72 -0.97
CA PRO B 92 20.38 5.62 -0.64
C PRO B 92 19.96 5.46 0.82
N VAL B 93 19.88 6.57 1.57
CA VAL B 93 19.44 6.61 2.99
C VAL B 93 18.31 7.63 3.11
N LEU B 94 17.20 7.24 3.76
CA LEU B 94 16.16 8.16 4.26
C LEU B 94 16.23 8.20 5.79
N GLY B 95 16.81 9.26 6.34
CA GLY B 95 16.77 9.57 7.79
C GLY B 95 15.44 10.21 8.14
N VAL B 96 14.67 9.58 9.05
CA VAL B 96 13.37 10.12 9.53
C VAL B 96 13.55 10.52 10.99
N OCS B 97 13.44 11.85 11.22
CA OCS B 97 13.66 12.47 12.52
CB OCS B 97 12.74 11.91 13.61
SG OCS B 97 12.11 13.20 14.66
C OCS B 97 15.14 12.44 12.86
O OCS B 97 15.87 13.38 12.53
OD1 OCS B 97 13.25 13.87 15.20
OD2 OCS B 97 11.39 12.40 15.77
OD3 OCS B 97 11.16 13.95 13.87
N LEU B 98 15.62 11.38 13.51
CA LEU B 98 16.98 11.35 14.03
C LEU B 98 17.97 11.10 12.88
N GLY B 102 21.22 13.47 12.74
CA GLY B 102 21.84 12.39 11.95
C GLY B 102 22.62 12.92 10.76
N ILE B 103 21.95 13.01 9.59
CA ILE B 103 22.56 13.47 8.30
C ILE B 103 23.04 14.91 8.47
N ALA B 104 22.24 15.77 9.09
CA ALA B 104 22.52 17.19 9.36
C ALA B 104 23.86 17.32 10.11
N GLN B 105 23.97 16.67 11.28
CA GLN B 105 25.12 16.76 12.20
C GLN B 105 26.35 16.09 11.58
N LEU B 106 26.16 14.98 10.85
CA LEU B 106 27.26 14.13 10.31
C LEU B 106 28.15 14.92 9.34
N PHE B 107 27.57 15.81 8.53
CA PHE B 107 28.28 16.62 7.50
C PHE B 107 28.58 18.03 8.03
N GLY B 108 28.79 18.16 9.35
CA GLY B 108 29.22 19.41 10.00
C GLY B 108 28.11 20.46 10.05
N GLY B 109 26.85 20.01 10.10
CA GLY B 109 25.67 20.89 10.31
C GLY B 109 25.35 21.03 11.78
N THR B 110 24.47 21.97 12.13
CA THR B 110 24.12 22.34 13.53
C THR B 110 22.84 21.63 13.96
N VAL B 111 22.82 21.14 15.19
CA VAL B 111 21.59 20.63 15.90
C VAL B 111 21.23 21.65 16.99
N GLY B 112 20.31 22.56 16.69
CA GLY B 112 19.88 23.66 17.57
C GLY B 112 18.42 23.53 17.97
N LEU B 113 18.06 24.07 19.15
CA LEU B 113 16.68 24.05 19.70
C LEU B 113 15.72 24.74 18.73
N ALA B 114 14.56 24.12 18.48
CA ALA B 114 13.46 24.67 17.65
C ALA B 114 12.79 25.80 18.43
N PRO B 115 12.03 26.71 17.75
CA PRO B 115 11.32 27.78 18.44
C PRO B 115 10.44 27.25 19.58
N GLU B 116 9.71 26.16 19.31
CA GLU B 116 8.83 25.45 20.29
C GLU B 116 9.06 23.95 20.16
N PRO B 117 9.38 23.24 21.27
CA PRO B 117 9.32 21.77 21.28
C PRO B 117 7.94 21.27 20.82
N MET B 118 7.92 20.24 19.97
CA MET B 118 6.65 19.70 19.39
C MET B 118 6.72 18.18 19.28
N HIS B 119 5.97 17.50 20.15
CA HIS B 119 5.83 16.03 20.21
C HIS B 119 4.36 15.67 19.96
N GLY B 120 4.09 14.87 18.93
CA GLY B 120 2.73 14.47 18.51
C GLY B 120 1.89 15.67 18.10
N ARG B 121 2.54 16.75 17.66
CA ARG B 121 1.90 18.04 17.30
C ARG B 121 1.96 18.21 15.77
N VAL B 122 0.81 18.50 15.15
CA VAL B 122 0.71 18.68 13.66
C VAL B 122 1.29 20.05 13.30
N SER B 123 1.86 20.14 12.09
CA SER B 123 2.23 21.42 11.43
C SER B 123 2.02 21.27 9.92
N GLU B 124 1.73 22.38 9.24
CA GLU B 124 1.63 22.46 7.77
C GLU B 124 3.06 22.57 7.21
N VAL B 125 3.45 21.64 6.35
CA VAL B 125 4.80 21.58 5.71
C VAL B 125 4.67 22.09 4.27
N ARG B 126 5.40 23.15 3.92
CA ARG B 126 5.52 23.66 2.53
C ARG B 126 6.88 23.22 1.99
N HIS B 127 6.93 22.85 0.70
CA HIS B 127 8.10 22.21 0.06
C HIS B 127 8.18 22.59 -1.43
N THR B 128 9.27 22.18 -2.08
CA THR B 128 9.62 22.48 -3.50
C THR B 128 9.01 21.42 -4.43
N GLY B 129 8.50 20.32 -3.87
CA GLY B 129 7.91 19.20 -4.63
C GLY B 129 8.98 18.29 -5.19
N GLU B 130 10.18 18.29 -4.57
CA GLU B 130 11.39 17.60 -5.10
C GLU B 130 11.70 16.33 -4.27
N ASP B 131 12.12 15.27 -4.98
CA ASP B 131 12.62 13.99 -4.42
C ASP B 131 11.50 13.35 -3.58
N VAL B 132 11.66 13.29 -2.25
CA VAL B 132 10.72 12.56 -1.34
C VAL B 132 9.38 13.30 -1.28
N PHE B 133 9.32 14.54 -1.75
CA PHE B 133 8.10 15.40 -1.74
C PHE B 133 7.41 15.41 -3.12
N ARG B 134 7.88 14.63 -4.09
CA ARG B 134 7.29 14.54 -5.45
C ARG B 134 5.80 14.22 -5.34
N GLY B 135 4.95 15.07 -5.93
CA GLY B 135 3.51 14.80 -6.11
C GLY B 135 2.69 15.12 -4.87
N LEU B 136 3.31 15.55 -3.78
CA LEU B 136 2.62 15.98 -2.54
C LEU B 136 2.14 17.42 -2.72
N PRO B 137 0.91 17.76 -2.28
CA PRO B 137 0.47 19.15 -2.27
C PRO B 137 1.27 19.94 -1.24
N SER B 138 1.39 21.26 -1.45
CA SER B 138 2.04 22.22 -0.53
C SER B 138 1.03 23.31 -0.16
N PRO B 139 0.62 23.44 1.12
CA PRO B 139 1.14 22.61 2.22
C PRO B 139 0.49 21.21 2.29
N PHE B 140 1.08 20.32 3.09
CA PHE B 140 0.44 19.07 3.60
C PHE B 140 0.70 19.00 5.10
N THR B 141 -0.09 18.20 5.82
CA THR B 141 -0.08 18.05 7.29
C THR B 141 0.90 16.93 7.68
N ALA B 142 1.77 17.20 8.64
CA ALA B 142 2.78 16.25 9.18
C ALA B 142 2.85 16.39 10.70
N VAL B 143 2.99 15.27 11.41
CA VAL B 143 3.20 15.21 12.89
C VAL B 143 4.70 15.26 13.15
N ARG B 144 5.11 16.02 14.18
CA ARG B 144 6.51 16.24 14.60
C ARG B 144 6.72 15.62 15.99
N TYR B 145 7.88 14.99 16.20
CA TYR B 145 8.32 14.33 17.46
C TYR B 145 9.75 14.74 17.81
N HIS B 146 10.03 16.05 17.88
CA HIS B 146 11.40 16.57 18.13
C HIS B 146 11.35 17.92 18.87
N SER B 147 12.35 18.16 19.72
CA SER B 147 12.63 19.45 20.40
C SER B 147 13.86 20.11 19.76
N LEU B 148 14.55 19.39 18.86
CA LEU B 148 15.80 19.81 18.17
C LEU B 148 15.57 19.82 16.65
N ALA B 149 16.10 20.84 15.96
CA ALA B 149 16.02 21.03 14.50
C ALA B 149 17.39 21.42 13.94
N ALA B 150 17.46 21.67 12.63
CA ALA B 150 18.67 22.11 11.90
C ALA B 150 18.58 23.62 11.63
N THR B 151 19.37 24.42 12.36
CA THR B 151 19.47 25.90 12.18
C THR B 151 20.26 26.18 10.90
N ASP B 152 21.59 26.01 10.96
CA ASP B 152 22.53 26.18 9.81
C ASP B 152 22.59 24.86 9.03
N LEU B 153 22.85 24.95 7.73
CA LEU B 153 23.12 23.79 6.84
C LEU B 153 24.40 24.05 6.04
N PRO B 154 25.38 23.11 6.05
CA PRO B 154 26.55 23.21 5.19
C PRO B 154 26.20 23.26 3.70
N ASP B 155 27.16 23.67 2.87
CA ASP B 155 27.01 23.81 1.39
C ASP B 155 26.45 22.52 0.80
N GLU B 156 26.92 21.37 1.28
CA GLU B 156 26.62 20.02 0.72
C GLU B 156 25.13 19.69 0.89
N LEU B 157 24.55 20.08 2.03
CA LEU B 157 23.11 19.84 2.35
C LEU B 157 22.27 20.97 1.73
N GLU B 158 21.00 20.68 1.45
CA GLU B 158 20.03 21.58 0.78
C GLU B 158 18.64 21.34 1.36
N PRO B 159 17.96 22.37 1.93
CA PRO B 159 16.61 22.21 2.45
C PRO B 159 15.58 22.04 1.33
N LEU B 160 14.57 21.19 1.56
CA LEU B 160 13.51 20.82 0.58
C LEU B 160 12.11 21.17 1.11
N ALA B 161 11.97 21.45 2.40
CA ALA B 161 10.66 21.57 3.09
C ALA B 161 10.80 22.41 4.35
N TRP B 162 9.75 23.14 4.71
CA TRP B 162 9.70 24.09 5.85
C TRP B 162 8.33 24.00 6.54
N SER B 163 8.31 24.14 7.86
CA SER B 163 7.09 24.09 8.71
C SER B 163 6.43 25.48 8.73
N ASP B 164 5.27 25.59 9.38
CA ASP B 164 4.48 26.85 9.50
C ASP B 164 5.09 27.76 10.56
N ASP B 165 6.07 27.28 11.34
CA ASP B 165 6.85 28.10 12.32
C ASP B 165 8.32 28.22 11.87
N GLY B 166 8.58 28.09 10.57
CA GLY B 166 9.89 28.39 9.93
C GLY B 166 11.01 27.47 10.39
N VAL B 167 10.76 26.16 10.44
CA VAL B 167 11.77 25.11 10.77
C VAL B 167 11.92 24.20 9.55
N VAL B 168 13.15 23.81 9.21
CA VAL B 168 13.44 22.88 8.07
C VAL B 168 12.83 21.52 8.39
N MET B 169 11.96 21.02 7.51
CA MET B 169 11.20 19.76 7.66
C MET B 169 11.75 18.70 6.68
N GLY B 170 12.60 19.10 5.73
CA GLY B 170 13.16 18.20 4.69
C GLY B 170 14.51 18.69 4.19
N LEU B 171 15.44 17.78 3.92
CA LEU B 171 16.77 18.11 3.35
C LEU B 171 17.29 16.96 2.48
N ARG B 172 18.34 17.23 1.70
CA ARG B 172 19.11 16.22 0.94
C ARG B 172 20.58 16.67 0.87
N HIS B 173 21.49 15.72 0.61
CA HIS B 173 22.89 15.97 0.19
C HIS B 173 22.89 16.20 -1.32
N ARG B 174 23.65 17.19 -1.81
CA ARG B 174 23.57 17.66 -3.21
C ARG B 174 24.23 16.65 -4.17
N GLU B 175 24.99 15.68 -3.66
CA GLU B 175 25.73 14.67 -4.45
C GLU B 175 25.35 13.24 -4.01
N LYS B 176 25.66 12.90 -2.75
CA LYS B 176 25.37 11.58 -2.13
C LYS B 176 23.85 11.39 -2.04
N PRO B 177 23.33 10.15 -2.15
CA PRO B 177 21.89 9.91 -2.12
C PRO B 177 21.33 9.81 -0.69
N LEU B 178 21.40 10.93 0.06
CA LEU B 178 20.92 11.03 1.46
C LEU B 178 19.72 11.99 1.49
N TRP B 179 18.61 11.56 2.11
CA TRP B 179 17.40 12.38 2.31
C TRP B 179 17.01 12.39 3.80
N GLY B 180 16.64 13.57 4.30
CA GLY B 180 16.26 13.81 5.70
C GLY B 180 14.84 14.35 5.78
N VAL B 181 14.07 13.87 6.76
CA VAL B 181 12.66 14.28 7.02
C VAL B 181 12.50 14.45 8.52
N GLN B 182 12.29 15.69 9.00
CA GLN B 182 12.20 16.05 10.43
C GLN B 182 10.73 16.02 10.88
N PHE B 183 9.95 15.08 10.34
CA PHE B 183 8.57 14.73 10.76
C PHE B 183 8.42 13.22 10.64
N HIS B 184 7.35 12.67 11.19
CA HIS B 184 7.00 11.22 11.10
C HIS B 184 5.99 11.02 9.98
N PRO B 185 6.40 10.58 8.77
CA PRO B 185 5.46 10.31 7.70
C PRO B 185 4.43 9.23 8.11
N GLU B 186 4.84 8.29 8.97
CA GLU B 186 4.07 7.08 9.33
C GLU B 186 3.07 7.38 10.46
N SER B 187 3.12 8.58 11.05
CA SER B 187 2.20 9.00 12.15
C SER B 187 0.77 9.09 11.61
N ILE B 188 -0.21 8.74 12.45
CA ILE B 188 -1.65 8.73 12.10
C ILE B 188 -2.10 10.14 11.70
N GLY B 189 -1.51 11.19 12.30
CA GLY B 189 -1.87 12.60 12.06
C GLY B 189 -1.16 13.20 10.85
N SER B 190 -0.25 12.46 10.22
CA SER B 190 0.47 12.87 8.98
C SER B 190 -0.33 12.43 7.75
N ASP B 191 -0.17 13.14 6.63
CA ASP B 191 -0.75 12.79 5.30
C ASP B 191 0.40 12.47 4.33
N PHE B 192 0.13 11.60 3.35
CA PHE B 192 1.00 11.29 2.18
C PHE B 192 2.28 10.58 2.63
N GLY B 193 2.23 9.84 3.73
CA GLY B 193 3.36 9.08 4.30
C GLY B 193 3.78 7.94 3.38
N ARG B 194 2.81 7.18 2.86
CA ARG B 194 3.02 6.09 1.87
C ARG B 194 3.68 6.67 0.62
N GLU B 195 3.24 7.85 0.18
CA GLU B 195 3.75 8.55 -1.03
C GLU B 195 5.23 8.92 -0.81
N ILE B 196 5.61 9.33 0.39
CA ILE B 196 7.01 9.71 0.76
C ILE B 196 7.92 8.47 0.67
N MET B 197 7.47 7.31 1.17
CA MET B 197 8.30 6.08 1.21
C MET B 197 8.45 5.52 -0.22
N ALA B 198 7.40 5.62 -1.04
CA ALA B 198 7.41 5.23 -2.48
C ALA B 198 8.36 6.15 -3.25
N ASN B 199 8.27 7.46 -3.02
CA ASN B 199 9.19 8.47 -3.63
C ASN B 199 10.64 8.08 -3.30
N PHE B 200 10.93 7.66 -2.06
CA PHE B 200 12.30 7.28 -1.61
C PHE B 200 12.74 6.00 -2.31
N ARG B 201 11.82 5.04 -2.47
CA ARG B 201 12.06 3.77 -3.23
C ARG B 201 12.46 4.13 -4.66
N ASP B 202 11.71 5.04 -5.30
CA ASP B 202 11.94 5.50 -6.69
C ASP B 202 13.35 6.09 -6.81
N LEU B 203 13.72 6.99 -5.89
CA LEU B 203 15.04 7.67 -5.86
C LEU B 203 16.15 6.63 -5.69
N ALA B 204 15.92 5.60 -4.88
CA ALA B 204 16.87 4.50 -4.62
C ALA B 204 17.08 3.69 -5.91
N LEU B 205 16.02 3.44 -6.68
CA LEU B 205 16.10 2.74 -7.99
C LEU B 205 16.93 3.58 -8.96
N ALA B 206 16.70 4.90 -8.99
CA ALA B 206 17.39 5.86 -9.88
C ALA B 206 18.91 5.86 -9.59
N HIS B 207 19.29 5.86 -8.30
CA HIS B 207 20.72 5.87 -7.86
C HIS B 207 21.43 4.60 -8.33
N HIS B 208 20.76 3.45 -8.25
CA HIS B 208 21.34 2.11 -8.58
C HIS B 208 21.37 1.90 -10.09
N ARG B 209 20.41 2.44 -10.84
CA ARG B 209 20.40 2.39 -12.32
C ARG B 209 21.50 3.33 -12.86
N ALA B 210 21.85 4.38 -12.11
CA ALA B 210 22.82 5.41 -12.49
C ALA B 210 24.27 4.92 -12.26
N ARG B 211 24.52 4.22 -11.14
CA ARG B 211 25.89 3.85 -10.68
C ARG B 211 26.50 2.81 -11.63
N ARG B 212 25.67 2.01 -12.31
CA ARG B 212 26.11 0.97 -13.28
C ARG B 212 26.63 1.65 -14.55
N HIS B 213 26.02 2.77 -14.95
CA HIS B 213 26.36 3.58 -16.16
C HIS B 213 27.42 4.62 -15.79
N ASP B 216 34.51 1.53 -16.86
CA ASP B 216 35.19 0.87 -18.02
C ASP B 216 34.33 1.09 -19.28
N SER B 217 34.30 2.33 -19.78
CA SER B 217 33.49 2.76 -20.96
C SER B 217 34.33 2.66 -22.23
N PRO B 218 33.78 2.07 -23.32
CA PRO B 218 34.54 1.92 -24.57
C PRO B 218 34.69 3.23 -25.36
N TYR B 219 33.71 4.14 -25.23
CA TYR B 219 33.62 5.43 -25.96
C TYR B 219 33.85 6.60 -25.01
N GLU B 220 34.12 7.78 -25.59
CA GLU B 220 34.27 9.08 -24.87
C GLU B 220 33.37 10.10 -25.57
N LEU B 221 32.51 10.77 -24.80
CA LEU B 221 31.47 11.71 -25.31
C LEU B 221 31.98 13.15 -25.20
N HIS B 222 32.07 13.85 -26.34
CA HIS B 222 32.41 15.30 -26.43
C HIS B 222 31.15 16.09 -26.81
N VAL B 223 30.92 17.22 -26.13
CA VAL B 223 29.71 18.08 -26.31
C VAL B 223 30.14 19.54 -26.39
N ARG B 224 29.66 20.27 -27.40
CA ARG B 224 29.83 21.74 -27.56
C ARG B 224 28.45 22.37 -27.79
N ARG B 225 28.12 23.40 -26.99
CA ARG B 225 26.91 24.25 -27.14
C ARG B 225 27.23 25.37 -28.13
N VAL B 226 26.35 25.60 -29.10
CA VAL B 226 26.44 26.70 -30.10
C VAL B 226 25.17 27.53 -30.00
N ASP B 227 25.28 28.77 -29.50
CA ASP B 227 24.10 29.64 -29.16
C ASP B 227 23.56 30.28 -30.44
N VAL B 228 23.16 29.44 -31.39
CA VAL B 228 22.41 29.82 -32.65
C VAL B 228 21.41 28.70 -32.93
N LEU B 229 20.25 29.03 -33.49
CA LEU B 229 19.21 28.05 -33.90
C LEU B 229 18.81 28.33 -35.35
N PRO B 230 19.36 27.57 -36.33
CA PRO B 230 18.93 27.68 -37.72
C PRO B 230 17.63 26.90 -37.96
N ASP B 231 17.05 27.07 -39.15
CA ASP B 231 15.86 26.31 -39.62
C ASP B 231 16.25 24.83 -39.71
N ALA B 232 15.44 23.95 -39.09
CA ALA B 232 15.68 22.49 -38.99
C ALA B 232 15.83 21.89 -40.39
N GLU B 233 14.98 22.30 -41.35
CA GLU B 233 14.96 21.76 -42.73
C GLU B 233 16.23 22.17 -43.48
N GLU B 234 16.82 23.32 -43.14
CA GLU B 234 18.07 23.82 -43.79
C GLU B 234 19.30 23.13 -43.19
N VAL B 235 19.18 22.57 -41.98
CA VAL B 235 20.25 21.74 -41.35
C VAL B 235 20.29 20.39 -42.08
N ARG B 236 19.12 19.81 -42.37
CA ARG B 236 18.96 18.57 -43.17
C ARG B 236 19.60 18.78 -44.55
N ARG B 237 19.24 19.85 -45.25
CA ARG B 237 19.74 20.18 -46.62
C ARG B 237 21.24 20.48 -46.57
N GLY B 238 21.67 21.29 -45.60
CA GLY B 238 23.01 21.88 -45.53
C GLY B 238 24.05 20.94 -44.93
N CYS B 239 23.78 20.36 -43.76
CA CYS B 239 24.76 19.61 -42.93
C CYS B 239 24.77 18.11 -43.29
N LEU B 240 23.63 17.55 -43.71
CA LEU B 240 23.49 16.11 -44.08
C LEU B 240 23.47 15.96 -45.60
N PRO B 241 23.90 14.79 -46.15
CA PRO B 241 23.92 14.57 -47.59
C PRO B 241 22.58 14.08 -48.15
N GLY B 242 22.29 14.43 -49.41
CA GLY B 242 21.04 14.07 -50.14
C GLY B 242 20.89 12.57 -50.29
N GLU B 243 22.00 11.87 -50.58
CA GLU B 243 22.08 10.38 -50.62
C GLU B 243 23.02 9.90 -49.50
N GLY B 244 22.74 8.72 -48.94
CA GLY B 244 23.44 8.15 -47.77
C GLY B 244 22.48 7.93 -46.61
N THR B 245 22.92 7.19 -45.59
CA THR B 245 22.10 6.80 -44.41
C THR B 245 22.07 7.99 -43.43
N THR B 246 20.88 8.62 -43.26
CA THR B 246 20.67 9.81 -42.38
C THR B 246 19.40 9.61 -41.54
N PHE B 247 19.26 10.43 -40.49
CA PHE B 247 18.05 10.51 -39.62
C PHE B 247 17.76 11.97 -39.30
N TRP B 248 16.46 12.29 -39.15
CA TRP B 248 15.94 13.61 -38.73
C TRP B 248 14.73 13.40 -37.82
N LEU B 249 14.97 13.36 -36.51
CA LEU B 249 13.91 13.33 -35.47
C LEU B 249 13.39 14.77 -35.32
N ASP B 250 12.16 15.01 -35.78
CA ASP B 250 11.62 16.35 -36.13
C ASP B 250 10.45 16.70 -35.21
N SER B 251 10.72 17.46 -34.15
CA SER B 251 9.68 18.20 -33.38
C SER B 251 9.15 19.34 -34.26
N SER B 252 8.39 18.98 -35.29
CA SER B 252 7.76 19.92 -36.26
C SER B 252 6.75 20.80 -35.51
N SER B 253 6.12 20.25 -34.47
CA SER B 253 5.32 20.97 -33.46
C SER B 253 6.11 21.01 -32.14
N VAL B 254 6.29 22.22 -31.58
CA VAL B 254 7.09 22.47 -30.34
C VAL B 254 6.19 23.18 -29.31
N LEU B 255 5.80 22.48 -28.25
CA LEU B 255 4.95 22.99 -27.13
C LEU B 255 5.64 22.64 -25.80
N GLU B 256 5.59 23.56 -24.83
CA GLU B 256 6.26 23.42 -23.50
C GLU B 256 5.80 22.12 -22.83
N GLY B 257 6.76 21.23 -22.52
CA GLY B 257 6.53 19.97 -21.78
C GLY B 257 5.93 18.88 -22.64
N ALA B 258 5.98 19.02 -23.97
CA ALA B 258 5.42 18.08 -24.97
C ALA B 258 6.47 17.70 -26.01
N SER B 259 7.15 18.71 -26.57
CA SER B 259 8.26 18.58 -27.56
C SER B 259 9.13 19.84 -27.49
N ARG B 260 10.46 19.67 -27.56
CA ARG B 260 11.45 20.76 -27.38
C ARG B 260 12.66 20.59 -28.32
N PHE B 261 13.02 19.36 -28.70
CA PHE B 261 14.32 19.05 -29.36
C PHE B 261 14.10 18.37 -30.72
N SER B 262 15.03 18.59 -31.63
CA SER B 262 15.17 17.84 -32.92
C SER B 262 16.60 17.30 -33.02
N PHE B 263 16.76 16.09 -33.54
CA PHE B 263 18.06 15.38 -33.67
C PHE B 263 18.28 14.98 -35.13
N LEU B 264 19.43 15.39 -35.70
CA LEU B 264 19.84 15.11 -37.10
C LEU B 264 21.25 14.51 -37.09
N GLY B 265 21.52 13.58 -38.02
CA GLY B 265 22.83 12.91 -38.15
C GLY B 265 22.90 12.01 -39.37
N ASP B 266 24.10 11.47 -39.65
CA ASP B 266 24.41 10.61 -40.82
C ASP B 266 25.36 9.50 -40.37
N ASP B 267 25.78 8.63 -41.31
CA ASP B 267 26.66 7.45 -41.04
C ASP B 267 28.09 7.72 -41.52
N ARG B 268 28.49 8.99 -41.70
CA ARG B 268 29.81 9.39 -42.24
C ARG B 268 30.90 9.29 -41.17
N GLY B 269 30.51 9.21 -39.89
CA GLY B 269 31.46 9.16 -38.74
C GLY B 269 32.32 7.90 -38.76
N PRO B 270 33.50 7.91 -38.09
CA PRO B 270 34.38 6.74 -38.06
C PRO B 270 33.79 5.54 -37.32
N LEU B 271 32.97 5.78 -36.30
CA LEU B 271 32.41 4.75 -35.37
C LEU B 271 30.96 4.43 -35.72
N ALA B 272 30.37 5.14 -36.70
CA ALA B 272 28.96 4.98 -37.14
C ALA B 272 28.73 3.56 -37.69
N GLU B 273 27.55 2.99 -37.41
CA GLU B 273 27.13 1.65 -37.88
C GLU B 273 25.65 1.71 -38.30
N TYR B 274 25.31 1.07 -39.42
CA TYR B 274 23.91 0.78 -39.82
C TYR B 274 23.58 -0.67 -39.45
N LEU B 275 22.50 -0.86 -38.69
CA LEU B 275 22.10 -2.15 -38.08
C LEU B 275 20.68 -2.51 -38.54
N THR B 276 20.51 -3.67 -39.19
CA THR B 276 19.19 -4.22 -39.62
C THR B 276 19.03 -5.66 -39.10
N TYR B 277 17.78 -6.14 -39.08
CA TYR B 277 17.38 -7.47 -38.55
C TYR B 277 16.29 -8.07 -39.43
N ARG B 278 16.25 -9.40 -39.52
CA ARG B 278 15.18 -10.21 -40.16
C ARG B 278 14.68 -11.24 -39.15
N VAL B 279 13.36 -11.33 -38.95
CA VAL B 279 12.73 -12.36 -38.06
C VAL B 279 12.79 -13.72 -38.78
N ALA B 280 12.77 -13.72 -40.12
CA ALA B 280 12.87 -14.92 -40.98
C ALA B 280 14.12 -15.72 -40.61
N ASP B 281 15.30 -15.10 -40.68
CA ASP B 281 16.61 -15.73 -40.38
C ASP B 281 16.85 -15.71 -38.87
N GLY B 282 16.47 -14.61 -38.20
CA GLY B 282 16.88 -14.29 -36.82
C GLY B 282 18.32 -13.79 -36.79
N VAL B 283 18.71 -13.03 -37.83
CA VAL B 283 20.11 -12.60 -38.10
C VAL B 283 20.23 -11.09 -37.89
N VAL B 284 21.22 -10.67 -37.10
CA VAL B 284 21.60 -9.25 -36.88
C VAL B 284 22.72 -8.88 -37.87
N SER B 285 22.42 -8.01 -38.83
CA SER B 285 23.39 -7.46 -39.82
C SER B 285 23.81 -6.05 -39.40
N VAL B 286 25.08 -5.87 -39.05
CA VAL B 286 25.69 -4.56 -38.64
C VAL B 286 26.75 -4.17 -39.66
N ARG B 287 26.62 -2.97 -40.24
CA ARG B 287 27.45 -2.43 -41.35
C ARG B 287 28.32 -1.30 -40.82
N GLY B 288 29.60 -1.57 -40.57
CA GLY B 288 30.61 -0.60 -40.10
C GLY B 288 30.83 0.50 -41.13
N SER B 289 31.48 1.60 -40.71
CA SER B 289 31.79 2.78 -41.57
C SER B 289 32.94 2.45 -42.53
N ASP B 290 33.66 1.35 -42.28
CA ASP B 290 34.69 0.78 -43.19
C ASP B 290 34.01 0.25 -44.46
N GLY B 291 32.84 -0.39 -44.33
CA GLY B 291 32.02 -0.87 -45.46
C GLY B 291 31.60 -2.34 -45.32
N THR B 292 32.31 -3.12 -44.49
CA THR B 292 32.04 -4.57 -44.27
C THR B 292 30.80 -4.74 -43.38
N THR B 293 30.02 -5.80 -43.60
CA THR B 293 28.79 -6.15 -42.86
C THR B 293 28.98 -7.48 -42.14
N THR B 294 28.94 -7.47 -40.80
CA THR B 294 29.14 -8.67 -39.93
C THR B 294 27.78 -9.16 -39.43
N ARG B 295 27.51 -10.46 -39.55
CA ARG B 295 26.19 -11.09 -39.27
C ARG B 295 26.27 -11.91 -37.97
N THR B 296 25.20 -11.89 -37.17
CA THR B 296 25.11 -12.51 -35.82
C THR B 296 23.71 -13.11 -35.62
N ARG B 297 23.63 -14.40 -35.28
CA ARG B 297 22.36 -15.10 -34.94
C ARG B 297 22.04 -14.86 -33.46
N ARG B 298 21.11 -13.95 -33.16
CA ARG B 298 20.70 -13.58 -31.78
C ARG B 298 19.38 -12.82 -31.84
N PRO B 299 18.39 -13.13 -30.96
CA PRO B 299 17.16 -12.34 -30.88
C PRO B 299 17.49 -10.85 -30.72
N PHE B 300 16.83 -9.99 -31.49
CA PHE B 300 17.21 -8.56 -31.66
C PHE B 300 17.29 -7.84 -30.31
N PHE B 301 16.25 -7.99 -29.48
CA PHE B 301 16.12 -7.32 -28.16
C PHE B 301 17.27 -7.79 -27.24
N ASN B 302 17.72 -9.04 -27.40
CA ASN B 302 18.88 -9.60 -26.64
C ASN B 302 20.18 -9.00 -27.18
N TYR B 303 20.28 -8.78 -28.49
CA TYR B 303 21.45 -8.10 -29.13
C TYR B 303 21.50 -6.64 -28.68
N LEU B 304 20.38 -5.92 -28.79
CA LEU B 304 20.26 -4.47 -28.44
C LEU B 304 20.60 -4.29 -26.95
N GLU B 305 20.06 -5.14 -26.08
CA GLU B 305 20.36 -5.15 -24.62
C GLU B 305 21.86 -5.32 -24.41
N GLU B 306 22.46 -6.33 -25.07
CA GLU B 306 23.89 -6.71 -24.94
C GLU B 306 24.76 -5.51 -25.37
N GLN B 307 24.42 -4.87 -26.49
CA GLN B 307 25.19 -3.75 -27.10
C GLN B 307 25.09 -2.51 -26.21
N LEU B 308 23.88 -2.18 -25.74
CA LEU B 308 23.63 -1.00 -24.85
C LEU B 308 24.36 -1.19 -23.52
N GLU B 309 24.45 -2.44 -23.03
CA GLU B 309 25.17 -2.79 -21.77
C GLU B 309 26.68 -2.58 -21.97
N ARG B 310 27.21 -3.03 -23.11
CA ARG B 310 28.65 -2.91 -23.49
C ARG B 310 29.02 -1.43 -23.68
N ARG B 311 28.15 -0.65 -24.34
CA ARG B 311 28.44 0.72 -24.84
C ARG B 311 27.90 1.78 -23.88
N ARG B 312 27.70 1.45 -22.60
CA ARG B 312 27.14 2.39 -21.59
C ARG B 312 28.06 3.61 -21.45
N VAL B 313 27.51 4.82 -21.64
CA VAL B 313 28.18 6.13 -21.41
C VAL B 313 27.31 6.95 -20.46
N PRO B 314 27.86 7.52 -19.37
CA PRO B 314 27.04 8.26 -18.41
C PRO B 314 26.31 9.47 -19.01
N VAL B 315 25.14 9.81 -18.45
CA VAL B 315 24.37 11.05 -18.76
C VAL B 315 25.30 12.26 -18.62
N ALA B 316 25.21 13.22 -19.55
CA ALA B 316 25.96 14.49 -19.55
C ALA B 316 25.03 15.61 -19.08
N PRO B 317 25.17 16.11 -17.82
CA PRO B 317 24.23 17.10 -17.28
C PRO B 317 24.33 18.50 -17.91
N GLU B 318 25.34 18.73 -18.76
CA GLU B 318 25.43 19.92 -19.65
C GLU B 318 24.20 19.96 -20.57
N LEU B 319 23.76 18.78 -21.02
CA LEU B 319 22.65 18.59 -21.98
C LEU B 319 21.32 18.64 -21.24
N PRO B 320 20.33 19.45 -21.71
CA PRO B 320 18.99 19.44 -21.12
C PRO B 320 18.12 18.28 -21.66
N PHE B 321 18.62 17.52 -22.62
CA PHE B 321 17.94 16.33 -23.22
C PHE B 321 18.69 15.05 -22.77
N GLU B 322 18.05 13.90 -22.96
CA GLU B 322 18.49 12.58 -22.45
C GLU B 322 19.24 11.79 -23.53
N PHE B 323 19.05 12.11 -24.82
CA PHE B 323 19.74 11.43 -25.94
C PHE B 323 21.24 11.69 -25.83
N ASN B 324 21.99 10.61 -25.57
CA ASN B 324 23.42 10.61 -25.19
C ASN B 324 24.26 10.15 -26.40
N LEU B 325 23.69 10.26 -27.60
CA LEU B 325 24.06 9.47 -28.81
C LEU B 325 23.65 8.01 -28.60
N GLY B 326 23.70 7.20 -29.67
CA GLY B 326 23.34 5.78 -29.67
C GLY B 326 22.59 5.38 -30.92
N TYR B 327 21.63 4.47 -30.79
CA TYR B 327 20.85 3.87 -31.90
C TYR B 327 19.61 4.72 -32.19
N VAL B 328 19.45 5.17 -33.43
CA VAL B 328 18.25 5.90 -33.94
C VAL B 328 17.64 5.09 -35.08
N GLY B 329 16.35 4.77 -34.99
CA GLY B 329 15.64 3.99 -36.03
C GLY B 329 14.30 3.47 -35.54
N TYR B 330 13.87 2.31 -36.06
CA TYR B 330 12.51 1.76 -35.87
C TYR B 330 12.57 0.27 -35.52
N LEU B 331 11.55 -0.18 -34.80
CA LEU B 331 11.23 -1.61 -34.50
C LEU B 331 9.96 -1.96 -35.30
N GLY B 332 10.06 -2.87 -36.26
CA GLY B 332 8.91 -3.31 -37.09
C GLY B 332 7.91 -4.10 -36.28
N TYR B 333 6.63 -4.02 -36.64
CA TYR B 333 5.50 -4.75 -35.98
C TYR B 333 5.83 -6.24 -35.87
N GLU B 334 6.49 -6.82 -36.87
CA GLU B 334 6.72 -8.29 -36.99
C GLU B 334 7.75 -8.76 -35.96
N LEU B 335 8.45 -7.85 -35.27
CA LEU B 335 9.33 -8.17 -34.12
C LEU B 335 8.51 -8.81 -32.99
N LYS B 336 7.18 -8.73 -33.07
CA LYS B 336 6.21 -9.37 -32.14
C LYS B 336 6.52 -10.87 -32.00
N ALA B 337 7.07 -11.50 -33.04
CA ALA B 337 7.49 -12.92 -33.07
C ALA B 337 8.48 -13.21 -31.92
N GLU B 338 9.20 -12.19 -31.44
CA GLU B 338 10.25 -12.32 -30.40
C GLU B 338 9.77 -11.71 -29.06
N THR B 339 8.56 -11.13 -29.02
CA THR B 339 7.89 -10.68 -27.77
C THR B 339 6.81 -11.72 -27.39
N THR B 340 5.52 -11.41 -27.56
CA THR B 340 4.37 -12.29 -27.20
C THR B 340 3.60 -12.72 -28.45
N GLY B 341 4.10 -12.42 -29.66
CA GLY B 341 3.39 -12.62 -30.94
C GLY B 341 3.91 -13.81 -31.72
N ASP B 342 3.26 -14.12 -32.85
CA ASP B 342 3.60 -15.23 -33.78
C ASP B 342 4.11 -14.65 -35.09
N PRO B 343 5.10 -15.29 -35.75
CA PRO B 343 5.59 -14.83 -37.05
C PRO B 343 4.68 -15.30 -38.20
N ALA B 344 3.49 -14.71 -38.31
CA ALA B 344 2.41 -15.10 -39.25
C ALA B 344 2.68 -14.54 -40.65
N HIS B 345 3.37 -13.40 -40.74
CA HIS B 345 3.66 -12.67 -42.01
C HIS B 345 5.07 -12.08 -41.99
N ARG B 346 5.78 -12.17 -43.11
CA ARG B 346 7.13 -11.57 -43.31
C ARG B 346 6.98 -10.16 -43.91
N SER B 347 7.57 -9.15 -43.27
CA SER B 347 7.64 -7.75 -43.78
C SER B 347 8.57 -7.69 -44.99
N PRO B 348 8.23 -6.92 -46.04
CA PRO B 348 9.15 -6.70 -47.16
C PRO B 348 10.33 -5.80 -46.75
N HIS B 349 10.14 -4.98 -45.71
CA HIS B 349 11.17 -4.08 -45.13
C HIS B 349 11.89 -4.79 -44.00
N PRO B 350 13.10 -4.34 -43.60
CA PRO B 350 13.77 -4.85 -42.41
C PRO B 350 12.89 -4.76 -41.16
N ASP B 351 12.93 -5.79 -40.31
CA ASP B 351 12.07 -5.94 -39.10
C ASP B 351 12.59 -5.03 -37.98
N ALA B 352 13.87 -4.65 -38.04
CA ALA B 352 14.46 -3.52 -37.30
C ALA B 352 15.48 -2.82 -38.21
N ALA B 353 15.75 -1.54 -37.95
CA ALA B 353 16.71 -0.70 -38.71
C ALA B 353 17.15 0.48 -37.85
N PHE B 354 18.40 0.46 -37.39
CA PHE B 354 19.00 1.50 -36.51
C PHE B 354 20.36 1.94 -37.05
N LEU B 355 20.54 3.25 -37.20
CA LEU B 355 21.87 3.89 -37.38
C LEU B 355 22.46 4.12 -35.99
N PHE B 356 23.61 3.52 -35.70
CA PHE B 356 24.41 3.85 -34.48
C PHE B 356 25.08 5.20 -34.72
N ALA B 357 24.44 6.27 -34.25
CA ALA B 357 24.88 7.68 -34.43
C ALA B 357 26.04 7.96 -33.49
N ASP B 358 27.25 8.14 -34.04
CA ASP B 358 28.48 8.54 -33.30
C ASP B 358 28.62 10.06 -33.36
N ARG B 359 27.84 10.73 -34.20
CA ARG B 359 27.83 12.20 -34.37
C ARG B 359 26.40 12.67 -34.65
N ALA B 360 25.90 13.65 -33.88
CA ALA B 360 24.51 14.14 -33.97
C ALA B 360 24.47 15.66 -33.73
N ILE B 361 23.58 16.34 -34.46
CA ILE B 361 23.17 17.76 -34.22
C ILE B 361 21.86 17.73 -33.43
N ALA B 362 21.82 18.36 -32.27
CA ALA B 362 20.62 18.52 -31.42
C ALA B 362 20.17 19.98 -31.44
N LEU B 363 18.91 20.22 -31.83
CA LEU B 363 18.28 21.57 -31.88
C LEU B 363 17.41 21.75 -30.62
N ASP B 364 17.70 22.78 -29.81
CA ASP B 364 16.89 23.18 -28.63
C ASP B 364 15.98 24.34 -29.05
N HIS B 365 14.73 24.04 -29.38
CA HIS B 365 13.75 24.99 -29.94
C HIS B 365 13.28 25.97 -28.85
N GLN B 366 13.40 25.59 -27.58
CA GLN B 366 12.99 26.42 -26.41
C GLN B 366 14.03 27.51 -26.16
N GLU B 367 15.29 27.14 -25.91
CA GLU B 367 16.39 28.07 -25.52
C GLU B 367 17.05 28.68 -26.75
N GLY B 368 16.76 28.16 -27.95
CA GLY B 368 17.25 28.71 -29.23
C GLY B 368 18.75 28.54 -29.39
N CYS B 369 19.27 27.34 -29.11
CA CYS B 369 20.70 26.96 -29.29
C CYS B 369 20.79 25.54 -29.85
N CYS B 370 21.97 25.18 -30.37
CA CYS B 370 22.31 23.83 -30.91
C CYS B 370 23.36 23.17 -30.01
N TYR B 371 23.20 21.86 -29.74
CA TYR B 371 24.19 21.00 -29.06
C TYR B 371 24.76 20.01 -30.08
N LEU B 372 26.08 19.87 -30.11
CA LEU B 372 26.81 18.93 -31.00
C LEU B 372 27.44 17.83 -30.14
N LEU B 373 27.03 16.58 -30.33
CA LEU B 373 27.58 15.38 -29.65
C LEU B 373 28.43 14.60 -30.67
N ALA B 374 29.67 14.27 -30.29
CA ALA B 374 30.64 13.50 -31.11
C ALA B 374 31.34 12.46 -30.23
N LEU B 375 31.57 11.27 -30.77
CA LEU B 375 32.05 10.07 -30.02
C LEU B 375 33.45 9.68 -30.52
N ASP B 376 34.41 9.62 -29.60
CA ASP B 376 35.75 8.97 -29.78
C ASP B 376 35.73 7.62 -29.07
N ARG B 377 36.65 6.72 -29.39
CA ARG B 377 36.92 5.49 -28.59
C ARG B 377 37.94 5.85 -27.51
N ARG B 378 37.66 5.46 -26.27
CA ARG B 378 38.41 5.83 -25.03
C ARG B 378 39.92 5.86 -25.32
N GLY B 379 40.43 4.87 -26.04
CA GLY B 379 41.86 4.68 -26.34
C GLY B 379 42.41 5.73 -27.31
N HIS B 380 41.63 6.11 -28.33
CA HIS B 380 42.09 6.89 -29.51
C HIS B 380 41.50 8.31 -29.50
N ASP B 381 41.77 9.08 -30.56
CA ASP B 381 41.14 10.39 -30.89
C ASP B 381 40.87 10.41 -32.41
N ASP B 382 39.59 10.24 -32.80
CA ASP B 382 39.15 9.97 -34.19
C ASP B 382 38.54 11.22 -34.82
N GLY B 383 39.05 12.41 -34.48
CA GLY B 383 38.62 13.69 -35.05
C GLY B 383 37.20 14.07 -34.65
N ALA B 384 36.77 13.68 -33.44
CA ALA B 384 35.47 14.05 -32.85
C ALA B 384 35.50 15.52 -32.43
N ARG B 385 36.55 15.92 -31.72
CA ARG B 385 36.82 17.33 -31.28
C ARG B 385 36.86 18.23 -32.52
N ALA B 386 37.44 17.74 -33.61
CA ALA B 386 37.57 18.44 -34.92
C ALA B 386 36.17 18.63 -35.55
N TRP B 387 35.35 17.57 -35.56
CA TRP B 387 34.00 17.57 -36.20
C TRP B 387 33.10 18.60 -35.50
N LEU B 388 33.17 18.70 -34.17
CA LEU B 388 32.39 19.67 -33.35
C LEU B 388 32.70 21.10 -33.84
N ARG B 389 33.98 21.49 -33.83
CA ARG B 389 34.46 22.84 -34.20
C ARG B 389 34.01 23.18 -35.63
N GLU B 390 34.12 22.22 -36.55
CA GLU B 390 33.84 22.42 -38.00
C GLU B 390 32.33 22.66 -38.21
N THR B 391 31.48 21.78 -37.66
CA THR B 391 30.00 21.81 -37.85
C THR B 391 29.40 22.96 -37.04
N ALA B 392 30.06 23.40 -35.97
CA ALA B 392 29.69 24.59 -35.17
C ALA B 392 29.75 25.84 -36.05
N GLU B 393 30.81 25.96 -36.88
CA GLU B 393 31.00 27.07 -37.85
C GLU B 393 29.96 26.96 -38.98
N THR B 394 29.64 25.74 -39.41
CA THR B 394 28.65 25.44 -40.48
C THR B 394 27.24 25.88 -40.04
N LEU B 395 26.85 25.54 -38.79
CA LEU B 395 25.52 25.86 -38.22
C LEU B 395 25.38 27.37 -38.02
N THR B 396 26.45 28.05 -37.59
CA THR B 396 26.49 29.52 -37.38
C THR B 396 26.31 30.22 -38.74
N GLY B 397 26.83 29.62 -39.82
CA GLY B 397 26.66 30.11 -41.20
C GLY B 397 25.22 29.98 -41.68
N LEU B 398 24.56 28.86 -41.36
CA LEU B 398 23.17 28.55 -41.78
C LEU B 398 22.17 29.44 -41.03
N ALA B 399 22.43 29.70 -39.74
CA ALA B 399 21.57 30.52 -38.84
C ALA B 399 21.44 31.95 -39.38
N VAL B 400 22.43 32.44 -40.13
CA VAL B 400 22.41 33.79 -40.79
C VAL B 400 21.54 33.71 -42.05
N ARG B 401 21.65 32.60 -42.81
CA ARG B 401 20.86 32.36 -44.05
C ARG B 401 19.39 32.11 -43.68
N ALA B 402 19.12 31.10 -42.85
CA ALA B 402 17.76 30.60 -42.51
C ALA B 402 17.63 30.39 -41.00
N PRO B 403 17.30 31.45 -40.23
CA PRO B 403 16.91 31.30 -38.82
C PRO B 403 15.43 30.91 -38.68
N GLY B 420 -10.46 9.72 -51.76
CA GLY B 420 -10.43 8.99 -50.48
C GLY B 420 -9.01 8.67 -50.05
N PHE B 421 -8.50 7.48 -50.42
CA PHE B 421 -7.11 7.02 -50.17
C PHE B 421 -6.16 7.58 -51.23
N GLY B 422 -6.71 8.12 -52.32
CA GLY B 422 -5.94 8.75 -53.41
C GLY B 422 -6.43 8.30 -54.79
N PRO B 423 -6.01 9.00 -55.88
CA PRO B 423 -6.50 8.68 -57.23
C PRO B 423 -5.90 7.39 -57.83
N LEU B 424 -4.63 7.09 -57.53
CA LEU B 424 -3.91 5.87 -58.01
C LEU B 424 -3.54 4.97 -56.82
N ALA B 425 -4.12 5.23 -55.63
CA ALA B 425 -3.86 4.48 -54.38
C ALA B 425 -4.65 3.15 -54.42
N ARG B 426 -4.09 2.11 -53.81
CA ARG B 426 -4.68 0.74 -53.77
C ARG B 426 -4.55 0.16 -52.37
N ALA B 427 -5.67 -0.01 -51.68
CA ALA B 427 -5.77 -0.66 -50.34
C ALA B 427 -5.70 -2.18 -50.53
N ARG B 428 -5.04 -2.86 -49.59
CA ARG B 428 -4.95 -4.35 -49.53
C ARG B 428 -6.37 -4.91 -49.47
N HIS B 429 -7.20 -4.35 -48.60
CA HIS B 429 -8.66 -4.63 -48.50
C HIS B 429 -9.43 -3.41 -49.00
N ASP B 430 -10.25 -3.58 -50.05
CA ASP B 430 -11.23 -2.55 -50.51
C ASP B 430 -12.33 -2.46 -49.45
N LYS B 431 -13.27 -1.53 -49.62
CA LYS B 431 -14.35 -1.25 -48.64
C LYS B 431 -15.05 -2.56 -48.28
N ASP B 432 -15.66 -3.22 -49.27
CA ASP B 432 -16.48 -4.46 -49.08
C ASP B 432 -15.67 -5.49 -48.27
N ALA B 433 -14.38 -5.66 -48.57
CA ALA B 433 -13.46 -6.60 -47.89
C ALA B 433 -13.25 -6.16 -46.42
N TYR B 434 -13.00 -4.86 -46.20
CA TYR B 434 -12.67 -4.31 -44.86
C TYR B 434 -13.88 -4.39 -43.93
N LEU B 435 -15.10 -4.17 -44.47
CA LEU B 435 -16.37 -4.26 -43.71
C LEU B 435 -16.55 -5.67 -43.14
N LYS B 436 -16.19 -6.71 -43.93
CA LYS B 436 -16.33 -8.13 -43.51
C LYS B 436 -15.26 -8.48 -42.48
N ARG B 437 -14.09 -7.84 -42.52
CA ARG B 437 -13.01 -8.04 -41.51
C ARG B 437 -13.45 -7.42 -40.18
N ILE B 438 -14.27 -6.36 -40.21
CA ILE B 438 -14.91 -5.76 -39.01
C ILE B 438 -15.99 -6.70 -38.50
N ASP B 439 -16.86 -7.20 -39.39
CA ASP B 439 -17.88 -8.23 -39.06
C ASP B 439 -17.19 -9.36 -38.30
N GLU B 440 -16.08 -9.88 -38.84
CA GLU B 440 -15.27 -10.97 -38.24
C GLU B 440 -14.73 -10.53 -36.87
N CYS B 441 -14.24 -9.29 -36.76
CA CYS B 441 -13.77 -8.68 -35.47
C CYS B 441 -14.90 -8.73 -34.44
N LEU B 442 -16.13 -8.39 -34.85
CA LEU B 442 -17.34 -8.39 -33.98
C LEU B 442 -17.67 -9.80 -33.50
N LYS B 443 -17.48 -10.82 -34.36
CA LYS B 443 -17.73 -12.25 -34.00
C LYS B 443 -16.81 -12.64 -32.84
N GLU B 444 -15.52 -12.31 -32.95
CA GLU B 444 -14.47 -12.64 -31.94
C GLU B 444 -14.83 -12.00 -30.60
N ILE B 445 -15.35 -10.75 -30.64
CA ILE B 445 -15.70 -9.94 -29.44
C ILE B 445 -16.94 -10.53 -28.76
N ARG B 446 -17.91 -11.03 -29.53
CA ARG B 446 -19.15 -11.66 -29.00
C ARG B 446 -18.82 -13.02 -28.38
N ASN B 447 -17.77 -13.70 -28.88
CA ASN B 447 -17.28 -15.01 -28.36
C ASN B 447 -16.21 -14.79 -27.28
N GLY B 448 -15.96 -13.53 -26.89
CA GLY B 448 -15.09 -13.16 -25.75
C GLY B 448 -13.63 -13.49 -25.96
N GLU B 449 -13.18 -13.56 -27.22
CA GLU B 449 -11.75 -13.83 -27.58
C GLU B 449 -10.95 -12.53 -27.44
N SER B 450 -11.57 -11.38 -27.70
CA SER B 450 -10.97 -10.03 -27.59
C SER B 450 -12.02 -9.02 -27.12
N TYR B 451 -11.59 -8.00 -26.38
CA TYR B 451 -12.42 -6.87 -25.86
C TYR B 451 -12.32 -5.68 -26.82
N GLU B 452 -11.18 -5.57 -27.53
CA GLU B 452 -10.89 -4.49 -28.50
C GLU B 452 -9.86 -5.00 -29.51
N ILE B 453 -10.17 -4.91 -30.80
CA ILE B 453 -9.25 -5.29 -31.92
C ILE B 453 -8.90 -4.00 -32.68
N CYS B 454 -7.61 -3.69 -32.79
CA CYS B 454 -7.10 -2.58 -33.64
C CYS B 454 -6.90 -3.11 -35.06
N LEU B 455 -7.99 -3.20 -35.82
CA LEU B 455 -7.97 -3.66 -37.24
C LEU B 455 -7.42 -2.54 -38.11
N THR B 456 -6.37 -2.82 -38.88
CA THR B 456 -5.67 -1.85 -39.76
C THR B 456 -5.73 -2.33 -41.21
N ASN B 457 -5.59 -1.39 -42.15
CA ASN B 457 -5.46 -1.61 -43.60
C ASN B 457 -4.09 -1.07 -44.05
N MET B 458 -3.54 -1.59 -45.13
CA MET B 458 -2.29 -1.10 -45.76
C MET B 458 -2.61 -0.55 -47.16
N VAL B 459 -2.30 0.72 -47.40
CA VAL B 459 -2.54 1.43 -48.69
C VAL B 459 -1.18 1.59 -49.40
N THR B 460 -1.14 1.26 -50.69
CA THR B 460 0.05 1.38 -51.58
C THR B 460 -0.32 2.26 -52.77
N ALA B 461 0.53 3.24 -53.10
CA ALA B 461 0.35 4.17 -54.23
C ALA B 461 1.70 4.43 -54.89
N PRO B 462 1.80 4.44 -56.24
CA PRO B 462 3.02 4.86 -56.92
C PRO B 462 3.20 6.37 -56.77
N THR B 463 4.46 6.83 -56.75
CA THR B 463 4.85 8.26 -56.60
C THR B 463 6.18 8.50 -57.30
N GLU B 464 6.28 9.63 -58.02
CA GLU B 464 7.53 10.12 -58.66
C GLU B 464 8.10 11.26 -57.79
N ALA B 465 8.05 11.09 -56.47
CA ALA B 465 8.50 12.07 -55.46
C ALA B 465 9.59 11.43 -54.59
N THR B 466 10.61 12.22 -54.22
CA THR B 466 11.75 11.80 -53.37
C THR B 466 11.42 12.09 -51.90
N ALA B 467 12.22 11.53 -50.98
CA ALA B 467 11.98 11.51 -49.52
C ALA B 467 11.86 12.94 -48.97
N LEU B 468 12.86 13.79 -49.22
CA LEU B 468 13.01 15.12 -48.58
C LEU B 468 11.87 16.06 -49.01
N PRO B 469 11.60 16.24 -50.33
CA PRO B 469 10.48 17.08 -50.77
C PRO B 469 9.11 16.64 -50.21
N LEU B 470 8.84 15.33 -50.17
CA LEU B 470 7.55 14.76 -49.70
C LEU B 470 7.40 14.99 -48.19
N TYR B 471 8.47 14.78 -47.42
CA TYR B 471 8.50 15.02 -45.96
C TYR B 471 8.33 16.52 -45.66
N SER B 472 8.91 17.38 -46.52
CA SER B 472 8.80 18.86 -46.42
C SER B 472 7.31 19.25 -46.42
N ALA B 473 6.53 18.67 -47.34
CA ALA B 473 5.07 18.86 -47.47
C ALA B 473 4.36 18.25 -46.25
N LEU B 474 4.76 17.04 -45.85
CA LEU B 474 4.13 16.26 -44.74
C LEU B 474 4.25 17.03 -43.41
N ARG B 475 5.43 17.58 -43.11
CA ARG B 475 5.72 18.26 -41.82
C ARG B 475 5.02 19.63 -41.79
N ALA B 476 4.81 20.27 -42.95
CA ALA B 476 4.06 21.53 -43.09
C ALA B 476 2.55 21.27 -42.92
N ILE B 477 2.05 20.15 -43.47
CA ILE B 477 0.62 19.74 -43.42
C ILE B 477 0.23 19.33 -42.00
N SER B 478 1.11 18.60 -41.29
CA SER B 478 0.80 17.97 -39.98
C SER B 478 1.98 18.11 -39.01
N PRO B 479 2.25 19.32 -38.48
CA PRO B 479 3.23 19.49 -37.40
C PRO B 479 2.87 18.62 -36.18
N VAL B 480 3.83 17.83 -35.70
CA VAL B 480 3.63 16.83 -34.60
C VAL B 480 4.88 16.82 -33.72
N PRO B 481 4.77 16.39 -32.44
CA PRO B 481 5.94 16.24 -31.57
C PRO B 481 6.94 15.14 -31.98
N TYR B 482 6.48 14.09 -32.68
CA TYR B 482 7.29 12.88 -32.97
C TYR B 482 7.42 12.65 -34.48
N GLY B 483 7.54 13.74 -35.25
CA GLY B 483 7.87 13.69 -36.69
C GLY B 483 9.24 13.08 -36.90
N ALA B 484 9.44 12.35 -37.99
CA ALA B 484 10.73 11.68 -38.29
C ALA B 484 10.90 11.47 -39.79
N LEU B 485 12.09 11.78 -40.30
CA LEU B 485 12.57 11.36 -41.64
C LEU B 485 13.81 10.48 -41.45
N LEU B 486 13.65 9.17 -41.64
CA LEU B 486 14.75 8.17 -41.69
C LEU B 486 14.99 7.80 -43.15
N GLU B 487 16.16 8.15 -43.69
CA GLU B 487 16.58 7.81 -45.08
C GLU B 487 17.62 6.69 -45.01
N PHE B 488 17.16 5.44 -45.02
CA PHE B 488 18.00 4.22 -44.97
C PHE B 488 18.12 3.63 -46.38
N PRO B 489 19.10 2.73 -46.63
CA PRO B 489 19.28 2.12 -47.95
C PRO B 489 18.02 1.42 -48.50
N GLU B 490 17.36 0.63 -47.66
CA GLU B 490 16.24 -0.28 -48.06
C GLU B 490 14.92 0.50 -48.19
N LEU B 491 14.76 1.59 -47.43
CA LEU B 491 13.49 2.36 -47.34
C LEU B 491 13.75 3.76 -46.77
N SER B 492 12.84 4.69 -47.07
CA SER B 492 12.69 6.00 -46.38
C SER B 492 11.39 5.98 -45.57
N VAL B 493 11.45 6.46 -44.32
CA VAL B 493 10.30 6.50 -43.37
C VAL B 493 9.95 7.97 -43.08
N LEU B 494 8.76 8.41 -43.51
CA LEU B 494 8.24 9.78 -43.34
C LEU B 494 7.12 9.75 -42.28
N SER B 495 7.47 9.94 -41.01
CA SER B 495 6.55 9.85 -39.84
C SER B 495 5.98 11.23 -39.51
N ALA B 496 4.66 11.31 -39.36
CA ALA B 496 3.92 12.46 -38.79
C ALA B 496 3.19 11.99 -37.54
N SER B 497 3.82 11.11 -36.76
CA SER B 497 3.25 10.51 -35.53
C SER B 497 3.24 11.55 -34.42
N PRO B 498 2.09 11.75 -33.71
CA PRO B 498 2.04 12.54 -32.49
C PRO B 498 2.16 11.70 -31.21
N GLU B 499 2.21 10.35 -31.35
CA GLU B 499 1.98 9.40 -30.25
C GLU B 499 3.30 8.98 -29.60
N ARG B 500 3.39 9.11 -28.28
CA ARG B 500 4.51 8.60 -27.43
C ARG B 500 4.19 7.16 -27.02
N PHE B 501 5.03 6.21 -27.45
CA PHE B 501 4.98 4.78 -27.05
C PHE B 501 5.62 4.63 -25.66
N LEU B 502 6.93 4.86 -25.57
CA LEU B 502 7.73 4.78 -24.32
C LEU B 502 8.77 5.89 -24.30
N THR B 503 8.71 6.78 -23.30
CA THR B 503 9.80 7.70 -22.92
C THR B 503 10.41 7.16 -21.62
N ILE B 504 11.65 6.69 -21.68
CA ILE B 504 12.37 6.05 -20.54
C ILE B 504 13.59 6.91 -20.22
N GLY B 505 13.64 7.50 -19.03
CA GLY B 505 14.82 8.25 -18.54
C GLY B 505 15.95 7.31 -18.14
N ALA B 506 17.15 7.85 -17.95
CA ALA B 506 18.34 7.13 -17.43
C ALA B 506 18.07 6.71 -15.98
N ASP B 507 17.21 7.45 -15.28
CA ASP B 507 16.82 7.21 -13.87
C ASP B 507 15.83 6.02 -13.79
N GLY B 508 15.44 5.45 -14.93
CA GLY B 508 14.56 4.28 -15.01
C GLY B 508 13.09 4.67 -14.91
N GLY B 509 12.78 5.96 -15.06
CA GLY B 509 11.39 6.47 -15.13
C GLY B 509 10.79 6.21 -16.50
N VAL B 510 9.64 5.56 -16.56
CA VAL B 510 8.93 5.16 -17.82
C VAL B 510 7.66 5.99 -17.93
N GLU B 511 7.37 6.52 -19.12
CA GLU B 511 6.06 7.13 -19.47
C GLU B 511 5.57 6.58 -20.82
N SER B 512 4.29 6.24 -20.91
CA SER B 512 3.58 5.86 -22.15
C SER B 512 2.31 6.70 -22.29
N LYS B 513 2.05 7.25 -23.48
CA LYS B 513 0.84 8.09 -23.77
C LYS B 513 0.03 7.44 -24.88
N PRO B 514 -0.65 6.29 -24.61
CA PRO B 514 -1.47 5.63 -25.62
C PRO B 514 -2.62 6.51 -26.13
N ILE B 515 -2.71 6.65 -27.45
CA ILE B 515 -3.81 7.37 -28.17
C ILE B 515 -4.82 6.31 -28.63
N LYS B 516 -6.10 6.55 -28.37
CA LYS B 516 -7.23 5.72 -28.85
C LYS B 516 -8.52 6.51 -28.64
N GLY B 517 -9.33 6.65 -29.70
CA GLY B 517 -10.45 7.60 -29.79
C GLY B 517 -10.04 8.78 -30.66
N THR B 518 -10.62 8.87 -31.86
CA THR B 518 -10.25 9.85 -32.91
C THR B 518 -11.51 10.57 -33.38
N ARG B 519 -11.35 11.82 -33.83
CA ARG B 519 -12.40 12.59 -34.55
C ARG B 519 -11.72 13.54 -35.53
N PRO B 520 -12.35 13.82 -36.69
CA PRO B 520 -11.78 14.78 -37.64
C PRO B 520 -11.83 16.20 -37.07
N ARG B 521 -11.11 17.13 -37.69
CA ARG B 521 -11.23 18.59 -37.43
C ARG B 521 -12.54 19.08 -38.07
N GLY B 522 -13.03 20.25 -37.65
CA GLY B 522 -14.19 20.92 -38.25
C GLY B 522 -13.77 22.13 -39.06
N GLY B 523 -14.68 22.66 -39.89
CA GLY B 523 -14.45 23.86 -40.72
C GLY B 523 -14.13 25.08 -39.86
N THR B 524 -14.98 25.38 -38.88
CA THR B 524 -14.88 26.57 -37.99
C THR B 524 -14.25 26.16 -36.64
N ALA B 525 -13.83 27.15 -35.86
CA ALA B 525 -13.28 26.98 -34.49
C ALA B 525 -14.37 26.43 -33.56
N GLU B 526 -15.63 26.82 -33.80
CA GLU B 526 -16.82 26.40 -33.02
C GLU B 526 -17.12 24.93 -33.27
N GLU B 527 -16.80 24.44 -34.48
CA GLU B 527 -17.00 23.03 -34.90
C GLU B 527 -15.97 22.14 -34.19
N ASP B 528 -14.75 22.64 -33.98
CA ASP B 528 -13.65 21.93 -33.28
C ASP B 528 -14.02 21.73 -31.81
N GLU B 529 -14.52 22.77 -31.14
CA GLU B 529 -14.94 22.75 -29.72
C GLU B 529 -16.00 21.66 -29.51
N ARG B 530 -16.95 21.53 -30.45
CA ARG B 530 -18.01 20.48 -30.42
C ARG B 530 -17.36 19.10 -30.49
N LEU B 531 -16.40 18.91 -31.40
CA LEU B 531 -15.79 17.59 -31.71
C LEU B 531 -14.85 17.15 -30.60
N ARG B 532 -14.09 18.09 -29.99
CA ARG B 532 -13.19 17.77 -28.85
C ARG B 532 -14.04 17.54 -27.58
N ALA B 533 -15.17 18.24 -27.45
CA ALA B 533 -16.18 18.00 -26.38
C ALA B 533 -16.82 16.63 -26.57
N ASP B 534 -17.19 16.28 -27.81
CA ASP B 534 -17.84 14.99 -28.17
C ASP B 534 -16.88 13.82 -27.92
N LEU B 535 -15.59 13.97 -28.24
CA LEU B 535 -14.56 12.90 -28.13
C LEU B 535 -14.35 12.54 -26.65
N ALA B 536 -14.33 13.54 -25.76
CA ALA B 536 -14.10 13.40 -24.31
C ALA B 536 -15.33 12.77 -23.63
N GLY B 537 -16.52 12.90 -24.24
CA GLY B 537 -17.82 12.58 -23.61
C GLY B 537 -18.33 11.19 -23.94
N ARG B 538 -18.18 10.74 -25.20
CA ARG B 538 -18.78 9.47 -25.72
C ARG B 538 -18.25 8.28 -24.91
N GLU B 539 -19.15 7.40 -24.47
CA GLU B 539 -18.84 6.15 -23.74
C GLU B 539 -17.97 5.22 -24.60
N LYS B 540 -18.25 5.16 -25.90
CA LYS B 540 -17.54 4.27 -26.87
C LYS B 540 -16.04 4.61 -26.86
N ASP B 541 -15.71 5.89 -27.05
CA ASP B 541 -14.31 6.39 -27.14
C ASP B 541 -13.59 6.21 -25.80
N ARG B 542 -14.27 6.52 -24.69
CA ARG B 542 -13.73 6.35 -23.31
C ARG B 542 -13.38 4.88 -23.06
N ALA B 543 -14.24 3.96 -23.50
CA ALA B 543 -14.04 2.49 -23.40
C ALA B 543 -12.84 2.07 -24.24
N GLU B 544 -12.83 2.45 -25.53
CA GLU B 544 -11.71 2.21 -26.48
C GLU B 544 -10.38 2.56 -25.79
N ASN B 545 -10.33 3.69 -25.09
CA ASN B 545 -9.10 4.26 -24.48
C ASN B 545 -8.77 3.53 -23.17
N LEU B 546 -9.77 3.33 -22.30
CA LEU B 546 -9.59 2.74 -20.94
C LEU B 546 -8.96 1.34 -21.05
N MET B 547 -9.47 0.50 -21.95
CA MET B 547 -9.02 -0.90 -22.14
C MET B 547 -7.53 -0.91 -22.52
N ILE B 548 -7.08 0.07 -23.29
CA ILE B 548 -5.65 0.22 -23.70
C ILE B 548 -4.84 0.69 -22.48
N VAL B 549 -5.42 1.53 -21.62
CA VAL B 549 -4.75 2.02 -20.37
C VAL B 549 -4.51 0.82 -19.45
N ASP B 550 -5.50 -0.06 -19.32
CA ASP B 550 -5.41 -1.30 -18.48
C ASP B 550 -4.35 -2.23 -19.09
N LEU B 551 -4.30 -2.31 -20.43
CA LEU B 551 -3.37 -3.18 -21.18
C LEU B 551 -1.93 -2.72 -20.95
N VAL B 552 -1.67 -1.41 -21.11
CA VAL B 552 -0.31 -0.79 -21.01
C VAL B 552 0.15 -0.81 -19.54
N ARG B 553 -0.77 -0.56 -18.60
CA ARG B 553 -0.51 -0.69 -17.13
C ARG B 553 0.03 -2.10 -16.85
N ASN B 554 -0.61 -3.11 -17.43
CA ASN B 554 -0.28 -4.55 -17.26
C ASN B 554 1.14 -4.80 -17.82
N ASP B 555 1.44 -4.28 -19.01
CA ASP B 555 2.76 -4.37 -19.68
C ASP B 555 3.83 -3.73 -18.78
N LEU B 556 3.60 -2.51 -18.30
CA LEU B 556 4.57 -1.75 -17.47
C LEU B 556 4.76 -2.43 -16.11
N ASN B 557 3.71 -3.04 -15.54
CA ASN B 557 3.73 -3.70 -14.21
C ASN B 557 4.61 -4.95 -14.22
N SER B 558 4.74 -5.62 -15.37
CA SER B 558 5.59 -6.83 -15.54
C SER B 558 7.07 -6.48 -15.38
N VAL B 559 7.46 -5.21 -15.63
CA VAL B 559 8.88 -4.76 -15.60
C VAL B 559 9.09 -3.65 -14.55
N CYS B 560 8.02 -3.09 -13.97
CA CYS B 560 8.09 -1.91 -13.06
C CYS B 560 7.93 -2.31 -11.60
N ALA B 561 8.49 -1.49 -10.70
CA ALA B 561 8.39 -1.61 -9.22
C ALA B 561 6.91 -1.59 -8.82
N ILE B 562 6.53 -2.44 -7.87
CA ILE B 562 5.15 -2.49 -7.27
C ILE B 562 4.85 -1.12 -6.66
N GLY B 563 3.74 -0.50 -7.07
CA GLY B 563 3.27 0.79 -6.55
C GLY B 563 3.67 1.96 -7.46
N SER B 564 4.64 1.75 -8.35
CA SER B 564 5.22 2.82 -9.22
C SER B 564 4.27 3.15 -10.36
N VAL B 565 3.51 2.16 -10.86
CA VAL B 565 2.60 2.32 -12.03
C VAL B 565 1.35 3.09 -11.60
N HIS B 566 1.06 4.19 -12.28
CA HIS B 566 -0.13 5.06 -12.02
C HIS B 566 -0.52 5.76 -13.33
N VAL B 567 -1.75 6.30 -13.38
CA VAL B 567 -2.29 7.09 -14.52
C VAL B 567 -2.49 8.53 -14.06
N PRO B 568 -1.48 9.41 -14.19
CA PRO B 568 -1.63 10.81 -13.78
C PRO B 568 -2.68 11.60 -14.59
N ARG B 569 -2.86 11.25 -15.88
CA ARG B 569 -3.85 11.91 -16.78
C ARG B 569 -4.64 10.82 -17.53
N LEU B 570 -5.97 10.97 -17.56
CA LEU B 570 -6.92 10.01 -18.20
C LEU B 570 -7.91 10.79 -19.08
N PHE B 571 -8.03 10.40 -20.35
CA PHE B 571 -8.98 10.96 -21.35
C PHE B 571 -8.76 12.46 -21.57
N GLU B 572 -7.50 12.86 -21.77
N GLU B 572 -7.50 12.86 -21.77
CA GLU B 572 -7.13 14.24 -22.19
CA GLU B 572 -7.09 14.22 -22.21
C GLU B 572 -7.18 14.32 -23.72
C GLU B 572 -7.22 14.29 -23.74
N VAL B 573 -7.79 15.38 -24.26
CA VAL B 573 -7.95 15.60 -25.73
C VAL B 573 -6.81 16.50 -26.22
N GLU B 574 -6.00 15.99 -27.15
CA GLU B 574 -4.94 16.73 -27.88
C GLU B 574 -5.42 16.99 -29.31
N THR B 575 -5.10 18.17 -29.86
CA THR B 575 -5.51 18.64 -31.22
C THR B 575 -4.27 18.79 -32.10
N TYR B 576 -4.28 18.15 -33.27
CA TYR B 576 -3.27 18.30 -34.35
C TYR B 576 -4.01 18.61 -35.66
N ALA B 577 -3.26 18.91 -36.72
CA ALA B 577 -3.78 19.33 -38.05
C ALA B 577 -4.83 18.35 -38.57
N PRO B 578 -4.58 17.01 -38.57
CA PRO B 578 -5.50 16.07 -39.23
C PRO B 578 -6.71 15.63 -38.39
N VAL B 579 -6.54 15.43 -37.07
CA VAL B 579 -7.60 14.88 -36.16
C VAL B 579 -7.43 15.42 -34.74
N HIS B 580 -8.50 15.30 -33.94
CA HIS B 580 -8.49 15.36 -32.44
C HIS B 580 -8.29 13.95 -31.90
N GLN B 581 -7.41 13.78 -30.92
CA GLN B 581 -7.04 12.46 -30.34
C GLN B 581 -7.32 12.45 -28.84
N LEU B 582 -7.99 11.40 -28.37
CA LEU B 582 -8.16 11.10 -26.92
C LEU B 582 -6.90 10.38 -26.43
N VAL B 583 -6.21 10.96 -25.45
CA VAL B 583 -4.87 10.52 -24.96
C VAL B 583 -4.92 10.36 -23.45
N SER B 584 -4.35 9.26 -22.94
CA SER B 584 -4.17 8.96 -21.49
C SER B 584 -2.69 8.74 -21.22
N THR B 585 -2.20 9.19 -20.06
CA THR B 585 -0.76 9.12 -19.67
C THR B 585 -0.60 8.05 -18.58
N ILE B 586 0.39 7.17 -18.75
CA ILE B 586 0.72 6.07 -17.79
C ILE B 586 2.19 6.19 -17.44
N ARG B 587 2.53 6.06 -16.16
CA ARG B 587 3.92 6.18 -15.64
C ARG B 587 4.25 4.97 -14.78
N GLY B 588 5.54 4.66 -14.67
CA GLY B 588 6.09 3.63 -13.78
C GLY B 588 7.58 3.86 -13.57
N ARG B 589 8.22 3.03 -12.75
CA ARG B 589 9.70 2.99 -12.61
C ARG B 589 10.15 1.54 -12.76
N LEU B 590 11.22 1.32 -13.51
CA LEU B 590 11.75 -0.03 -13.85
C LEU B 590 12.28 -0.70 -12.58
N ARG B 591 12.08 -2.01 -12.45
CA ARG B 591 12.68 -2.84 -11.37
C ARG B 591 14.19 -2.80 -11.52
N PRO B 592 14.97 -2.99 -10.44
CA PRO B 592 16.43 -3.10 -10.57
C PRO B 592 16.76 -4.42 -11.29
N GLY B 593 17.64 -4.35 -12.30
CA GLY B 593 18.03 -5.51 -13.14
C GLY B 593 17.11 -5.71 -14.32
N THR B 594 16.27 -4.71 -14.66
CA THR B 594 15.45 -4.66 -15.90
C THR B 594 16.05 -3.63 -16.85
N SER B 595 16.60 -4.07 -17.98
CA SER B 595 17.20 -3.21 -19.03
C SER B 595 16.11 -2.37 -19.71
N THR B 596 16.49 -1.26 -20.33
CA THR B 596 15.59 -0.40 -21.16
C THR B 596 15.01 -1.24 -22.29
N ALA B 597 15.84 -2.06 -22.94
CA ALA B 597 15.45 -2.96 -24.05
C ALA B 597 14.42 -3.99 -23.56
N ALA B 598 14.61 -4.51 -22.35
CA ALA B 598 13.70 -5.50 -21.71
C ALA B 598 12.31 -4.88 -21.51
N CYS B 599 12.25 -3.62 -21.10
CA CYS B 599 11.00 -2.85 -20.89
C CYS B 599 10.27 -2.66 -22.23
N VAL B 600 11.02 -2.30 -23.28
CA VAL B 600 10.47 -2.09 -24.65
C VAL B 600 9.93 -3.43 -25.18
N ARG B 601 10.68 -4.53 -24.99
CA ARG B 601 10.27 -5.90 -25.41
C ARG B 601 8.92 -6.25 -24.77
N ALA B 602 8.78 -6.02 -23.46
CA ALA B 602 7.59 -6.38 -22.65
C ALA B 602 6.35 -5.59 -23.10
N ALA B 603 6.53 -4.39 -23.67
CA ALA B 603 5.44 -3.47 -24.05
C ALA B 603 5.19 -3.49 -25.58
N PHE B 604 5.97 -4.26 -26.34
CA PHE B 604 5.96 -4.24 -27.84
C PHE B 604 5.28 -5.49 -28.38
N PRO B 605 4.38 -5.38 -29.39
CA PRO B 605 3.94 -4.10 -29.95
C PRO B 605 3.05 -3.30 -28.99
N GLY B 606 2.97 -1.99 -29.19
CA GLY B 606 2.14 -1.07 -28.39
C GLY B 606 0.70 -1.54 -28.31
N GLY B 607 0.11 -1.50 -27.11
CA GLY B 607 -1.29 -1.89 -26.86
C GLY B 607 -2.28 -1.04 -27.64
N SER B 608 -1.92 0.23 -27.89
CA SER B 608 -2.75 1.23 -28.62
C SER B 608 -2.90 0.83 -30.09
N MET B 609 -2.10 -0.13 -30.58
CA MET B 609 -2.11 -0.60 -31.99
C MET B 609 -2.45 -2.10 -32.08
N THR B 610 -2.74 -2.76 -30.96
CA THR B 610 -3.14 -4.19 -30.91
C THR B 610 -4.55 -4.30 -30.31
N GLY B 611 -4.66 -4.14 -28.98
CA GLY B 611 -5.90 -4.34 -28.21
C GLY B 611 -5.74 -5.42 -27.17
N ALA B 612 -6.78 -5.69 -26.38
CA ALA B 612 -6.75 -6.55 -25.17
C ALA B 612 -7.66 -7.76 -25.34
N PRO B 613 -7.21 -8.98 -24.97
CA PRO B 613 -5.85 -9.24 -24.53
C PRO B 613 -4.89 -9.29 -25.73
N LYS B 614 -3.65 -8.81 -25.57
CA LYS B 614 -2.69 -8.53 -26.67
C LYS B 614 -2.40 -9.83 -27.45
N LYS B 615 -2.09 -10.93 -26.75
CA LYS B 615 -1.62 -12.20 -27.39
C LYS B 615 -2.71 -12.73 -28.33
N ARG B 616 -3.94 -12.89 -27.84
CA ARG B 616 -5.08 -13.47 -28.59
C ARG B 616 -5.51 -12.51 -29.71
N THR B 617 -5.51 -11.20 -29.44
CA THR B 617 -5.93 -10.14 -30.40
C THR B 617 -4.93 -10.08 -31.57
N MET B 618 -3.63 -10.25 -31.30
CA MET B 618 -2.56 -10.25 -32.33
C MET B 618 -2.70 -11.46 -33.25
N GLU B 619 -3.27 -12.58 -32.75
CA GLU B 619 -3.58 -13.78 -33.58
C GLU B 619 -4.73 -13.47 -34.53
N ILE B 620 -5.76 -12.75 -34.05
CA ILE B 620 -6.94 -12.32 -34.86
C ILE B 620 -6.45 -11.38 -35.96
N ILE B 621 -5.60 -10.41 -35.60
CA ILE B 621 -4.96 -9.43 -36.54
C ILE B 621 -4.25 -10.22 -37.65
N ASP B 622 -3.38 -11.17 -37.27
CA ASP B 622 -2.64 -12.07 -38.19
C ASP B 622 -3.61 -12.68 -39.22
N ARG B 623 -4.72 -13.25 -38.75
CA ARG B 623 -5.72 -13.96 -39.58
C ARG B 623 -6.35 -13.00 -40.60
N LEU B 624 -6.86 -11.84 -40.14
CA LEU B 624 -7.79 -10.97 -40.88
C LEU B 624 -7.06 -9.97 -41.79
N GLU B 625 -5.82 -9.59 -41.45
CA GLU B 625 -5.05 -8.55 -42.19
C GLU B 625 -4.33 -9.17 -43.39
N GLU B 626 -4.05 -10.48 -43.35
CA GLU B 626 -3.52 -11.29 -44.48
C GLU B 626 -2.20 -10.71 -44.98
N GLY B 627 -1.33 -10.22 -44.09
CA GLY B 627 -0.02 -9.66 -44.46
C GLY B 627 0.60 -8.81 -43.36
N PRO B 628 1.85 -8.34 -43.56
CA PRO B 628 2.57 -7.59 -42.54
C PRO B 628 2.17 -6.10 -42.47
N ARG B 629 2.38 -5.49 -41.30
CA ARG B 629 2.25 -4.02 -41.09
C ARG B 629 3.58 -3.36 -41.45
N GLY B 630 4.70 -4.02 -41.17
CA GLY B 630 6.06 -3.52 -41.44
C GLY B 630 6.45 -2.45 -40.43
N VAL B 631 6.86 -1.27 -40.90
CA VAL B 631 7.30 -0.12 -40.06
C VAL B 631 6.07 0.38 -39.29
N TYR B 632 4.92 0.43 -39.96
CA TYR B 632 3.61 0.91 -39.42
C TYR B 632 3.21 0.09 -38.19
N SER B 633 2.68 0.77 -37.18
CA SER B 633 2.20 0.23 -35.87
C SER B 633 3.37 -0.34 -35.07
N GLY B 634 4.61 -0.14 -35.53
CA GLY B 634 5.85 -0.46 -34.78
C GLY B 634 6.21 0.70 -33.87
N ALA B 635 7.51 0.88 -33.60
CA ALA B 635 8.06 1.96 -32.74
C ALA B 635 9.26 2.62 -33.43
N LEU B 636 9.30 3.96 -33.44
CA LEU B 636 10.36 4.78 -34.09
C LEU B 636 10.93 5.77 -33.06
N GLY B 637 12.25 5.81 -32.89
CA GLY B 637 12.92 6.74 -31.95
C GLY B 637 14.37 6.34 -31.69
N TRP B 638 14.88 6.65 -30.48
CA TRP B 638 16.30 6.46 -30.12
C TRP B 638 16.46 5.64 -28.83
N PHE B 639 17.59 4.92 -28.73
CA PHE B 639 18.11 4.25 -27.50
C PHE B 639 19.46 4.88 -27.16
N ALA B 640 19.54 5.60 -26.03
CA ALA B 640 20.73 6.36 -25.60
C ALA B 640 21.73 5.43 -24.91
N LEU B 641 23.03 5.74 -25.03
CA LEU B 641 24.13 5.02 -24.34
C LEU B 641 23.97 5.16 -22.82
N SER B 642 23.30 6.22 -22.35
CA SER B 642 23.02 6.50 -20.92
C SER B 642 22.00 5.50 -20.35
N GLY B 643 21.27 4.79 -21.20
CA GLY B 643 20.23 3.82 -20.80
C GLY B 643 18.83 4.39 -21.00
N ALA B 644 18.73 5.64 -21.44
CA ALA B 644 17.45 6.32 -21.75
C ALA B 644 16.95 5.84 -23.12
N ALA B 645 15.69 6.16 -23.43
CA ALA B 645 15.04 5.87 -24.73
C ALA B 645 13.83 6.80 -24.90
N ASP B 646 13.53 7.19 -26.14
CA ASP B 646 12.30 7.92 -26.51
C ASP B 646 11.80 7.32 -27.84
N LEU B 647 10.64 6.66 -27.80
CA LEU B 647 10.08 5.90 -28.94
C LEU B 647 8.64 6.37 -29.19
N SER B 648 8.32 6.73 -30.44
CA SER B 648 6.95 7.02 -30.93
C SER B 648 6.31 5.71 -31.41
N ILE B 649 4.98 5.70 -31.52
CA ILE B 649 4.20 4.69 -32.29
C ILE B 649 4.23 5.13 -33.76
N VAL B 650 4.50 4.23 -34.69
CA VAL B 650 4.46 4.55 -36.15
C VAL B 650 3.00 4.57 -36.60
N ILE B 651 2.39 5.76 -36.57
CA ILE B 651 1.08 6.07 -37.23
C ILE B 651 1.27 7.35 -38.07
N ARG B 652 0.34 7.60 -38.99
CA ARG B 652 0.39 8.77 -39.92
C ARG B 652 1.78 8.81 -40.57
N THR B 653 2.25 7.66 -41.05
CA THR B 653 3.61 7.46 -41.60
C THR B 653 3.52 6.95 -43.05
N ILE B 654 4.29 7.55 -43.95
CA ILE B 654 4.52 7.07 -45.35
C ILE B 654 5.89 6.35 -45.37
N VAL B 655 5.92 5.12 -45.90
CA VAL B 655 7.17 4.36 -46.21
C VAL B 655 7.43 4.49 -47.71
N LEU B 656 8.60 4.97 -48.10
CA LEU B 656 9.06 5.07 -49.52
C LEU B 656 10.11 3.99 -49.78
N ALA B 657 9.85 3.13 -50.76
CA ALA B 657 10.74 2.02 -51.19
C ALA B 657 10.30 1.52 -52.57
N ASP B 658 11.24 1.36 -53.50
CA ASP B 658 11.01 0.81 -54.87
C ASP B 658 10.09 1.74 -55.66
N GLY B 659 10.15 3.05 -55.40
CA GLY B 659 9.40 4.10 -56.11
C GLY B 659 7.90 4.00 -55.89
N GLN B 660 7.47 3.57 -54.69
CA GLN B 660 6.04 3.53 -54.29
C GLN B 660 5.90 3.97 -52.82
N ALA B 661 4.80 4.65 -52.50
CA ALA B 661 4.44 5.10 -51.14
C ALA B 661 3.43 4.13 -50.53
N GLU B 662 3.65 3.71 -49.28
CA GLU B 662 2.71 2.86 -48.52
C GLU B 662 2.56 3.39 -47.10
N PHE B 663 1.33 3.40 -46.58
CA PHE B 663 0.95 3.95 -45.26
C PHE B 663 -0.17 3.11 -44.66
N GLY B 664 -0.09 2.85 -43.35
CA GLY B 664 -1.13 2.12 -42.61
C GLY B 664 -2.16 3.05 -42.00
N VAL B 665 -3.41 2.61 -41.94
CA VAL B 665 -4.52 3.28 -41.20
C VAL B 665 -5.38 2.18 -40.57
N GLY B 666 -5.99 2.49 -39.42
CA GLY B 666 -6.87 1.55 -38.69
C GLY B 666 -7.71 2.27 -37.65
N GLY B 667 -8.23 1.50 -36.68
CA GLY B 667 -9.06 2.02 -35.58
C GLY B 667 -9.49 0.90 -34.66
N ALA B 668 -9.94 1.25 -33.44
CA ALA B 668 -10.50 0.30 -32.45
C ALA B 668 -11.81 -0.27 -32.99
N ILE B 669 -11.93 -1.59 -32.97
CA ILE B 669 -13.23 -2.32 -33.15
C ILE B 669 -13.65 -2.85 -31.77
N VAL B 670 -14.85 -2.49 -31.33
CA VAL B 670 -15.45 -2.88 -30.03
C VAL B 670 -16.91 -3.29 -30.28
N SER B 671 -17.61 -3.81 -29.27
CA SER B 671 -19.00 -4.33 -29.38
C SER B 671 -19.92 -3.23 -29.93
N LEU B 672 -19.60 -1.96 -29.65
CA LEU B 672 -20.41 -0.77 -30.03
C LEU B 672 -20.04 -0.26 -31.43
N SER B 673 -19.09 -0.91 -32.12
CA SER B 673 -18.56 -0.47 -33.44
C SER B 673 -19.61 -0.66 -34.53
N ASP B 674 -19.89 0.40 -35.30
CA ASP B 674 -20.61 0.37 -36.60
C ASP B 674 -19.56 0.28 -37.72
N GLN B 675 -19.76 -0.64 -38.67
CA GLN B 675 -18.74 -1.01 -39.70
C GLN B 675 -18.42 0.19 -40.58
N GLU B 676 -19.44 0.78 -41.22
CA GLU B 676 -19.31 1.95 -42.14
C GLU B 676 -18.53 3.07 -41.43
N GLU B 677 -18.88 3.37 -40.18
CA GLU B 677 -18.24 4.45 -39.38
C GLU B 677 -16.76 4.12 -39.17
N GLU B 678 -16.44 2.87 -38.83
CA GLU B 678 -15.06 2.41 -38.52
C GLU B 678 -14.20 2.48 -39.80
N PHE B 679 -14.78 2.17 -40.95
CA PHE B 679 -14.08 2.25 -42.27
C PHE B 679 -13.77 3.72 -42.59
N THR B 680 -14.78 4.59 -42.50
CA THR B 680 -14.67 6.05 -42.76
C THR B 680 -13.59 6.65 -41.84
N GLU B 681 -13.47 6.16 -40.61
CA GLU B 681 -12.43 6.58 -39.63
C GLU B 681 -11.04 6.39 -40.24
N THR B 682 -10.80 5.27 -40.93
CA THR B 682 -9.50 4.91 -41.56
C THR B 682 -9.21 5.86 -42.74
N VAL B 683 -10.26 6.28 -43.46
CA VAL B 683 -10.16 7.25 -44.60
C VAL B 683 -9.80 8.63 -44.05
N VAL B 684 -10.38 9.02 -42.91
CA VAL B 684 -10.11 10.31 -42.21
C VAL B 684 -8.62 10.36 -41.83
N LYS B 685 -8.10 9.29 -41.23
CA LYS B 685 -6.71 9.21 -40.68
C LYS B 685 -5.67 9.18 -41.80
N ALA B 686 -6.10 9.05 -43.07
CA ALA B 686 -5.24 9.00 -44.27
C ALA B 686 -5.00 10.40 -44.84
N ARG B 687 -5.87 11.36 -44.52
CA ARG B 687 -5.93 12.73 -45.13
C ARG B 687 -4.53 13.34 -45.23
N ALA B 688 -3.75 13.31 -44.14
CA ALA B 688 -2.41 13.92 -44.02
C ALA B 688 -1.44 13.29 -45.03
N MET B 689 -1.44 11.96 -45.12
CA MET B 689 -0.57 11.19 -46.04
C MET B 689 -1.04 11.39 -47.49
N VAL B 690 -2.35 11.44 -47.71
CA VAL B 690 -2.98 11.57 -49.06
C VAL B 690 -2.74 12.97 -49.62
N THR B 691 -2.89 14.01 -48.79
CA THR B 691 -2.70 15.44 -49.21
C THR B 691 -1.22 15.70 -49.53
N ALA B 692 -0.31 15.12 -48.74
CA ALA B 692 1.16 15.24 -48.91
C ALA B 692 1.60 14.53 -50.21
N LEU B 693 1.01 13.37 -50.51
CA LEU B 693 1.27 12.59 -51.75
C LEU B 693 0.68 13.33 -52.96
N ASP B 694 -0.45 14.02 -52.77
CA ASP B 694 -1.14 14.80 -53.83
C ASP B 694 -0.72 16.27 -53.71
N TRP C . -18.38 -5.24 28.75
CA TRP C . -18.05 -6.60 28.22
C TRP C . -19.13 -7.04 27.24
O TRP C . -19.00 -8.09 26.59
CB TRP C . -17.90 -7.60 29.37
CG TRP C . -17.09 -7.13 30.53
CD1 TRP C . -17.54 -6.45 31.62
CD2 TRP C . -15.67 -7.29 30.72
NE1 TRP C . -16.51 -6.17 32.47
CE2 TRP C . -15.35 -6.67 31.95
CE3 TRP C . -14.64 -7.89 29.98
CZ2 TRP C . -14.04 -6.63 32.45
CZ3 TRP C . -13.35 -7.84 30.46
CH2 TRP C . -13.07 -7.23 31.69
OXT TRP C . -20.16 -6.38 27.06
C1 MLT D . -4.90 6.86 35.25
O1 MLT D . -3.82 6.77 34.63
O2 MLT D . -5.08 6.55 36.44
C2 MLT D . -6.11 7.40 34.49
O3 MLT D . -7.26 6.80 35.05
C3 MLT D . -6.06 7.18 32.97
C4 MLT D . -4.90 7.86 32.24
O4 MLT D . -4.15 7.15 31.53
O5 MLT D . -4.76 9.10 32.34
MG MG E . -10.32 4.61 -8.70
N TRP F . 10.08 15.41 -29.60
CA TRP F . 11.32 14.81 -29.02
C TRP F . 11.92 15.78 -28.00
O TRP F . 12.74 15.41 -27.18
CB TRP F . 12.33 14.45 -30.11
CG TRP F . 11.72 13.75 -31.29
CD1 TRP F . 11.14 14.33 -32.37
CD2 TRP F . 11.61 12.32 -31.48
NE1 TRP F . 10.69 13.37 -33.23
CE2 TRP F . 10.95 12.13 -32.71
CE3 TRP F . 12.01 11.20 -30.74
CZ2 TRP F . 10.69 10.86 -33.22
CZ3 TRP F . 11.74 9.95 -31.23
CH2 TRP F . 11.09 9.78 -32.47
OXT TRP F . 11.57 16.97 -28.02
C1 SIN G . -5.50 4.14 -33.71
O1 SIN G . -4.63 4.20 -32.82
O2 SIN G . -6.71 4.35 -33.50
C2 SIN G . -5.07 3.77 -35.12
C3 SIN G . -3.85 4.52 -35.62
C4 SIN G . -3.96 5.02 -37.05
O3 SIN G . -3.82 6.24 -37.25
O4 SIN G . -4.18 4.18 -37.95
#